data_1LIS
# 
_entry.id   1LIS 
# 
_audit_conform.dict_name       mmcif_pdbx.dic 
_audit_conform.dict_version    5.386 
_audit_conform.dict_location   http://mmcif.pdb.org/dictionaries/ascii/mmcif_pdbx.dic 
# 
loop_
_database_2.database_id 
_database_2.database_code 
_database_2.pdbx_database_accession 
_database_2.pdbx_DOI 
PDB   1LIS         pdb_00001lis 10.2210/pdb1lis/pdb 
WWPDB D_1000174740 ?            ?                   
# 
loop_
_pdbx_audit_revision_history.ordinal 
_pdbx_audit_revision_history.data_content_type 
_pdbx_audit_revision_history.major_revision 
_pdbx_audit_revision_history.minor_revision 
_pdbx_audit_revision_history.revision_date 
1 'Structure model' 1 0 1993-10-31 
2 'Structure model' 1 1 2008-03-24 
3 'Structure model' 1 2 2011-07-13 
4 'Structure model' 1 3 2024-02-14 
# 
_pdbx_audit_revision_details.ordinal             1 
_pdbx_audit_revision_details.revision_ordinal    1 
_pdbx_audit_revision_details.data_content_type   'Structure model' 
_pdbx_audit_revision_details.provider            repository 
_pdbx_audit_revision_details.type                'Initial release' 
_pdbx_audit_revision_details.description         ? 
_pdbx_audit_revision_details.details             ? 
# 
loop_
_pdbx_audit_revision_group.ordinal 
_pdbx_audit_revision_group.revision_ordinal 
_pdbx_audit_revision_group.data_content_type 
_pdbx_audit_revision_group.group 
1 2 'Structure model' 'Version format compliance' 
2 3 'Structure model' 'Version format compliance' 
3 4 'Structure model' 'Data collection'           
4 4 'Structure model' 'Database references'       
5 4 'Structure model' Other                       
# 
loop_
_pdbx_audit_revision_category.ordinal 
_pdbx_audit_revision_category.revision_ordinal 
_pdbx_audit_revision_category.data_content_type 
_pdbx_audit_revision_category.category 
1 4 'Structure model' chem_comp_atom       
2 4 'Structure model' chem_comp_bond       
3 4 'Structure model' database_2           
4 4 'Structure model' pdbx_database_status 
# 
loop_
_pdbx_audit_revision_item.ordinal 
_pdbx_audit_revision_item.revision_ordinal 
_pdbx_audit_revision_item.data_content_type 
_pdbx_audit_revision_item.item 
1 4 'Structure model' '_database_2.pdbx_DOI'                
2 4 'Structure model' '_database_2.pdbx_database_accession' 
3 4 'Structure model' '_pdbx_database_status.process_site'  
# 
_pdbx_database_status.status_code                     REL 
_pdbx_database_status.entry_id                        1LIS 
_pdbx_database_status.recvd_initial_deposition_date   1993-06-29 
_pdbx_database_status.deposit_site                    ? 
_pdbx_database_status.process_site                    BNL 
_pdbx_database_status.SG_entry                        . 
_pdbx_database_status.pdb_format_compatible           Y 
_pdbx_database_status.status_code_mr                  ? 
_pdbx_database_status.status_code_sf                  ? 
_pdbx_database_status.status_code_cs                  ? 
_pdbx_database_status.status_code_nmr_data            ? 
_pdbx_database_status.methods_development_category    ? 
# 
loop_
_audit_author.name 
_audit_author.pdbx_ordinal 
'Shaw, A.'       1 
'Mcree, D.E.'    2 
'Vacquier, V.D.' 3 
'Stout, C.D.'    4 
# 
_citation.id                        primary 
_citation.title                     'The crystal structure of lysin, a fertilization protein.' 
_citation.journal_abbrev            Science 
_citation.journal_volume            262 
_citation.page_first                1864 
_citation.page_last                 1867 
_citation.year                      1993 
_citation.journal_id_ASTM           SCIEAS 
_citation.country                   US 
_citation.journal_id_ISSN           0036-8075 
_citation.journal_id_CSD            0038 
_citation.book_publisher            ? 
_citation.pdbx_database_id_PubMed   8266073 
_citation.pdbx_database_id_DOI      ? 
# 
loop_
_citation_author.citation_id 
_citation_author.name 
_citation_author.ordinal 
_citation_author.identifier_ORCID 
primary 'Shaw, A.'       1 ? 
primary 'McRee, D.E.'    2 ? 
primary 'Vacquier, V.D.' 3 ? 
primary 'Stout, C.D.'    4 ? 
# 
loop_
_entity.id 
_entity.type 
_entity.src_method 
_entity.pdbx_description 
_entity.formula_weight 
_entity.pdbx_number_of_molecules 
_entity.pdbx_ec 
_entity.pdbx_mutation 
_entity.pdbx_fragment 
_entity.details 
1 polymer man LYSIN 16295.218 1  ? ? ? ? 
2 water   nat water 18.015    84 ? ? ? ? 
# 
_entity_poly.entity_id                      1 
_entity_poly.type                           'polypeptide(L)' 
_entity_poly.nstd_linkage                   no 
_entity_poly.nstd_monomer                   no 
_entity_poly.pdbx_seq_one_letter_code       
;RSWHYVEPKFLNKAFEVALKVQIIAGFDRGLVKWLRVHGRTLSTVQKKALYFVNRRYMQTHWANYMLWINKKIDALGRTP
VVGDYTRLGAEIGRRIDMAYFYDFLKDKNMIPKYLPYMEEINRMRPADVPVKYMGK
;
_entity_poly.pdbx_seq_one_letter_code_can   
;RSWHYVEPKFLNKAFEVALKVQIIAGFDRGLVKWLRVHGRTLSTVQKKALYFVNRRYMQTHWANYMLWINKKIDALGRTP
VVGDYTRLGAEIGRRIDMAYFYDFLKDKNMIPKYLPYMEEINRMRPADVPVKYMGK
;
_entity_poly.pdbx_strand_id                 A 
_entity_poly.pdbx_target_identifier         ? 
# 
_pdbx_entity_nonpoly.entity_id   2 
_pdbx_entity_nonpoly.name        water 
_pdbx_entity_nonpoly.comp_id     HOH 
# 
loop_
_entity_poly_seq.entity_id 
_entity_poly_seq.num 
_entity_poly_seq.mon_id 
_entity_poly_seq.hetero 
1 1   ARG n 
1 2   SER n 
1 3   TRP n 
1 4   HIS n 
1 5   TYR n 
1 6   VAL n 
1 7   GLU n 
1 8   PRO n 
1 9   LYS n 
1 10  PHE n 
1 11  LEU n 
1 12  ASN n 
1 13  LYS n 
1 14  ALA n 
1 15  PHE n 
1 16  GLU n 
1 17  VAL n 
1 18  ALA n 
1 19  LEU n 
1 20  LYS n 
1 21  VAL n 
1 22  GLN n 
1 23  ILE n 
1 24  ILE n 
1 25  ALA n 
1 26  GLY n 
1 27  PHE n 
1 28  ASP n 
1 29  ARG n 
1 30  GLY n 
1 31  LEU n 
1 32  VAL n 
1 33  LYS n 
1 34  TRP n 
1 35  LEU n 
1 36  ARG n 
1 37  VAL n 
1 38  HIS n 
1 39  GLY n 
1 40  ARG n 
1 41  THR n 
1 42  LEU n 
1 43  SER n 
1 44  THR n 
1 45  VAL n 
1 46  GLN n 
1 47  LYS n 
1 48  LYS n 
1 49  ALA n 
1 50  LEU n 
1 51  TYR n 
1 52  PHE n 
1 53  VAL n 
1 54  ASN n 
1 55  ARG n 
1 56  ARG n 
1 57  TYR n 
1 58  MET n 
1 59  GLN n 
1 60  THR n 
1 61  HIS n 
1 62  TRP n 
1 63  ALA n 
1 64  ASN n 
1 65  TYR n 
1 66  MET n 
1 67  LEU n 
1 68  TRP n 
1 69  ILE n 
1 70  ASN n 
1 71  LYS n 
1 72  LYS n 
1 73  ILE n 
1 74  ASP n 
1 75  ALA n 
1 76  LEU n 
1 77  GLY n 
1 78  ARG n 
1 79  THR n 
1 80  PRO n 
1 81  VAL n 
1 82  VAL n 
1 83  GLY n 
1 84  ASP n 
1 85  TYR n 
1 86  THR n 
1 87  ARG n 
1 88  LEU n 
1 89  GLY n 
1 90  ALA n 
1 91  GLU n 
1 92  ILE n 
1 93  GLY n 
1 94  ARG n 
1 95  ARG n 
1 96  ILE n 
1 97  ASP n 
1 98  MET n 
1 99  ALA n 
1 100 TYR n 
1 101 PHE n 
1 102 TYR n 
1 103 ASP n 
1 104 PHE n 
1 105 LEU n 
1 106 LYS n 
1 107 ASP n 
1 108 LYS n 
1 109 ASN n 
1 110 MET n 
1 111 ILE n 
1 112 PRO n 
1 113 LYS n 
1 114 TYR n 
1 115 LEU n 
1 116 PRO n 
1 117 TYR n 
1 118 MET n 
1 119 GLU n 
1 120 GLU n 
1 121 ILE n 
1 122 ASN n 
1 123 ARG n 
1 124 MET n 
1 125 ARG n 
1 126 PRO n 
1 127 ALA n 
1 128 ASP n 
1 129 VAL n 
1 130 PRO n 
1 131 VAL n 
1 132 LYS n 
1 133 TYR n 
1 134 MET n 
1 135 GLY n 
1 136 LYS n 
# 
_entity_src_gen.entity_id                          1 
_entity_src_gen.pdbx_src_id                        1 
_entity_src_gen.pdbx_alt_source_flag               sample 
_entity_src_gen.pdbx_seq_type                      ? 
_entity_src_gen.pdbx_beg_seq_num                   ? 
_entity_src_gen.pdbx_end_seq_num                   ? 
_entity_src_gen.gene_src_common_name               'California red abalone' 
_entity_src_gen.gene_src_genus                     Haliotis 
_entity_src_gen.pdbx_gene_src_gene                 ? 
_entity_src_gen.gene_src_species                   ? 
_entity_src_gen.gene_src_strain                    ? 
_entity_src_gen.gene_src_tissue                    ? 
_entity_src_gen.gene_src_tissue_fraction           ? 
_entity_src_gen.gene_src_details                   ? 
_entity_src_gen.pdbx_gene_src_fragment             ? 
_entity_src_gen.pdbx_gene_src_scientific_name      'Haliotis rufescens' 
_entity_src_gen.pdbx_gene_src_ncbi_taxonomy_id     6454 
_entity_src_gen.pdbx_gene_src_variant              ? 
_entity_src_gen.pdbx_gene_src_cell_line            ? 
_entity_src_gen.pdbx_gene_src_atcc                 ? 
_entity_src_gen.pdbx_gene_src_organ                ? 
_entity_src_gen.pdbx_gene_src_organelle            ? 
_entity_src_gen.pdbx_gene_src_cell                 ? 
_entity_src_gen.pdbx_gene_src_cellular_location    ? 
_entity_src_gen.host_org_common_name               ? 
_entity_src_gen.pdbx_host_org_scientific_name      ? 
_entity_src_gen.pdbx_host_org_ncbi_taxonomy_id     ? 
_entity_src_gen.host_org_genus                     ? 
_entity_src_gen.pdbx_host_org_gene                 ? 
_entity_src_gen.pdbx_host_org_organ                ? 
_entity_src_gen.host_org_species                   ? 
_entity_src_gen.pdbx_host_org_tissue               ? 
_entity_src_gen.pdbx_host_org_tissue_fraction      ? 
_entity_src_gen.pdbx_host_org_strain               ? 
_entity_src_gen.pdbx_host_org_variant              ? 
_entity_src_gen.pdbx_host_org_cell_line            ? 
_entity_src_gen.pdbx_host_org_atcc                 ? 
_entity_src_gen.pdbx_host_org_culture_collection   ? 
_entity_src_gen.pdbx_host_org_cell                 ? 
_entity_src_gen.pdbx_host_org_organelle            ? 
_entity_src_gen.pdbx_host_org_cellular_location    ? 
_entity_src_gen.pdbx_host_org_vector_type          ? 
_entity_src_gen.pdbx_host_org_vector               ? 
_entity_src_gen.host_org_details                   ? 
_entity_src_gen.expression_system_id               ? 
_entity_src_gen.plasmid_name                       ? 
_entity_src_gen.plasmid_details                    ? 
_entity_src_gen.pdbx_description                   ? 
# 
loop_
_chem_comp.id 
_chem_comp.type 
_chem_comp.mon_nstd_flag 
_chem_comp.name 
_chem_comp.pdbx_synonyms 
_chem_comp.formula 
_chem_comp.formula_weight 
ALA 'L-peptide linking' y ALANINE         ? 'C3 H7 N O2'     89.093  
ARG 'L-peptide linking' y ARGININE        ? 'C6 H15 N4 O2 1' 175.209 
ASN 'L-peptide linking' y ASPARAGINE      ? 'C4 H8 N2 O3'    132.118 
ASP 'L-peptide linking' y 'ASPARTIC ACID' ? 'C4 H7 N O4'     133.103 
GLN 'L-peptide linking' y GLUTAMINE       ? 'C5 H10 N2 O3'   146.144 
GLU 'L-peptide linking' y 'GLUTAMIC ACID' ? 'C5 H9 N O4'     147.129 
GLY 'peptide linking'   y GLYCINE         ? 'C2 H5 N O2'     75.067  
HIS 'L-peptide linking' y HISTIDINE       ? 'C6 H10 N3 O2 1' 156.162 
HOH non-polymer         . WATER           ? 'H2 O'           18.015  
ILE 'L-peptide linking' y ISOLEUCINE      ? 'C6 H13 N O2'    131.173 
LEU 'L-peptide linking' y LEUCINE         ? 'C6 H13 N O2'    131.173 
LYS 'L-peptide linking' y LYSINE          ? 'C6 H15 N2 O2 1' 147.195 
MET 'L-peptide linking' y METHIONINE      ? 'C5 H11 N O2 S'  149.211 
PHE 'L-peptide linking' y PHENYLALANINE   ? 'C9 H11 N O2'    165.189 
PRO 'L-peptide linking' y PROLINE         ? 'C5 H9 N O2'     115.130 
SER 'L-peptide linking' y SERINE          ? 'C3 H7 N O3'     105.093 
THR 'L-peptide linking' y THREONINE       ? 'C4 H9 N O3'     119.119 
TRP 'L-peptide linking' y TRYPTOPHAN      ? 'C11 H12 N2 O2'  204.225 
TYR 'L-peptide linking' y TYROSINE        ? 'C9 H11 N O3'    181.189 
VAL 'L-peptide linking' y VALINE          ? 'C5 H11 N O2'    117.146 
# 
loop_
_pdbx_poly_seq_scheme.asym_id 
_pdbx_poly_seq_scheme.entity_id 
_pdbx_poly_seq_scheme.seq_id 
_pdbx_poly_seq_scheme.mon_id 
_pdbx_poly_seq_scheme.ndb_seq_num 
_pdbx_poly_seq_scheme.pdb_seq_num 
_pdbx_poly_seq_scheme.auth_seq_num 
_pdbx_poly_seq_scheme.pdb_mon_id 
_pdbx_poly_seq_scheme.auth_mon_id 
_pdbx_poly_seq_scheme.pdb_strand_id 
_pdbx_poly_seq_scheme.pdb_ins_code 
_pdbx_poly_seq_scheme.hetero 
A 1 1   ARG 1   1   ?   ?   ?   A . n 
A 1 2   SER 2   2   ?   ?   ?   A . n 
A 1 3   TRP 3   3   ?   ?   ?   A . n 
A 1 4   HIS 4   4   4   HIS HIS A . n 
A 1 5   TYR 5   5   5   TYR TYR A . n 
A 1 6   VAL 6   6   6   VAL VAL A . n 
A 1 7   GLU 7   7   7   GLU GLU A . n 
A 1 8   PRO 8   8   8   PRO PRO A . n 
A 1 9   LYS 9   9   9   LYS LYS A . n 
A 1 10  PHE 10  10  10  PHE PHE A . n 
A 1 11  LEU 11  11  11  LEU LEU A . n 
A 1 12  ASN 12  12  12  ASN ASN A . n 
A 1 13  LYS 13  13  13  LYS LYS A . n 
A 1 14  ALA 14  14  14  ALA ALA A . n 
A 1 15  PHE 15  15  15  PHE PHE A . n 
A 1 16  GLU 16  16  16  GLU GLU A . n 
A 1 17  VAL 17  17  17  VAL VAL A . n 
A 1 18  ALA 18  18  18  ALA ALA A . n 
A 1 19  LEU 19  19  19  LEU LEU A . n 
A 1 20  LYS 20  20  20  LYS LYS A . n 
A 1 21  VAL 21  21  21  VAL VAL A . n 
A 1 22  GLN 22  22  22  GLN GLN A . n 
A 1 23  ILE 23  23  23  ILE ILE A . n 
A 1 24  ILE 24  24  24  ILE ILE A . n 
A 1 25  ALA 25  25  25  ALA ALA A . n 
A 1 26  GLY 26  26  26  GLY GLY A . n 
A 1 27  PHE 27  27  27  PHE PHE A . n 
A 1 28  ASP 28  28  28  ASP ASP A . n 
A 1 29  ARG 29  29  29  ARG ARG A . n 
A 1 30  GLY 30  30  30  GLY GLY A . n 
A 1 31  LEU 31  31  31  LEU LEU A . n 
A 1 32  VAL 32  32  32  VAL VAL A . n 
A 1 33  LYS 33  33  33  LYS LYS A . n 
A 1 34  TRP 34  34  34  TRP TRP A . n 
A 1 35  LEU 35  35  35  LEU LEU A . n 
A 1 36  ARG 36  36  36  ARG ARG A . n 
A 1 37  VAL 37  37  37  VAL VAL A . n 
A 1 38  HIS 38  38  38  HIS HIS A . n 
A 1 39  GLY 39  39  39  GLY GLY A . n 
A 1 40  ARG 40  40  40  ARG ARG A . n 
A 1 41  THR 41  41  41  THR THR A . n 
A 1 42  LEU 42  42  42  LEU LEU A . n 
A 1 43  SER 43  43  43  SER SER A . n 
A 1 44  THR 44  44  44  THR THR A . n 
A 1 45  VAL 45  45  45  VAL VAL A . n 
A 1 46  GLN 46  46  46  GLN GLN A . n 
A 1 47  LYS 47  47  47  LYS LYS A . n 
A 1 48  LYS 48  48  48  LYS LYS A . n 
A 1 49  ALA 49  49  49  ALA ALA A . n 
A 1 50  LEU 50  50  50  LEU LEU A . n 
A 1 51  TYR 51  51  51  TYR TYR A . n 
A 1 52  PHE 52  52  52  PHE PHE A . n 
A 1 53  VAL 53  53  53  VAL VAL A . n 
A 1 54  ASN 54  54  54  ASN ASN A . n 
A 1 55  ARG 55  55  55  ARG ARG A . n 
A 1 56  ARG 56  56  56  ARG ARG A . n 
A 1 57  TYR 57  57  57  TYR TYR A . n 
A 1 58  MET 58  58  58  MET MET A . n 
A 1 59  GLN 59  59  59  GLN GLN A . n 
A 1 60  THR 60  60  60  THR THR A . n 
A 1 61  HIS 61  61  61  HIS HIS A . n 
A 1 62  TRP 62  62  62  TRP TRP A . n 
A 1 63  ALA 63  63  63  ALA ALA A . n 
A 1 64  ASN 64  64  64  ASN ASN A . n 
A 1 65  TYR 65  65  65  TYR TYR A . n 
A 1 66  MET 66  66  66  MET MET A . n 
A 1 67  LEU 67  67  67  LEU LEU A . n 
A 1 68  TRP 68  68  68  TRP TRP A . n 
A 1 69  ILE 69  69  69  ILE ILE A . n 
A 1 70  ASN 70  70  70  ASN ASN A . n 
A 1 71  LYS 71  71  71  LYS LYS A . n 
A 1 72  LYS 72  72  72  LYS LYS A . n 
A 1 73  ILE 73  73  73  ILE ILE A . n 
A 1 74  ASP 74  74  74  ASP ASP A . n 
A 1 75  ALA 75  75  75  ALA ALA A . n 
A 1 76  LEU 76  76  76  LEU LEU A . n 
A 1 77  GLY 77  77  77  GLY GLY A . n 
A 1 78  ARG 78  78  78  ARG ARG A . n 
A 1 79  THR 79  79  79  THR THR A . n 
A 1 80  PRO 80  80  80  PRO PRO A . n 
A 1 81  VAL 81  81  81  VAL VAL A . n 
A 1 82  VAL 82  82  82  VAL VAL A . n 
A 1 83  GLY 83  83  83  GLY GLY A . n 
A 1 84  ASP 84  84  84  ASP ASP A . n 
A 1 85  TYR 85  85  85  TYR TYR A . n 
A 1 86  THR 86  86  86  THR THR A . n 
A 1 87  ARG 87  87  87  ARG ARG A . n 
A 1 88  LEU 88  88  88  LEU LEU A . n 
A 1 89  GLY 89  89  89  GLY GLY A . n 
A 1 90  ALA 90  90  90  ALA ALA A . n 
A 1 91  GLU 91  91  91  GLU GLU A . n 
A 1 92  ILE 92  92  92  ILE ILE A . n 
A 1 93  GLY 93  93  93  GLY GLY A . n 
A 1 94  ARG 94  94  94  ARG ARG A . n 
A 1 95  ARG 95  95  95  ARG ARG A . n 
A 1 96  ILE 96  96  96  ILE ILE A . n 
A 1 97  ASP 97  97  97  ASP ASP A . n 
A 1 98  MET 98  98  98  MET MET A . n 
A 1 99  ALA 99  99  99  ALA ALA A . n 
A 1 100 TYR 100 100 100 TYR TYR A . n 
A 1 101 PHE 101 101 101 PHE PHE A . n 
A 1 102 TYR 102 102 102 TYR TYR A . n 
A 1 103 ASP 103 103 103 ASP ASP A . n 
A 1 104 PHE 104 104 104 PHE PHE A . n 
A 1 105 LEU 105 105 105 LEU LEU A . n 
A 1 106 LYS 106 106 106 LYS LYS A . n 
A 1 107 ASP 107 107 107 ASP ASP A . n 
A 1 108 LYS 108 108 108 LYS LYS A . n 
A 1 109 ASN 109 109 109 ASN ASN A . n 
A 1 110 MET 110 110 110 MET MET A . n 
A 1 111 ILE 111 111 111 ILE ILE A . n 
A 1 112 PRO 112 112 112 PRO PRO A . n 
A 1 113 LYS 113 113 113 LYS LYS A . n 
A 1 114 TYR 114 114 114 TYR TYR A . n 
A 1 115 LEU 115 115 115 LEU LEU A . n 
A 1 116 PRO 116 116 116 PRO PRO A . n 
A 1 117 TYR 117 117 117 TYR TYR A . n 
A 1 118 MET 118 118 118 MET MET A . n 
A 1 119 GLU 119 119 119 GLU GLU A . n 
A 1 120 GLU 120 120 120 GLU GLU A . n 
A 1 121 ILE 121 121 121 ILE ILE A . n 
A 1 122 ASN 122 122 122 ASN ASN A . n 
A 1 123 ARG 123 123 123 ARG ARG A . n 
A 1 124 MET 124 124 124 MET MET A . n 
A 1 125 ARG 125 125 125 ARG ARG A . n 
A 1 126 PRO 126 126 126 PRO PRO A . n 
A 1 127 ALA 127 127 127 ALA ALA A . n 
A 1 128 ASP 128 128 128 ASP ASP A . n 
A 1 129 VAL 129 129 129 VAL VAL A . n 
A 1 130 PRO 130 130 130 PRO PRO A . n 
A 1 131 VAL 131 131 131 VAL VAL A . n 
A 1 132 LYS 132 132 132 LYS LYS A . n 
A 1 133 TYR 133 133 133 TYR TYR A . n 
A 1 134 MET 134 134 134 MET MET A . n 
A 1 135 GLY 135 135 ?   ?   ?   A . n 
A 1 136 LYS 136 136 ?   ?   ?   A . n 
# 
loop_
_pdbx_nonpoly_scheme.asym_id 
_pdbx_nonpoly_scheme.entity_id 
_pdbx_nonpoly_scheme.mon_id 
_pdbx_nonpoly_scheme.ndb_seq_num 
_pdbx_nonpoly_scheme.pdb_seq_num 
_pdbx_nonpoly_scheme.auth_seq_num 
_pdbx_nonpoly_scheme.pdb_mon_id 
_pdbx_nonpoly_scheme.auth_mon_id 
_pdbx_nonpoly_scheme.pdb_strand_id 
_pdbx_nonpoly_scheme.pdb_ins_code 
B 2 HOH 1  137 1  HOH HOH A . 
B 2 HOH 2  138 2  HOH HOH A . 
B 2 HOH 3  139 3  HOH HOH A . 
B 2 HOH 4  140 4  HOH HOH A . 
B 2 HOH 5  141 5  HOH HOH A . 
B 2 HOH 6  142 6  HOH HOH A . 
B 2 HOH 7  143 7  HOH HOH A . 
B 2 HOH 8  144 8  HOH HOH A . 
B 2 HOH 9  145 9  HOH HOH A . 
B 2 HOH 10 146 10 HOH HOH A . 
B 2 HOH 11 147 11 HOH HOH A . 
B 2 HOH 12 148 12 HOH HOH A . 
B 2 HOH 13 149 13 HOH HOH A . 
B 2 HOH 14 150 14 HOH HOH A . 
B 2 HOH 15 151 15 HOH HOH A . 
B 2 HOH 16 152 16 HOH HOH A . 
B 2 HOH 17 153 17 HOH HOH A . 
B 2 HOH 18 154 18 HOH HOH A . 
B 2 HOH 19 155 19 HOH HOH A . 
B 2 HOH 20 156 20 HOH HOH A . 
B 2 HOH 21 157 21 HOH HOH A . 
B 2 HOH 22 158 22 HOH HOH A . 
B 2 HOH 23 159 23 HOH HOH A . 
B 2 HOH 24 160 24 HOH HOH A . 
B 2 HOH 25 161 25 HOH HOH A . 
B 2 HOH 26 162 26 HOH HOH A . 
B 2 HOH 27 163 27 HOH HOH A . 
B 2 HOH 28 164 28 HOH HOH A . 
B 2 HOH 29 165 29 HOH HOH A . 
B 2 HOH 30 166 30 HOH HOH A . 
B 2 HOH 31 167 31 HOH HOH A . 
B 2 HOH 32 168 32 HOH HOH A . 
B 2 HOH 33 169 33 HOH HOH A . 
B 2 HOH 34 170 34 HOH HOH A . 
B 2 HOH 35 171 35 HOH HOH A . 
B 2 HOH 36 172 36 HOH HOH A . 
B 2 HOH 37 173 37 HOH HOH A . 
B 2 HOH 38 174 38 HOH HOH A . 
B 2 HOH 39 175 39 HOH HOH A . 
B 2 HOH 40 176 40 HOH HOH A . 
B 2 HOH 41 177 41 HOH HOH A . 
B 2 HOH 42 178 42 HOH HOH A . 
B 2 HOH 43 179 43 HOH HOH A . 
B 2 HOH 44 180 44 HOH HOH A . 
B 2 HOH 45 181 45 HOH HOH A . 
B 2 HOH 46 182 46 HOH HOH A . 
B 2 HOH 47 183 47 HOH HOH A . 
B 2 HOH 48 184 48 HOH HOH A . 
B 2 HOH 49 185 49 HOH HOH A . 
B 2 HOH 50 186 50 HOH HOH A . 
B 2 HOH 51 187 51 HOH HOH A . 
B 2 HOH 52 188 52 HOH HOH A . 
B 2 HOH 53 189 53 HOH HOH A . 
B 2 HOH 54 190 54 HOH HOH A . 
B 2 HOH 55 191 55 HOH HOH A . 
B 2 HOH 56 192 56 HOH HOH A . 
B 2 HOH 57 193 57 HOH HOH A . 
B 2 HOH 58 194 58 HOH HOH A . 
B 2 HOH 59 195 59 HOH HOH A . 
B 2 HOH 60 196 60 HOH HOH A . 
B 2 HOH 61 197 61 HOH HOH A . 
B 2 HOH 62 198 62 HOH HOH A . 
B 2 HOH 63 199 63 HOH HOH A . 
B 2 HOH 64 200 64 HOH HOH A . 
B 2 HOH 65 201 65 HOH HOH A . 
B 2 HOH 66 202 66 HOH HOH A . 
B 2 HOH 67 203 67 HOH HOH A . 
B 2 HOH 68 204 68 HOH HOH A . 
B 2 HOH 69 205 69 HOH HOH A . 
B 2 HOH 70 206 70 HOH HOH A . 
B 2 HOH 71 207 71 HOH HOH A . 
B 2 HOH 72 208 72 HOH HOH A . 
B 2 HOH 73 209 73 HOH HOH A . 
B 2 HOH 74 210 74 HOH HOH A . 
B 2 HOH 75 211 75 HOH HOH A . 
B 2 HOH 76 212 76 HOH HOH A . 
B 2 HOH 77 213 77 HOH HOH A . 
B 2 HOH 78 214 78 HOH HOH A . 
B 2 HOH 79 215 79 HOH HOH A . 
B 2 HOH 80 216 80 HOH HOH A . 
B 2 HOH 81 217 81 HOH HOH A . 
B 2 HOH 82 218 82 HOH HOH A . 
B 2 HOH 83 219 83 HOH HOH A . 
B 2 HOH 84 220 84 HOH HOH A . 
# 
loop_
_pdbx_unobs_or_zero_occ_atoms.id 
_pdbx_unobs_or_zero_occ_atoms.PDB_model_num 
_pdbx_unobs_or_zero_occ_atoms.polymer_flag 
_pdbx_unobs_or_zero_occ_atoms.occupancy_flag 
_pdbx_unobs_or_zero_occ_atoms.auth_asym_id 
_pdbx_unobs_or_zero_occ_atoms.auth_comp_id 
_pdbx_unobs_or_zero_occ_atoms.auth_seq_id 
_pdbx_unobs_or_zero_occ_atoms.PDB_ins_code 
_pdbx_unobs_or_zero_occ_atoms.auth_atom_id 
_pdbx_unobs_or_zero_occ_atoms.label_alt_id 
_pdbx_unobs_or_zero_occ_atoms.label_asym_id 
_pdbx_unobs_or_zero_occ_atoms.label_comp_id 
_pdbx_unobs_or_zero_occ_atoms.label_seq_id 
_pdbx_unobs_or_zero_occ_atoms.label_atom_id 
1 1 Y 1 A HIS 4   ? CG  ? A HIS 4   CG  
2 1 Y 1 A HIS 4   ? ND1 ? A HIS 4   ND1 
3 1 Y 1 A HIS 4   ? CD2 ? A HIS 4   CD2 
4 1 Y 1 A HIS 4   ? CE1 ? A HIS 4   CE1 
5 1 Y 1 A HIS 4   ? NE2 ? A HIS 4   NE2 
6 1 Y 1 A MET 134 ? CG  ? A MET 134 CG  
7 1 Y 1 A MET 134 ? SD  ? A MET 134 SD  
8 1 Y 1 A MET 134 ? CE  ? A MET 134 CE  
# 
loop_
_software.name 
_software.classification 
_software.version 
_software.citation_id 
_software.pdbx_ordinal 
X-PLOR 'model building' . ? 1 
X-PLOR refinement       . ? 2 
X-PLOR phasing          . ? 3 
# 
_cell.entry_id           1LIS 
_cell.length_a           52.600 
_cell.length_b           45.900 
_cell.length_c           81.000 
_cell.angle_alpha        90.00 
_cell.angle_beta         90.00 
_cell.angle_gamma        90.00 
_cell.Z_PDB              4 
_cell.pdbx_unique_axis   ? 
# 
_symmetry.entry_id                         1LIS 
_symmetry.space_group_name_H-M             'P 21 21 21' 
_symmetry.pdbx_full_space_group_name_H-M   ? 
_symmetry.cell_setting                     ? 
_symmetry.Int_Tables_number                19 
# 
_exptl.entry_id          1LIS 
_exptl.method            'X-RAY DIFFRACTION' 
_exptl.crystals_number   ? 
# 
_exptl_crystal.id                    1 
_exptl_crystal.density_meas          ? 
_exptl_crystal.density_Matthews      3.00 
_exptl_crystal.density_percent_sol   58.99 
_exptl_crystal.description           ? 
# 
_diffrn.id                     1 
_diffrn.ambient_temp           ? 
_diffrn.ambient_temp_details   ? 
_diffrn.crystal_id             1 
# 
_diffrn_radiation.diffrn_id                        1 
_diffrn_radiation.wavelength_id                    1 
_diffrn_radiation.pdbx_monochromatic_or_laue_m_l   ? 
_diffrn_radiation.monochromator                    ? 
_diffrn_radiation.pdbx_diffrn_protocol             ? 
_diffrn_radiation.pdbx_scattering_type             x-ray 
# 
_diffrn_radiation_wavelength.id           1 
_diffrn_radiation_wavelength.wavelength   . 
_diffrn_radiation_wavelength.wt           1.0 
# 
_refine.entry_id                                 1LIS 
_refine.ls_number_reflns_obs                     14806 
_refine.ls_number_reflns_all                     ? 
_refine.pdbx_ls_sigma_I                          ? 
_refine.pdbx_ls_sigma_F                          0.0 
_refine.pdbx_data_cutoff_high_absF               ? 
_refine.pdbx_data_cutoff_low_absF                ? 
_refine.pdbx_data_cutoff_high_rms_absF           ? 
_refine.ls_d_res_low                             6.0 
_refine.ls_d_res_high                            1.9 
_refine.ls_percent_reflns_obs                    ? 
_refine.ls_R_factor_obs                          0.1870000 
_refine.ls_R_factor_all                          ? 
_refine.ls_R_factor_R_work                       0.1870000 
_refine.ls_R_factor_R_free                       ? 
_refine.ls_R_factor_R_free_error                 ? 
_refine.ls_R_factor_R_free_error_details         ? 
_refine.ls_percent_reflns_R_free                 ? 
_refine.ls_number_reflns_R_free                  ? 
_refine.ls_number_parameters                     ? 
_refine.ls_number_restraints                     ? 
_refine.occupancy_min                            ? 
_refine.occupancy_max                            ? 
_refine.B_iso_mean                               ? 
_refine.aniso_B[1][1]                            ? 
_refine.aniso_B[2][2]                            ? 
_refine.aniso_B[3][3]                            ? 
_refine.aniso_B[1][2]                            ? 
_refine.aniso_B[1][3]                            ? 
_refine.aniso_B[2][3]                            ? 
_refine.solvent_model_details                    ? 
_refine.solvent_model_param_ksol                 ? 
_refine.solvent_model_param_bsol                 ? 
_refine.pdbx_ls_cross_valid_method               ? 
_refine.details                                  ? 
_refine.pdbx_starting_model                      ? 
_refine.pdbx_method_to_determine_struct          ? 
_refine.pdbx_isotropic_thermal_model             ? 
_refine.pdbx_stereochemistry_target_values       ? 
_refine.pdbx_stereochem_target_val_spec_case     ? 
_refine.pdbx_R_Free_selection_details            ? 
_refine.pdbx_overall_ESU_R                       ? 
_refine.pdbx_overall_ESU_R_Free                  ? 
_refine.overall_SU_ML                            ? 
_refine.overall_SU_B                             ? 
_refine.pdbx_refine_id                           'X-RAY DIFFRACTION' 
_refine.pdbx_diffrn_id                           1 
_refine.pdbx_TLS_residual_ADP_flag               ? 
_refine.correlation_coeff_Fo_to_Fc               ? 
_refine.correlation_coeff_Fo_to_Fc_free          ? 
_refine.pdbx_solvent_vdw_probe_radii             ? 
_refine.pdbx_solvent_ion_probe_radii             ? 
_refine.pdbx_solvent_shrinkage_radii             ? 
_refine.pdbx_overall_phase_error                 ? 
_refine.overall_SU_R_Cruickshank_DPI             ? 
_refine.pdbx_overall_SU_R_free_Cruickshank_DPI   ? 
_refine.pdbx_overall_SU_R_Blow_DPI               ? 
_refine.pdbx_overall_SU_R_free_Blow_DPI          ? 
# 
_refine_hist.pdbx_refine_id                   'X-RAY DIFFRACTION' 
_refine_hist.cycle_id                         LAST 
_refine_hist.pdbx_number_atoms_protein        1097 
_refine_hist.pdbx_number_atoms_nucleic_acid   0 
_refine_hist.pdbx_number_atoms_ligand         0 
_refine_hist.number_atoms_solvent             84 
_refine_hist.number_atoms_total               1181 
_refine_hist.d_res_high                       1.9 
_refine_hist.d_res_low                        6.0 
# 
loop_
_refine_ls_restr.type 
_refine_ls_restr.dev_ideal 
_refine_ls_restr.dev_ideal_target 
_refine_ls_restr.weight 
_refine_ls_restr.number 
_refine_ls_restr.pdbx_refine_id 
_refine_ls_restr.pdbx_restraint_function 
x_bond_d                0.016 ? ? ? 'X-RAY DIFFRACTION' ? 
x_bond_d_na             ?     ? ? ? 'X-RAY DIFFRACTION' ? 
x_bond_d_prot           ?     ? ? ? 'X-RAY DIFFRACTION' ? 
x_angle_d               ?     ? ? ? 'X-RAY DIFFRACTION' ? 
x_angle_d_na            ?     ? ? ? 'X-RAY DIFFRACTION' ? 
x_angle_d_prot          ?     ? ? ? 'X-RAY DIFFRACTION' ? 
x_angle_deg             2.85  ? ? ? 'X-RAY DIFFRACTION' ? 
x_angle_deg_na          ?     ? ? ? 'X-RAY DIFFRACTION' ? 
x_angle_deg_prot        ?     ? ? ? 'X-RAY DIFFRACTION' ? 
x_dihedral_angle_d      ?     ? ? ? 'X-RAY DIFFRACTION' ? 
x_dihedral_angle_d_na   ?     ? ? ? 'X-RAY DIFFRACTION' ? 
x_dihedral_angle_d_prot ?     ? ? ? 'X-RAY DIFFRACTION' ? 
x_improper_angle_d      ?     ? ? ? 'X-RAY DIFFRACTION' ? 
x_improper_angle_d_na   ?     ? ? ? 'X-RAY DIFFRACTION' ? 
x_improper_angle_d_prot ?     ? ? ? 'X-RAY DIFFRACTION' ? 
x_mcbond_it             ?     ? ? ? 'X-RAY DIFFRACTION' ? 
x_mcangle_it            ?     ? ? ? 'X-RAY DIFFRACTION' ? 
x_scbond_it             ?     ? ? ? 'X-RAY DIFFRACTION' ? 
x_scangle_it            ?     ? ? ? 'X-RAY DIFFRACTION' ? 
# 
_struct.entry_id                  1LIS 
_struct.title                     'THE CRYSTAL STRUCTURE OF A FERTILIZATION PROTEIN' 
_struct.pdbx_model_details        ? 
_struct.pdbx_CASP_flag            ? 
_struct.pdbx_model_type_details   ? 
# 
_struct_keywords.entry_id        1LIS 
_struct_keywords.pdbx_keywords   'FERTILIZATION PROTEIN' 
_struct_keywords.text            'FERTILIZATION PROTEIN' 
# 
loop_
_struct_asym.id 
_struct_asym.pdbx_blank_PDB_chainid_flag 
_struct_asym.pdbx_modified 
_struct_asym.entity_id 
_struct_asym.details 
A N N 1 ? 
B N N 2 ? 
# 
_struct_ref.id                         1 
_struct_ref.db_name                    UNP 
_struct_ref.db_code                    ELYS_HALRU 
_struct_ref.entity_id                  1 
_struct_ref.pdbx_db_accession          P04552 
_struct_ref.pdbx_align_begin           1 
_struct_ref.pdbx_seq_one_letter_code   
;MKLLVLCIFAMMATLAMSRSWHYVEPKFLNKAFEVALKVQIIAGFDRGLVKWLRVHGRTLSTVQKKALYFVNRRYMQTHW
ANYMLWINKKIDALGRTPVVGDYTRLGAEIGRRIDMAYFYDFLKDKNMIPKYLPYMEEINRMRPADVPVKYMGK
;
_struct_ref.pdbx_db_isoform            ? 
# 
_struct_ref_seq.align_id                      1 
_struct_ref_seq.ref_id                        1 
_struct_ref_seq.pdbx_PDB_id_code              1LIS 
_struct_ref_seq.pdbx_strand_id                A 
_struct_ref_seq.seq_align_beg                 1 
_struct_ref_seq.pdbx_seq_align_beg_ins_code   ? 
_struct_ref_seq.seq_align_end                 136 
_struct_ref_seq.pdbx_seq_align_end_ins_code   ? 
_struct_ref_seq.pdbx_db_accession             P04552 
_struct_ref_seq.db_align_beg                  19 
_struct_ref_seq.pdbx_db_align_beg_ins_code    ? 
_struct_ref_seq.db_align_end                  154 
_struct_ref_seq.pdbx_db_align_end_ins_code    ? 
_struct_ref_seq.pdbx_auth_seq_align_beg       1 
_struct_ref_seq.pdbx_auth_seq_align_end       136 
# 
_pdbx_struct_assembly.id                   1 
_pdbx_struct_assembly.details              author_defined_assembly 
_pdbx_struct_assembly.method_details       ? 
_pdbx_struct_assembly.oligomeric_details   monomeric 
_pdbx_struct_assembly.oligomeric_count     1 
# 
_pdbx_struct_assembly_gen.assembly_id       1 
_pdbx_struct_assembly_gen.oper_expression   1 
_pdbx_struct_assembly_gen.asym_id_list      A,B 
# 
_pdbx_struct_oper_list.id                   1 
_pdbx_struct_oper_list.type                 'identity operation' 
_pdbx_struct_oper_list.name                 1_555 
_pdbx_struct_oper_list.symmetry_operation   x,y,z 
_pdbx_struct_oper_list.matrix[1][1]         1.0000000000 
_pdbx_struct_oper_list.matrix[1][2]         0.0000000000 
_pdbx_struct_oper_list.matrix[1][3]         0.0000000000 
_pdbx_struct_oper_list.vector[1]            0.0000000000 
_pdbx_struct_oper_list.matrix[2][1]         0.0000000000 
_pdbx_struct_oper_list.matrix[2][2]         1.0000000000 
_pdbx_struct_oper_list.matrix[2][3]         0.0000000000 
_pdbx_struct_oper_list.vector[2]            0.0000000000 
_pdbx_struct_oper_list.matrix[3][1]         0.0000000000 
_pdbx_struct_oper_list.matrix[3][2]         0.0000000000 
_pdbx_struct_oper_list.matrix[3][3]         1.0000000000 
_pdbx_struct_oper_list.vector[3]            0.0000000000 
# 
_struct_biol.id   1 
# 
loop_
_struct_conf.conf_type_id 
_struct_conf.id 
_struct_conf.pdbx_PDB_helix_id 
_struct_conf.beg_label_comp_id 
_struct_conf.beg_label_asym_id 
_struct_conf.beg_label_seq_id 
_struct_conf.pdbx_beg_PDB_ins_code 
_struct_conf.end_label_comp_id 
_struct_conf.end_label_asym_id 
_struct_conf.end_label_seq_id 
_struct_conf.pdbx_end_PDB_ins_code 
_struct_conf.beg_auth_comp_id 
_struct_conf.beg_auth_asym_id 
_struct_conf.beg_auth_seq_id 
_struct_conf.end_auth_comp_id 
_struct_conf.end_auth_asym_id 
_struct_conf.end_auth_seq_id 
_struct_conf.pdbx_PDB_helix_class 
_struct_conf.details 
_struct_conf.pdbx_PDB_helix_length 
HELX_P HELX_P1 1 LYS A 13  ? HIS A 38  ? LYS A 13  HIS A 38  1 ?                26 
HELX_P HELX_P2 2 THR A 44  ? ASP A 74  ? THR A 44  ASP A 74  1 'KINK AT HIS 61' 31 
HELX_P HELX_P3 3 VAL A 82  ? ARG A 95  ? VAL A 82  ARG A 95  1 ?                14 
HELX_P HELX_P4 4 ALA A 99  ? ASP A 107 ? ALA A 99  ASP A 107 1 ?                9  
HELX_P HELX_P5 5 PRO A 116 ? ARG A 123 ? PRO A 116 ARG A 123 1 ?                8  
# 
_struct_conf_type.id          HELX_P 
_struct_conf_type.criteria    ? 
_struct_conf_type.reference   ? 
# 
_pdbx_validate_rmsd_bond.id                        1 
_pdbx_validate_rmsd_bond.PDB_model_num             1 
_pdbx_validate_rmsd_bond.auth_atom_id_1            NE2 
_pdbx_validate_rmsd_bond.auth_asym_id_1            A 
_pdbx_validate_rmsd_bond.auth_comp_id_1            HIS 
_pdbx_validate_rmsd_bond.auth_seq_id_1             38 
_pdbx_validate_rmsd_bond.PDB_ins_code_1            ? 
_pdbx_validate_rmsd_bond.label_alt_id_1            ? 
_pdbx_validate_rmsd_bond.auth_atom_id_2            CD2 
_pdbx_validate_rmsd_bond.auth_asym_id_2            A 
_pdbx_validate_rmsd_bond.auth_comp_id_2            HIS 
_pdbx_validate_rmsd_bond.auth_seq_id_2             38 
_pdbx_validate_rmsd_bond.PDB_ins_code_2            ? 
_pdbx_validate_rmsd_bond.label_alt_id_2            ? 
_pdbx_validate_rmsd_bond.bond_value                1.306 
_pdbx_validate_rmsd_bond.bond_target_value         1.373 
_pdbx_validate_rmsd_bond.bond_deviation            -0.067 
_pdbx_validate_rmsd_bond.bond_standard_deviation   0.011 
_pdbx_validate_rmsd_bond.linker_flag               N 
# 
loop_
_pdbx_validate_rmsd_angle.id 
_pdbx_validate_rmsd_angle.PDB_model_num 
_pdbx_validate_rmsd_angle.auth_atom_id_1 
_pdbx_validate_rmsd_angle.auth_asym_id_1 
_pdbx_validate_rmsd_angle.auth_comp_id_1 
_pdbx_validate_rmsd_angle.auth_seq_id_1 
_pdbx_validate_rmsd_angle.PDB_ins_code_1 
_pdbx_validate_rmsd_angle.label_alt_id_1 
_pdbx_validate_rmsd_angle.auth_atom_id_2 
_pdbx_validate_rmsd_angle.auth_asym_id_2 
_pdbx_validate_rmsd_angle.auth_comp_id_2 
_pdbx_validate_rmsd_angle.auth_seq_id_2 
_pdbx_validate_rmsd_angle.PDB_ins_code_2 
_pdbx_validate_rmsd_angle.label_alt_id_2 
_pdbx_validate_rmsd_angle.auth_atom_id_3 
_pdbx_validate_rmsd_angle.auth_asym_id_3 
_pdbx_validate_rmsd_angle.auth_comp_id_3 
_pdbx_validate_rmsd_angle.auth_seq_id_3 
_pdbx_validate_rmsd_angle.PDB_ins_code_3 
_pdbx_validate_rmsd_angle.label_alt_id_3 
_pdbx_validate_rmsd_angle.angle_value 
_pdbx_validate_rmsd_angle.angle_target_value 
_pdbx_validate_rmsd_angle.angle_deviation 
_pdbx_validate_rmsd_angle.angle_standard_deviation 
_pdbx_validate_rmsd_angle.linker_flag 
1  1 CD1 A TRP 34 ? ? CG  A TRP 34 ? ? CD2 A TRP 34 ? ? 112.19 106.30 5.89  0.80 N 
2  1 CE2 A TRP 34 ? ? CD2 A TRP 34 ? ? CG  A TRP 34 ? ? 102.00 107.30 -5.30 0.80 N 
3  1 NE  A ARG 36 ? ? CZ  A ARG 36 ? ? NH1 A ARG 36 ? ? 124.58 120.30 4.28  0.50 N 
4  1 NE  A ARG 55 ? ? CZ  A ARG 55 ? ? NH1 A ARG 55 ? ? 127.35 120.30 7.05  0.50 N 
5  1 NE  A ARG 55 ? ? CZ  A ARG 55 ? ? NH2 A ARG 55 ? ? 110.85 120.30 -9.45 0.50 N 
6  1 NE  A ARG 56 ? ? CZ  A ARG 56 ? ? NH1 A ARG 56 ? ? 123.54 120.30 3.24  0.50 N 
7  1 NE  A ARG 56 ? ? CZ  A ARG 56 ? ? NH2 A ARG 56 ? ? 114.79 120.30 -5.51 0.50 N 
8  1 CB  A TYR 57 ? ? CG  A TYR 57 ? ? CD1 A TYR 57 ? ? 117.35 121.00 -3.65 0.60 N 
9  1 CD1 A TRP 62 ? ? CG  A TRP 62 ? ? CD2 A TRP 62 ? ? 112.52 106.30 6.22  0.80 N 
10 1 CE2 A TRP 62 ? ? CD2 A TRP 62 ? ? CG  A TRP 62 ? ? 101.77 107.30 -5.53 0.80 N 
11 1 CB  A TYR 65 ? ? CG  A TYR 65 ? ? CD2 A TYR 65 ? ? 117.33 121.00 -3.67 0.60 N 
12 1 CD1 A TRP 68 ? ? CG  A TRP 68 ? ? CD2 A TRP 68 ? ? 112.34 106.30 6.04  0.80 N 
13 1 CE2 A TRP 68 ? ? CD2 A TRP 68 ? ? CG  A TRP 68 ? ? 101.53 107.30 -5.77 0.80 N 
14 1 NE  A ARG 78 ? ? CZ  A ARG 78 ? ? NH1 A ARG 78 ? ? 126.01 120.30 5.71  0.50 N 
15 1 NE  A ARG 78 ? ? CZ  A ARG 78 ? ? NH2 A ARG 78 ? ? 113.57 120.30 -6.73 0.50 N 
16 1 NE  A ARG 95 ? ? CZ  A ARG 95 ? ? NH2 A ARG 95 ? ? 115.96 120.30 -4.34 0.50 N 
# 
_pdbx_validate_planes.id              1 
_pdbx_validate_planes.PDB_model_num   1 
_pdbx_validate_planes.auth_comp_id    ARG 
_pdbx_validate_planes.auth_asym_id    A 
_pdbx_validate_planes.auth_seq_id     78 
_pdbx_validate_planes.PDB_ins_code    ? 
_pdbx_validate_planes.label_alt_id    ? 
_pdbx_validate_planes.rmsd            0.074 
_pdbx_validate_planes.type            'SIDE CHAIN' 
# 
loop_
_pdbx_unobs_or_zero_occ_residues.id 
_pdbx_unobs_or_zero_occ_residues.PDB_model_num 
_pdbx_unobs_or_zero_occ_residues.polymer_flag 
_pdbx_unobs_or_zero_occ_residues.occupancy_flag 
_pdbx_unobs_or_zero_occ_residues.auth_asym_id 
_pdbx_unobs_or_zero_occ_residues.auth_comp_id 
_pdbx_unobs_or_zero_occ_residues.auth_seq_id 
_pdbx_unobs_or_zero_occ_residues.PDB_ins_code 
_pdbx_unobs_or_zero_occ_residues.label_asym_id 
_pdbx_unobs_or_zero_occ_residues.label_comp_id 
_pdbx_unobs_or_zero_occ_residues.label_seq_id 
1 1 Y 1 A ARG 1   ? A ARG 1   
2 1 Y 1 A SER 2   ? A SER 2   
3 1 Y 1 A TRP 3   ? A TRP 3   
4 1 Y 1 A GLY 135 ? A GLY 135 
5 1 Y 1 A LYS 136 ? A LYS 136 
# 
loop_
_chem_comp_atom.comp_id 
_chem_comp_atom.atom_id 
_chem_comp_atom.type_symbol 
_chem_comp_atom.pdbx_aromatic_flag 
_chem_comp_atom.pdbx_stereo_config 
_chem_comp_atom.pdbx_ordinal 
ALA N    N N N 1   
ALA CA   C N S 2   
ALA C    C N N 3   
ALA O    O N N 4   
ALA CB   C N N 5   
ALA OXT  O N N 6   
ALA H    H N N 7   
ALA H2   H N N 8   
ALA HA   H N N 9   
ALA HB1  H N N 10  
ALA HB2  H N N 11  
ALA HB3  H N N 12  
ALA HXT  H N N 13  
ARG N    N N N 14  
ARG CA   C N S 15  
ARG C    C N N 16  
ARG O    O N N 17  
ARG CB   C N N 18  
ARG CG   C N N 19  
ARG CD   C N N 20  
ARG NE   N N N 21  
ARG CZ   C N N 22  
ARG NH1  N N N 23  
ARG NH2  N N N 24  
ARG OXT  O N N 25  
ARG H    H N N 26  
ARG H2   H N N 27  
ARG HA   H N N 28  
ARG HB2  H N N 29  
ARG HB3  H N N 30  
ARG HG2  H N N 31  
ARG HG3  H N N 32  
ARG HD2  H N N 33  
ARG HD3  H N N 34  
ARG HE   H N N 35  
ARG HH11 H N N 36  
ARG HH12 H N N 37  
ARG HH21 H N N 38  
ARG HH22 H N N 39  
ARG HXT  H N N 40  
ASN N    N N N 41  
ASN CA   C N S 42  
ASN C    C N N 43  
ASN O    O N N 44  
ASN CB   C N N 45  
ASN CG   C N N 46  
ASN OD1  O N N 47  
ASN ND2  N N N 48  
ASN OXT  O N N 49  
ASN H    H N N 50  
ASN H2   H N N 51  
ASN HA   H N N 52  
ASN HB2  H N N 53  
ASN HB3  H N N 54  
ASN HD21 H N N 55  
ASN HD22 H N N 56  
ASN HXT  H N N 57  
ASP N    N N N 58  
ASP CA   C N S 59  
ASP C    C N N 60  
ASP O    O N N 61  
ASP CB   C N N 62  
ASP CG   C N N 63  
ASP OD1  O N N 64  
ASP OD2  O N N 65  
ASP OXT  O N N 66  
ASP H    H N N 67  
ASP H2   H N N 68  
ASP HA   H N N 69  
ASP HB2  H N N 70  
ASP HB3  H N N 71  
ASP HD2  H N N 72  
ASP HXT  H N N 73  
GLN N    N N N 74  
GLN CA   C N S 75  
GLN C    C N N 76  
GLN O    O N N 77  
GLN CB   C N N 78  
GLN CG   C N N 79  
GLN CD   C N N 80  
GLN OE1  O N N 81  
GLN NE2  N N N 82  
GLN OXT  O N N 83  
GLN H    H N N 84  
GLN H2   H N N 85  
GLN HA   H N N 86  
GLN HB2  H N N 87  
GLN HB3  H N N 88  
GLN HG2  H N N 89  
GLN HG3  H N N 90  
GLN HE21 H N N 91  
GLN HE22 H N N 92  
GLN HXT  H N N 93  
GLU N    N N N 94  
GLU CA   C N S 95  
GLU C    C N N 96  
GLU O    O N N 97  
GLU CB   C N N 98  
GLU CG   C N N 99  
GLU CD   C N N 100 
GLU OE1  O N N 101 
GLU OE2  O N N 102 
GLU OXT  O N N 103 
GLU H    H N N 104 
GLU H2   H N N 105 
GLU HA   H N N 106 
GLU HB2  H N N 107 
GLU HB3  H N N 108 
GLU HG2  H N N 109 
GLU HG3  H N N 110 
GLU HE2  H N N 111 
GLU HXT  H N N 112 
GLY N    N N N 113 
GLY CA   C N N 114 
GLY C    C N N 115 
GLY O    O N N 116 
GLY OXT  O N N 117 
GLY H    H N N 118 
GLY H2   H N N 119 
GLY HA2  H N N 120 
GLY HA3  H N N 121 
GLY HXT  H N N 122 
HIS N    N N N 123 
HIS CA   C N S 124 
HIS C    C N N 125 
HIS O    O N N 126 
HIS CB   C N N 127 
HIS CG   C Y N 128 
HIS ND1  N Y N 129 
HIS CD2  C Y N 130 
HIS CE1  C Y N 131 
HIS NE2  N Y N 132 
HIS OXT  O N N 133 
HIS H    H N N 134 
HIS H2   H N N 135 
HIS HA   H N N 136 
HIS HB2  H N N 137 
HIS HB3  H N N 138 
HIS HD1  H N N 139 
HIS HD2  H N N 140 
HIS HE1  H N N 141 
HIS HE2  H N N 142 
HIS HXT  H N N 143 
HOH O    O N N 144 
HOH H1   H N N 145 
HOH H2   H N N 146 
ILE N    N N N 147 
ILE CA   C N S 148 
ILE C    C N N 149 
ILE O    O N N 150 
ILE CB   C N S 151 
ILE CG1  C N N 152 
ILE CG2  C N N 153 
ILE CD1  C N N 154 
ILE OXT  O N N 155 
ILE H    H N N 156 
ILE H2   H N N 157 
ILE HA   H N N 158 
ILE HB   H N N 159 
ILE HG12 H N N 160 
ILE HG13 H N N 161 
ILE HG21 H N N 162 
ILE HG22 H N N 163 
ILE HG23 H N N 164 
ILE HD11 H N N 165 
ILE HD12 H N N 166 
ILE HD13 H N N 167 
ILE HXT  H N N 168 
LEU N    N N N 169 
LEU CA   C N S 170 
LEU C    C N N 171 
LEU O    O N N 172 
LEU CB   C N N 173 
LEU CG   C N N 174 
LEU CD1  C N N 175 
LEU CD2  C N N 176 
LEU OXT  O N N 177 
LEU H    H N N 178 
LEU H2   H N N 179 
LEU HA   H N N 180 
LEU HB2  H N N 181 
LEU HB3  H N N 182 
LEU HG   H N N 183 
LEU HD11 H N N 184 
LEU HD12 H N N 185 
LEU HD13 H N N 186 
LEU HD21 H N N 187 
LEU HD22 H N N 188 
LEU HD23 H N N 189 
LEU HXT  H N N 190 
LYS N    N N N 191 
LYS CA   C N S 192 
LYS C    C N N 193 
LYS O    O N N 194 
LYS CB   C N N 195 
LYS CG   C N N 196 
LYS CD   C N N 197 
LYS CE   C N N 198 
LYS NZ   N N N 199 
LYS OXT  O N N 200 
LYS H    H N N 201 
LYS H2   H N N 202 
LYS HA   H N N 203 
LYS HB2  H N N 204 
LYS HB3  H N N 205 
LYS HG2  H N N 206 
LYS HG3  H N N 207 
LYS HD2  H N N 208 
LYS HD3  H N N 209 
LYS HE2  H N N 210 
LYS HE3  H N N 211 
LYS HZ1  H N N 212 
LYS HZ2  H N N 213 
LYS HZ3  H N N 214 
LYS HXT  H N N 215 
MET N    N N N 216 
MET CA   C N S 217 
MET C    C N N 218 
MET O    O N N 219 
MET CB   C N N 220 
MET CG   C N N 221 
MET SD   S N N 222 
MET CE   C N N 223 
MET OXT  O N N 224 
MET H    H N N 225 
MET H2   H N N 226 
MET HA   H N N 227 
MET HB2  H N N 228 
MET HB3  H N N 229 
MET HG2  H N N 230 
MET HG3  H N N 231 
MET HE1  H N N 232 
MET HE2  H N N 233 
MET HE3  H N N 234 
MET HXT  H N N 235 
PHE N    N N N 236 
PHE CA   C N S 237 
PHE C    C N N 238 
PHE O    O N N 239 
PHE CB   C N N 240 
PHE CG   C Y N 241 
PHE CD1  C Y N 242 
PHE CD2  C Y N 243 
PHE CE1  C Y N 244 
PHE CE2  C Y N 245 
PHE CZ   C Y N 246 
PHE OXT  O N N 247 
PHE H    H N N 248 
PHE H2   H N N 249 
PHE HA   H N N 250 
PHE HB2  H N N 251 
PHE HB3  H N N 252 
PHE HD1  H N N 253 
PHE HD2  H N N 254 
PHE HE1  H N N 255 
PHE HE2  H N N 256 
PHE HZ   H N N 257 
PHE HXT  H N N 258 
PRO N    N N N 259 
PRO CA   C N S 260 
PRO C    C N N 261 
PRO O    O N N 262 
PRO CB   C N N 263 
PRO CG   C N N 264 
PRO CD   C N N 265 
PRO OXT  O N N 266 
PRO H    H N N 267 
PRO HA   H N N 268 
PRO HB2  H N N 269 
PRO HB3  H N N 270 
PRO HG2  H N N 271 
PRO HG3  H N N 272 
PRO HD2  H N N 273 
PRO HD3  H N N 274 
PRO HXT  H N N 275 
SER N    N N N 276 
SER CA   C N S 277 
SER C    C N N 278 
SER O    O N N 279 
SER CB   C N N 280 
SER OG   O N N 281 
SER OXT  O N N 282 
SER H    H N N 283 
SER H2   H N N 284 
SER HA   H N N 285 
SER HB2  H N N 286 
SER HB3  H N N 287 
SER HG   H N N 288 
SER HXT  H N N 289 
THR N    N N N 290 
THR CA   C N S 291 
THR C    C N N 292 
THR O    O N N 293 
THR CB   C N R 294 
THR OG1  O N N 295 
THR CG2  C N N 296 
THR OXT  O N N 297 
THR H    H N N 298 
THR H2   H N N 299 
THR HA   H N N 300 
THR HB   H N N 301 
THR HG1  H N N 302 
THR HG21 H N N 303 
THR HG22 H N N 304 
THR HG23 H N N 305 
THR HXT  H N N 306 
TRP N    N N N 307 
TRP CA   C N S 308 
TRP C    C N N 309 
TRP O    O N N 310 
TRP CB   C N N 311 
TRP CG   C Y N 312 
TRP CD1  C Y N 313 
TRP CD2  C Y N 314 
TRP NE1  N Y N 315 
TRP CE2  C Y N 316 
TRP CE3  C Y N 317 
TRP CZ2  C Y N 318 
TRP CZ3  C Y N 319 
TRP CH2  C Y N 320 
TRP OXT  O N N 321 
TRP H    H N N 322 
TRP H2   H N N 323 
TRP HA   H N N 324 
TRP HB2  H N N 325 
TRP HB3  H N N 326 
TRP HD1  H N N 327 
TRP HE1  H N N 328 
TRP HE3  H N N 329 
TRP HZ2  H N N 330 
TRP HZ3  H N N 331 
TRP HH2  H N N 332 
TRP HXT  H N N 333 
TYR N    N N N 334 
TYR CA   C N S 335 
TYR C    C N N 336 
TYR O    O N N 337 
TYR CB   C N N 338 
TYR CG   C Y N 339 
TYR CD1  C Y N 340 
TYR CD2  C Y N 341 
TYR CE1  C Y N 342 
TYR CE2  C Y N 343 
TYR CZ   C Y N 344 
TYR OH   O N N 345 
TYR OXT  O N N 346 
TYR H    H N N 347 
TYR H2   H N N 348 
TYR HA   H N N 349 
TYR HB2  H N N 350 
TYR HB3  H N N 351 
TYR HD1  H N N 352 
TYR HD2  H N N 353 
TYR HE1  H N N 354 
TYR HE2  H N N 355 
TYR HH   H N N 356 
TYR HXT  H N N 357 
VAL N    N N N 358 
VAL CA   C N S 359 
VAL C    C N N 360 
VAL O    O N N 361 
VAL CB   C N N 362 
VAL CG1  C N N 363 
VAL CG2  C N N 364 
VAL OXT  O N N 365 
VAL H    H N N 366 
VAL H2   H N N 367 
VAL HA   H N N 368 
VAL HB   H N N 369 
VAL HG11 H N N 370 
VAL HG12 H N N 371 
VAL HG13 H N N 372 
VAL HG21 H N N 373 
VAL HG22 H N N 374 
VAL HG23 H N N 375 
VAL HXT  H N N 376 
# 
loop_
_chem_comp_bond.comp_id 
_chem_comp_bond.atom_id_1 
_chem_comp_bond.atom_id_2 
_chem_comp_bond.value_order 
_chem_comp_bond.pdbx_aromatic_flag 
_chem_comp_bond.pdbx_stereo_config 
_chem_comp_bond.pdbx_ordinal 
ALA N   CA   sing N N 1   
ALA N   H    sing N N 2   
ALA N   H2   sing N N 3   
ALA CA  C    sing N N 4   
ALA CA  CB   sing N N 5   
ALA CA  HA   sing N N 6   
ALA C   O    doub N N 7   
ALA C   OXT  sing N N 8   
ALA CB  HB1  sing N N 9   
ALA CB  HB2  sing N N 10  
ALA CB  HB3  sing N N 11  
ALA OXT HXT  sing N N 12  
ARG N   CA   sing N N 13  
ARG N   H    sing N N 14  
ARG N   H2   sing N N 15  
ARG CA  C    sing N N 16  
ARG CA  CB   sing N N 17  
ARG CA  HA   sing N N 18  
ARG C   O    doub N N 19  
ARG C   OXT  sing N N 20  
ARG CB  CG   sing N N 21  
ARG CB  HB2  sing N N 22  
ARG CB  HB3  sing N N 23  
ARG CG  CD   sing N N 24  
ARG CG  HG2  sing N N 25  
ARG CG  HG3  sing N N 26  
ARG CD  NE   sing N N 27  
ARG CD  HD2  sing N N 28  
ARG CD  HD3  sing N N 29  
ARG NE  CZ   sing N N 30  
ARG NE  HE   sing N N 31  
ARG CZ  NH1  sing N N 32  
ARG CZ  NH2  doub N N 33  
ARG NH1 HH11 sing N N 34  
ARG NH1 HH12 sing N N 35  
ARG NH2 HH21 sing N N 36  
ARG NH2 HH22 sing N N 37  
ARG OXT HXT  sing N N 38  
ASN N   CA   sing N N 39  
ASN N   H    sing N N 40  
ASN N   H2   sing N N 41  
ASN CA  C    sing N N 42  
ASN CA  CB   sing N N 43  
ASN CA  HA   sing N N 44  
ASN C   O    doub N N 45  
ASN C   OXT  sing N N 46  
ASN CB  CG   sing N N 47  
ASN CB  HB2  sing N N 48  
ASN CB  HB3  sing N N 49  
ASN CG  OD1  doub N N 50  
ASN CG  ND2  sing N N 51  
ASN ND2 HD21 sing N N 52  
ASN ND2 HD22 sing N N 53  
ASN OXT HXT  sing N N 54  
ASP N   CA   sing N N 55  
ASP N   H    sing N N 56  
ASP N   H2   sing N N 57  
ASP CA  C    sing N N 58  
ASP CA  CB   sing N N 59  
ASP CA  HA   sing N N 60  
ASP C   O    doub N N 61  
ASP C   OXT  sing N N 62  
ASP CB  CG   sing N N 63  
ASP CB  HB2  sing N N 64  
ASP CB  HB3  sing N N 65  
ASP CG  OD1  doub N N 66  
ASP CG  OD2  sing N N 67  
ASP OD2 HD2  sing N N 68  
ASP OXT HXT  sing N N 69  
GLN N   CA   sing N N 70  
GLN N   H    sing N N 71  
GLN N   H2   sing N N 72  
GLN CA  C    sing N N 73  
GLN CA  CB   sing N N 74  
GLN CA  HA   sing N N 75  
GLN C   O    doub N N 76  
GLN C   OXT  sing N N 77  
GLN CB  CG   sing N N 78  
GLN CB  HB2  sing N N 79  
GLN CB  HB3  sing N N 80  
GLN CG  CD   sing N N 81  
GLN CG  HG2  sing N N 82  
GLN CG  HG3  sing N N 83  
GLN CD  OE1  doub N N 84  
GLN CD  NE2  sing N N 85  
GLN NE2 HE21 sing N N 86  
GLN NE2 HE22 sing N N 87  
GLN OXT HXT  sing N N 88  
GLU N   CA   sing N N 89  
GLU N   H    sing N N 90  
GLU N   H2   sing N N 91  
GLU CA  C    sing N N 92  
GLU CA  CB   sing N N 93  
GLU CA  HA   sing N N 94  
GLU C   O    doub N N 95  
GLU C   OXT  sing N N 96  
GLU CB  CG   sing N N 97  
GLU CB  HB2  sing N N 98  
GLU CB  HB3  sing N N 99  
GLU CG  CD   sing N N 100 
GLU CG  HG2  sing N N 101 
GLU CG  HG3  sing N N 102 
GLU CD  OE1  doub N N 103 
GLU CD  OE2  sing N N 104 
GLU OE2 HE2  sing N N 105 
GLU OXT HXT  sing N N 106 
GLY N   CA   sing N N 107 
GLY N   H    sing N N 108 
GLY N   H2   sing N N 109 
GLY CA  C    sing N N 110 
GLY CA  HA2  sing N N 111 
GLY CA  HA3  sing N N 112 
GLY C   O    doub N N 113 
GLY C   OXT  sing N N 114 
GLY OXT HXT  sing N N 115 
HIS N   CA   sing N N 116 
HIS N   H    sing N N 117 
HIS N   H2   sing N N 118 
HIS CA  C    sing N N 119 
HIS CA  CB   sing N N 120 
HIS CA  HA   sing N N 121 
HIS C   O    doub N N 122 
HIS C   OXT  sing N N 123 
HIS CB  CG   sing N N 124 
HIS CB  HB2  sing N N 125 
HIS CB  HB3  sing N N 126 
HIS CG  ND1  sing Y N 127 
HIS CG  CD2  doub Y N 128 
HIS ND1 CE1  doub Y N 129 
HIS ND1 HD1  sing N N 130 
HIS CD2 NE2  sing Y N 131 
HIS CD2 HD2  sing N N 132 
HIS CE1 NE2  sing Y N 133 
HIS CE1 HE1  sing N N 134 
HIS NE2 HE2  sing N N 135 
HIS OXT HXT  sing N N 136 
HOH O   H1   sing N N 137 
HOH O   H2   sing N N 138 
ILE N   CA   sing N N 139 
ILE N   H    sing N N 140 
ILE N   H2   sing N N 141 
ILE CA  C    sing N N 142 
ILE CA  CB   sing N N 143 
ILE CA  HA   sing N N 144 
ILE C   O    doub N N 145 
ILE C   OXT  sing N N 146 
ILE CB  CG1  sing N N 147 
ILE CB  CG2  sing N N 148 
ILE CB  HB   sing N N 149 
ILE CG1 CD1  sing N N 150 
ILE CG1 HG12 sing N N 151 
ILE CG1 HG13 sing N N 152 
ILE CG2 HG21 sing N N 153 
ILE CG2 HG22 sing N N 154 
ILE CG2 HG23 sing N N 155 
ILE CD1 HD11 sing N N 156 
ILE CD1 HD12 sing N N 157 
ILE CD1 HD13 sing N N 158 
ILE OXT HXT  sing N N 159 
LEU N   CA   sing N N 160 
LEU N   H    sing N N 161 
LEU N   H2   sing N N 162 
LEU CA  C    sing N N 163 
LEU CA  CB   sing N N 164 
LEU CA  HA   sing N N 165 
LEU C   O    doub N N 166 
LEU C   OXT  sing N N 167 
LEU CB  CG   sing N N 168 
LEU CB  HB2  sing N N 169 
LEU CB  HB3  sing N N 170 
LEU CG  CD1  sing N N 171 
LEU CG  CD2  sing N N 172 
LEU CG  HG   sing N N 173 
LEU CD1 HD11 sing N N 174 
LEU CD1 HD12 sing N N 175 
LEU CD1 HD13 sing N N 176 
LEU CD2 HD21 sing N N 177 
LEU CD2 HD22 sing N N 178 
LEU CD2 HD23 sing N N 179 
LEU OXT HXT  sing N N 180 
LYS N   CA   sing N N 181 
LYS N   H    sing N N 182 
LYS N   H2   sing N N 183 
LYS CA  C    sing N N 184 
LYS CA  CB   sing N N 185 
LYS CA  HA   sing N N 186 
LYS C   O    doub N N 187 
LYS C   OXT  sing N N 188 
LYS CB  CG   sing N N 189 
LYS CB  HB2  sing N N 190 
LYS CB  HB3  sing N N 191 
LYS CG  CD   sing N N 192 
LYS CG  HG2  sing N N 193 
LYS CG  HG3  sing N N 194 
LYS CD  CE   sing N N 195 
LYS CD  HD2  sing N N 196 
LYS CD  HD3  sing N N 197 
LYS CE  NZ   sing N N 198 
LYS CE  HE2  sing N N 199 
LYS CE  HE3  sing N N 200 
LYS NZ  HZ1  sing N N 201 
LYS NZ  HZ2  sing N N 202 
LYS NZ  HZ3  sing N N 203 
LYS OXT HXT  sing N N 204 
MET N   CA   sing N N 205 
MET N   H    sing N N 206 
MET N   H2   sing N N 207 
MET CA  C    sing N N 208 
MET CA  CB   sing N N 209 
MET CA  HA   sing N N 210 
MET C   O    doub N N 211 
MET C   OXT  sing N N 212 
MET CB  CG   sing N N 213 
MET CB  HB2  sing N N 214 
MET CB  HB3  sing N N 215 
MET CG  SD   sing N N 216 
MET CG  HG2  sing N N 217 
MET CG  HG3  sing N N 218 
MET SD  CE   sing N N 219 
MET CE  HE1  sing N N 220 
MET CE  HE2  sing N N 221 
MET CE  HE3  sing N N 222 
MET OXT HXT  sing N N 223 
PHE N   CA   sing N N 224 
PHE N   H    sing N N 225 
PHE N   H2   sing N N 226 
PHE CA  C    sing N N 227 
PHE CA  CB   sing N N 228 
PHE CA  HA   sing N N 229 
PHE C   O    doub N N 230 
PHE C   OXT  sing N N 231 
PHE CB  CG   sing N N 232 
PHE CB  HB2  sing N N 233 
PHE CB  HB3  sing N N 234 
PHE CG  CD1  doub Y N 235 
PHE CG  CD2  sing Y N 236 
PHE CD1 CE1  sing Y N 237 
PHE CD1 HD1  sing N N 238 
PHE CD2 CE2  doub Y N 239 
PHE CD2 HD2  sing N N 240 
PHE CE1 CZ   doub Y N 241 
PHE CE1 HE1  sing N N 242 
PHE CE2 CZ   sing Y N 243 
PHE CE2 HE2  sing N N 244 
PHE CZ  HZ   sing N N 245 
PHE OXT HXT  sing N N 246 
PRO N   CA   sing N N 247 
PRO N   CD   sing N N 248 
PRO N   H    sing N N 249 
PRO CA  C    sing N N 250 
PRO CA  CB   sing N N 251 
PRO CA  HA   sing N N 252 
PRO C   O    doub N N 253 
PRO C   OXT  sing N N 254 
PRO CB  CG   sing N N 255 
PRO CB  HB2  sing N N 256 
PRO CB  HB3  sing N N 257 
PRO CG  CD   sing N N 258 
PRO CG  HG2  sing N N 259 
PRO CG  HG3  sing N N 260 
PRO CD  HD2  sing N N 261 
PRO CD  HD3  sing N N 262 
PRO OXT HXT  sing N N 263 
SER N   CA   sing N N 264 
SER N   H    sing N N 265 
SER N   H2   sing N N 266 
SER CA  C    sing N N 267 
SER CA  CB   sing N N 268 
SER CA  HA   sing N N 269 
SER C   O    doub N N 270 
SER C   OXT  sing N N 271 
SER CB  OG   sing N N 272 
SER CB  HB2  sing N N 273 
SER CB  HB3  sing N N 274 
SER OG  HG   sing N N 275 
SER OXT HXT  sing N N 276 
THR N   CA   sing N N 277 
THR N   H    sing N N 278 
THR N   H2   sing N N 279 
THR CA  C    sing N N 280 
THR CA  CB   sing N N 281 
THR CA  HA   sing N N 282 
THR C   O    doub N N 283 
THR C   OXT  sing N N 284 
THR CB  OG1  sing N N 285 
THR CB  CG2  sing N N 286 
THR CB  HB   sing N N 287 
THR OG1 HG1  sing N N 288 
THR CG2 HG21 sing N N 289 
THR CG2 HG22 sing N N 290 
THR CG2 HG23 sing N N 291 
THR OXT HXT  sing N N 292 
TRP N   CA   sing N N 293 
TRP N   H    sing N N 294 
TRP N   H2   sing N N 295 
TRP CA  C    sing N N 296 
TRP CA  CB   sing N N 297 
TRP CA  HA   sing N N 298 
TRP C   O    doub N N 299 
TRP C   OXT  sing N N 300 
TRP CB  CG   sing N N 301 
TRP CB  HB2  sing N N 302 
TRP CB  HB3  sing N N 303 
TRP CG  CD1  doub Y N 304 
TRP CG  CD2  sing Y N 305 
TRP CD1 NE1  sing Y N 306 
TRP CD1 HD1  sing N N 307 
TRP CD2 CE2  doub Y N 308 
TRP CD2 CE3  sing Y N 309 
TRP NE1 CE2  sing Y N 310 
TRP NE1 HE1  sing N N 311 
TRP CE2 CZ2  sing Y N 312 
TRP CE3 CZ3  doub Y N 313 
TRP CE3 HE3  sing N N 314 
TRP CZ2 CH2  doub Y N 315 
TRP CZ2 HZ2  sing N N 316 
TRP CZ3 CH2  sing Y N 317 
TRP CZ3 HZ3  sing N N 318 
TRP CH2 HH2  sing N N 319 
TRP OXT HXT  sing N N 320 
TYR N   CA   sing N N 321 
TYR N   H    sing N N 322 
TYR N   H2   sing N N 323 
TYR CA  C    sing N N 324 
TYR CA  CB   sing N N 325 
TYR CA  HA   sing N N 326 
TYR C   O    doub N N 327 
TYR C   OXT  sing N N 328 
TYR CB  CG   sing N N 329 
TYR CB  HB2  sing N N 330 
TYR CB  HB3  sing N N 331 
TYR CG  CD1  doub Y N 332 
TYR CG  CD2  sing Y N 333 
TYR CD1 CE1  sing Y N 334 
TYR CD1 HD1  sing N N 335 
TYR CD2 CE2  doub Y N 336 
TYR CD2 HD2  sing N N 337 
TYR CE1 CZ   doub Y N 338 
TYR CE1 HE1  sing N N 339 
TYR CE2 CZ   sing Y N 340 
TYR CE2 HE2  sing N N 341 
TYR CZ  OH   sing N N 342 
TYR OH  HH   sing N N 343 
TYR OXT HXT  sing N N 344 
VAL N   CA   sing N N 345 
VAL N   H    sing N N 346 
VAL N   H2   sing N N 347 
VAL CA  C    sing N N 348 
VAL CA  CB   sing N N 349 
VAL CA  HA   sing N N 350 
VAL C   O    doub N N 351 
VAL C   OXT  sing N N 352 
VAL CB  CG1  sing N N 353 
VAL CB  CG2  sing N N 354 
VAL CB  HB   sing N N 355 
VAL CG1 HG11 sing N N 356 
VAL CG1 HG12 sing N N 357 
VAL CG1 HG13 sing N N 358 
VAL CG2 HG21 sing N N 359 
VAL CG2 HG22 sing N N 360 
VAL CG2 HG23 sing N N 361 
VAL OXT HXT  sing N N 362 
# 
_atom_sites.entry_id                    1LIS 
_atom_sites.fract_transf_matrix[1][1]   -0.01519813 
_atom_sites.fract_transf_matrix[1][2]   0.01081407 
_atom_sites.fract_transf_matrix[1][3]   -0.00367300 
_atom_sites.fract_transf_matrix[2][1]   0.01102035 
_atom_sites.fract_transf_matrix[2][2]   0.01766566 
_atom_sites.fract_transf_matrix[2][3]   0.00641142 
_atom_sites.fract_transf_matrix[3][1]   0.00400091 
_atom_sites.fract_transf_matrix[3][2]   0.00169802 
_atom_sites.fract_transf_matrix[3][3]   -0.01155565 
_atom_sites.fract_transf_vector[1]      0.718882 
_atom_sites.fract_transf_vector[2]      0.776757 
_atom_sites.fract_transf_vector[3]      0.889709 
# 
loop_
_atom_type.symbol 
C 
N 
O 
S 
# 
loop_
_atom_site.group_PDB 
_atom_site.id 
_atom_site.type_symbol 
_atom_site.label_atom_id 
_atom_site.label_alt_id 
_atom_site.label_comp_id 
_atom_site.label_asym_id 
_atom_site.label_entity_id 
_atom_site.label_seq_id 
_atom_site.pdbx_PDB_ins_code 
_atom_site.Cartn_x 
_atom_site.Cartn_y 
_atom_site.Cartn_z 
_atom_site.occupancy 
_atom_site.B_iso_or_equiv 
_atom_site.pdbx_formal_charge 
_atom_site.auth_seq_id 
_atom_site.auth_comp_id 
_atom_site.auth_asym_id 
_atom_site.auth_atom_id 
_atom_site.pdbx_PDB_model_num 
ATOM   1    N N   . HIS A 1 4   ? -5.105  29.560  -18.808 1.00 30.41 ? 4   HIS A N   1 
ATOM   2    C CA  . HIS A 1 4   ? -4.038  28.645  -18.443 1.00 27.42 ? 4   HIS A CA  1 
ATOM   3    C C   . HIS A 1 4   ? -4.531  27.207  -18.616 1.00 25.95 ? 4   HIS A C   1 
ATOM   4    O O   . HIS A 1 4   ? -5.664  26.916  -18.193 1.00 25.56 ? 4   HIS A O   1 
ATOM   5    C CB  . HIS A 1 4   ? -3.630  28.880  -16.983 1.00 28.01 ? 4   HIS A CB  1 
ATOM   6    N N   . TYR A 1 5   ? -3.723  26.398  -19.284 1.00 22.15 ? 5   TYR A N   1 
ATOM   7    C CA  . TYR A 1 5   ? -3.996  24.983  -19.432 1.00 20.78 ? 5   TYR A CA  1 
ATOM   8    C C   . TYR A 1 5   ? -3.864  24.233  -18.112 1.00 21.99 ? 5   TYR A C   1 
ATOM   9    O O   . TYR A 1 5   ? -3.176  24.664  -17.180 1.00 23.65 ? 5   TYR A O   1 
ATOM   10   C CB  . TYR A 1 5   ? -3.041  24.353  -20.422 1.00 18.36 ? 5   TYR A CB  1 
ATOM   11   C CG  . TYR A 1 5   ? -3.358  24.765  -21.839 1.00 17.65 ? 5   TYR A CG  1 
ATOM   12   C CD1 . TYR A 1 5   ? -4.303  24.043  -22.544 1.00 18.79 ? 5   TYR A CD1 1 
ATOM   13   C CD2 . TYR A 1 5   ? -2.734  25.844  -22.393 1.00 17.29 ? 5   TYR A CD2 1 
ATOM   14   C CE1 . TYR A 1 5   ? -4.643  24.389  -23.822 1.00 19.78 ? 5   TYR A CE1 1 
ATOM   15   C CE2 . TYR A 1 5   ? -3.070  26.208  -23.683 1.00 20.26 ? 5   TYR A CE2 1 
ATOM   16   C CZ  . TYR A 1 5   ? -4.017  25.476  -24.385 1.00 20.84 ? 5   TYR A CZ  1 
ATOM   17   O OH  . TYR A 1 5   ? -4.316  25.819  -25.685 1.00 22.65 ? 5   TYR A OH  1 
ATOM   18   N N   . VAL A 1 6   ? -4.695  23.190  -17.998 1.00 21.66 ? 6   VAL A N   1 
ATOM   19   C CA  . VAL A 1 6   ? -4.755  22.217  -16.912 1.00 20.80 ? 6   VAL A CA  1 
ATOM   20   C C   . VAL A 1 6   ? -4.126  20.907  -17.390 1.00 19.77 ? 6   VAL A C   1 
ATOM   21   O O   . VAL A 1 6   ? -4.606  20.358  -18.376 1.00 18.23 ? 6   VAL A O   1 
ATOM   22   C CB  . VAL A 1 6   ? -6.255  22.005  -16.544 1.00 20.78 ? 6   VAL A CB  1 
ATOM   23   C CG1 . VAL A 1 6   ? -6.478  20.845  -15.599 1.00 20.99 ? 6   VAL A CG1 1 
ATOM   24   C CG2 . VAL A 1 6   ? -6.738  23.245  -15.877 1.00 23.03 ? 6   VAL A CG2 1 
ATOM   25   N N   . GLU A 1 7   ? -3.117  20.339  -16.751 1.00 20.96 ? 7   GLU A N   1 
ATOM   26   C CA  . GLU A 1 7   ? -2.600  19.027  -17.138 1.00 24.58 ? 7   GLU A CA  1 
ATOM   27   C C   . GLU A 1 7   ? -3.521  17.972  -16.561 1.00 24.84 ? 7   GLU A C   1 
ATOM   28   O O   . GLU A 1 7   ? -3.769  18.016  -15.353 1.00 26.88 ? 7   GLU A O   1 
ATOM   29   C CB  . GLU A 1 7   ? -1.242  18.716  -16.567 1.00 27.98 ? 7   GLU A CB  1 
ATOM   30   C CG  . GLU A 1 7   ? -0.103  19.407  -17.301 1.00 36.78 ? 7   GLU A CG  1 
ATOM   31   C CD  . GLU A 1 7   ? 1.264   19.319  -16.597 1.00 42.58 ? 7   GLU A CD  1 
ATOM   32   O OE1 . GLU A 1 7   ? 1.432   18.512  -15.652 1.00 44.26 ? 7   GLU A OE1 1 
ATOM   33   O OE2 . GLU A 1 7   ? 2.152   20.081  -17.019 1.00 45.25 ? 7   GLU A OE2 1 
ATOM   34   N N   . PRO A 1 8   ? -4.164  17.068  -17.294 1.00 23.97 ? 8   PRO A N   1 
ATOM   35   C CA  . PRO A 1 8   ? -5.026  16.061  -16.704 1.00 24.52 ? 8   PRO A CA  1 
ATOM   36   C C   . PRO A 1 8   ? -4.245  15.058  -15.862 1.00 25.81 ? 8   PRO A C   1 
ATOM   37   O O   . PRO A 1 8   ? -3.100  14.693  -16.147 1.00 27.85 ? 8   PRO A O   1 
ATOM   38   C CB  . PRO A 1 8   ? -5.715  15.443  -17.895 1.00 23.61 ? 8   PRO A CB  1 
ATOM   39   C CG  . PRO A 1 8   ? -4.650  15.547  -18.951 1.00 22.63 ? 8   PRO A CG  1 
ATOM   40   C CD  . PRO A 1 8   ? -4.130  16.965  -18.740 1.00 22.31 ? 8   PRO A CD  1 
ATOM   41   N N   . LYS A 1 9   ? -4.797  14.658  -14.736 1.00 27.30 ? 9   LYS A N   1 
ATOM   42   C CA  . LYS A 1 9   ? -4.244  13.545  -13.972 1.00 27.16 ? 9   LYS A CA  1 
ATOM   43   C C   . LYS A 1 9   ? -4.458  12.199  -14.669 1.00 26.83 ? 9   LYS A C   1 
ATOM   44   O O   . LYS A 1 9   ? -5.522  11.924  -15.218 1.00 26.29 ? 9   LYS A O   1 
ATOM   45   C CB  . LYS A 1 9   ? -4.902  13.478  -12.617 1.00 28.43 ? 9   LYS A CB  1 
ATOM   46   C CG  . LYS A 1 9   ? -4.305  14.443  -11.597 1.00 32.46 ? 9   LYS A CG  1 
ATOM   47   C CD  . LYS A 1 9   ? -4.474  13.770  -10.205 1.00 37.76 ? 9   LYS A CD  1 
ATOM   48   C CE  . LYS A 1 9   ? -3.692  12.383  -10.021 1.00 39.96 ? 9   LYS A CE  1 
ATOM   49   N NZ  . LYS A 1 9   ? -4.176  11.488  -8.968  1.00 33.79 ? 9   LYS A NZ  1 
ATOM   50   N N   . PHE A 1 10  ? -3.508  11.279  -14.554 1.00 26.41 ? 10  PHE A N   1 
ATOM   51   C CA  . PHE A 1 10  ? -3.638  9.967   -15.181 1.00 25.21 ? 10  PHE A CA  1 
ATOM   52   C C   . PHE A 1 10  ? -4.724  9.094   -14.567 1.00 25.08 ? 10  PHE A C   1 
ATOM   53   O O   . PHE A 1 10  ? -5.238  8.170   -15.177 1.00 26.95 ? 10  PHE A O   1 
ATOM   54   C CB  . PHE A 1 10  ? -2.271  9.301   -15.121 1.00 26.13 ? 10  PHE A CB  1 
ATOM   55   C CG  . PHE A 1 10  ? -1.240  10.106  -15.913 1.00 29.29 ? 10  PHE A CG  1 
ATOM   56   C CD1 . PHE A 1 10  ? -1.628  10.983  -16.929 1.00 30.45 ? 10  PHE A CD1 1 
ATOM   57   C CD2 . PHE A 1 10  ? 0.093   9.980   -15.597 1.00 31.31 ? 10  PHE A CD2 1 
ATOM   58   C CE1 . PHE A 1 10  ? -0.715  11.732  -17.621 1.00 30.05 ? 10  PHE A CE1 1 
ATOM   59   C CE2 . PHE A 1 10  ? 1.015   10.733  -16.295 1.00 32.77 ? 10  PHE A CE2 1 
ATOM   60   C CZ  . PHE A 1 10  ? 0.611   11.599  -17.298 1.00 33.13 ? 10  PHE A CZ  1 
ATOM   61   N N   . LEU A 1 11  ? -5.122  9.398   -13.341 1.00 22.47 ? 11  LEU A N   1 
ATOM   62   C CA  . LEU A 1 11  ? -6.204  8.728   -12.642 1.00 19.12 ? 11  LEU A CA  1 
ATOM   63   C C   . LEU A 1 11  ? -6.829  9.829   -11.787 1.00 16.99 ? 11  LEU A C   1 
ATOM   64   O O   . LEU A 1 11  ? -6.088  10.562  -11.118 1.00 15.19 ? 11  LEU A O   1 
ATOM   65   C CB  . LEU A 1 11  ? -5.728  7.639   -11.650 1.00 20.73 ? 11  LEU A CB  1 
ATOM   66   C CG  . LEU A 1 11  ? -6.365  6.266   -11.426 1.00 20.54 ? 11  LEU A CG  1 
ATOM   67   C CD1 . LEU A 1 11  ? -5.917  5.768   -10.076 1.00 18.75 ? 11  LEU A CD1 1 
ATOM   68   C CD2 . LEU A 1 11  ? -7.836  6.315   -11.506 1.00 19.42 ? 11  LEU A CD2 1 
ATOM   69   N N   . ASN A 1 12  ? -8.148  10.019  -11.769 1.00 14.84 ? 12  ASN A N   1 
ATOM   70   C CA  . ASN A 1 12  ? -8.811  10.984  -10.891 1.00 17.90 ? 12  ASN A CA  1 
ATOM   71   C C   . ASN A 1 12  ? -8.277  10.859  -9.457  1.00 19.39 ? 12  ASN A C   1 
ATOM   72   O O   . ASN A 1 12  ? -8.172  9.737   -8.936  1.00 17.49 ? 12  ASN A O   1 
ATOM   73   C CB  . ASN A 1 12  ? -10.317 10.756  -10.819 1.00 17.29 ? 12  ASN A CB  1 
ATOM   74   C CG  . ASN A 1 12  ? -10.977 10.697  -12.194 1.00 23.49 ? 12  ASN A CG  1 
ATOM   75   O OD1 . ASN A 1 12  ? -10.375 10.300  -13.182 1.00 23.94 ? 12  ASN A OD1 1 
ATOM   76   N ND2 . ASN A 1 12  ? -12.209 11.069  -12.470 1.00 23.28 ? 12  ASN A ND2 1 
ATOM   77   N N   . LYS A 1 13  ? -7.826  11.953  -8.834  1.00 19.12 ? 13  LYS A N   1 
ATOM   78   C CA  . LYS A 1 13  ? -7.318  11.913  -7.462  1.00 20.66 ? 13  LYS A CA  1 
ATOM   79   C C   . LYS A 1 13  ? -8.247  11.196  -6.483  1.00 19.52 ? 13  LYS A C   1 
ATOM   80   O O   . LYS A 1 13  ? -7.730  10.360  -5.753  1.00 21.10 ? 13  LYS A O   1 
ATOM   81   C CB  . LYS A 1 13  ? -7.047  13.350  -6.974  1.00 25.04 ? 13  LYS A CB  1 
ATOM   82   C CG  . LYS A 1 13  ? -6.351  13.370  -5.627  1.00 31.23 ? 13  LYS A CG  1 
ATOM   83   C CD  . LYS A 1 13  ? -6.756  14.595  -4.808  1.00 38.24 ? 13  LYS A CD  1 
ATOM   84   C CE  . LYS A 1 13  ? -5.607  15.620  -4.540  1.00 44.73 ? 13  LYS A CE  1 
ATOM   85   N NZ  . LYS A 1 13  ? -5.354  16.562  -5.640  1.00 47.14 ? 13  LYS A NZ  1 
ATOM   86   N N   . ALA A 1 14  ? -9.583  11.387  -6.466  1.00 16.90 ? 14  ALA A N   1 
ATOM   87   C CA  . ALA A 1 14  ? -10.487 10.616  -5.593  1.00 14.68 ? 14  ALA A CA  1 
ATOM   88   C C   . ALA A 1 14  ? -10.374 9.092   -5.769  1.00 15.90 ? 14  ALA A C   1 
ATOM   89   O O   . ALA A 1 14  ? -10.546 8.298   -4.832  1.00 15.31 ? 14  ALA A O   1 
ATOM   90   C CB  . ALA A 1 14  ? -11.968 10.951  -5.847  1.00 12.69 ? 14  ALA A CB  1 
ATOM   91   N N   . PHE A 1 15  ? -10.080 8.661   -7.004  1.00 13.88 ? 15  PHE A N   1 
ATOM   92   C CA  . PHE A 1 15  ? -9.933  7.238   -7.314  1.00 14.06 ? 15  PHE A CA  1 
ATOM   93   C C   . PHE A 1 15  ? -8.579  6.724   -6.825  1.00 13.73 ? 15  PHE A C   1 
ATOM   94   O O   . PHE A 1 15  ? -8.493  5.637   -6.244  1.00 13.80 ? 15  PHE A O   1 
ATOM   95   C CB  . PHE A 1 15  ? -10.030 7.011   -8.815  1.00 15.36 ? 15  PHE A CB  1 
ATOM   96   C CG  . PHE A 1 15  ? -11.371 7.361   -9.480  1.00 15.95 ? 15  PHE A CG  1 
ATOM   97   C CD1 . PHE A 1 15  ? -12.513 7.583   -8.732  1.00 15.85 ? 15  PHE A CD1 1 
ATOM   98   C CD2 . PHE A 1 15  ? -11.430 7.397   -10.860 1.00 15.36 ? 15  PHE A CD2 1 
ATOM   99   C CE1 . PHE A 1 15  ? -13.717 7.836   -9.358  1.00 15.71 ? 15  PHE A CE1 1 
ATOM   100  C CE2 . PHE A 1 15  ? -12.640 7.648   -11.468 1.00 15.54 ? 15  PHE A CE2 1 
ATOM   101  C CZ  . PHE A 1 15  ? -13.775 7.864   -10.721 1.00 16.08 ? 15  PHE A CZ  1 
ATOM   102  N N   . GLU A 1 16  ? -7.529  7.535   -7.034  1.00 12.97 ? 16  GLU A N   1 
ATOM   103  C CA  . GLU A 1 16  ? -6.189  7.210   -6.587  1.00 13.86 ? 16  GLU A CA  1 
ATOM   104  C C   . GLU A 1 16  ? -6.164  7.071   -5.065  1.00 15.14 ? 16  GLU A C   1 
ATOM   105  O O   . GLU A 1 16  ? -5.651  6.081   -4.527  1.00 14.96 ? 16  GLU A O   1 
ATOM   106  C CB  . GLU A 1 16  ? -5.196  8.304   -6.990  1.00 15.33 ? 16  GLU A CB  1 
ATOM   107  C CG  . GLU A 1 16  ? -3.785  8.036   -6.430  1.00 16.43 ? 16  GLU A CG  1 
ATOM   108  C CD  . GLU A 1 16  ? -2.762  9.137   -6.666  1.00 19.20 ? 16  GLU A CD  1 
ATOM   109  O OE1 . GLU A 1 16  ? -2.597  9.539   -7.837  1.00 20.31 ? 16  GLU A OE1 1 
ATOM   110  O OE2 . GLU A 1 16  ? -2.187  9.618   -5.673  1.00 17.84 ? 16  GLU A OE2 1 
ATOM   111  N N   . VAL A 1 17  ? -6.754  8.066   -4.369  1.00 13.70 ? 17  VAL A N   1 
ATOM   112  C CA  . VAL A 1 17  ? -6.910  8.040   -2.905  1.00 13.42 ? 17  VAL A CA  1 
ATOM   113  C C   . VAL A 1 17  ? -7.693  6.821   -2.397  1.00 14.12 ? 17  VAL A C   1 
ATOM   114  O O   . VAL A 1 17  ? -7.228  6.131   -1.470  1.00 13.80 ? 17  VAL A O   1 
ATOM   115  C CB  . VAL A 1 17  ? -7.596  9.349   -2.460  1.00 12.50 ? 17  VAL A CB  1 
ATOM   116  C CG1 . VAL A 1 17  ? -7.951  9.292   -1.001  1.00 14.48 ? 17  VAL A CG1 1 
ATOM   117  C CG2 . VAL A 1 17  ? -6.610  10.509  -2.589  1.00 11.47 ? 17  VAL A CG2 1 
ATOM   118  N N   . ALA A 1 18  ? -8.840  6.482   -3.012  1.00 13.52 ? 18  ALA A N   1 
ATOM   119  C CA  . ALA A 1 18  ? -9.625  5.318   -2.607  1.00 13.92 ? 18  ALA A CA  1 
ATOM   120  C C   . ALA A 1 18  ? -8.781  4.047   -2.640  1.00 15.36 ? 18  ALA A C   1 
ATOM   121  O O   . ALA A 1 18  ? -8.804  3.196   -1.749  1.00 15.50 ? 18  ALA A O   1 
ATOM   122  C CB  . ALA A 1 18  ? -10.773 5.028   -3.536  1.00 14.26 ? 18  ALA A CB  1 
ATOM   123  N N   . LEU A 1 19  ? -7.998  3.920   -3.708  1.00 14.18 ? 19  LEU A N   1 
ATOM   124  C CA  . LEU A 1 19  ? -7.071  2.797   -3.881  1.00 14.87 ? 19  LEU A CA  1 
ATOM   125  C C   . LEU A 1 19  ? -5.942  2.739   -2.814  1.00 13.82 ? 19  LEU A C   1 
ATOM   126  O O   . LEU A 1 19  ? -5.770  1.728   -2.131  1.00 13.27 ? 19  LEU A O   1 
ATOM   127  C CB  . LEU A 1 19  ? -6.516  2.942   -5.305  1.00 15.02 ? 19  LEU A CB  1 
ATOM   128  C CG  . LEU A 1 19  ? -6.610  1.930   -6.410  1.00 18.48 ? 19  LEU A CG  1 
ATOM   129  C CD1 . LEU A 1 19  ? -7.764  0.979   -6.306  1.00 14.85 ? 19  LEU A CD1 1 
ATOM   130  C CD2 . LEU A 1 19  ? -6.534  2.774   -7.651  1.00 13.24 ? 19  LEU A CD2 1 
ATOM   131  N N   . LYS A 1 20  ? -5.214  3.825   -2.572  1.00 10.44 ? 20  LYS A N   1 
ATOM   132  C CA  . LYS A 1 20  ? -4.094  3.837   -1.658  1.00 10.67 ? 20  LYS A CA  1 
ATOM   133  C C   . LYS A 1 20  ? -4.547  3.615   -0.228  1.00 12.99 ? 20  LYS A C   1 
ATOM   134  O O   . LYS A 1 20  ? -3.922  2.886   0.524   1.00 13.90 ? 20  LYS A O   1 
ATOM   135  C CB  . LYS A 1 20  ? -3.353  5.171   -1.735  1.00 11.40 ? 20  LYS A CB  1 
ATOM   136  C CG  . LYS A 1 20  ? -2.719  5.381   -3.108  1.00 11.20 ? 20  LYS A CG  1 
ATOM   137  C CD  . LYS A 1 20  ? -1.811  6.596   -3.203  1.00 14.61 ? 20  LYS A CD  1 
ATOM   138  C CE  . LYS A 1 20  ? -2.451  7.886   -2.691  1.00 14.99 ? 20  LYS A CE  1 
ATOM   139  N NZ  . LYS A 1 20  ? -1.593  9.026   -3.003  1.00 15.07 ? 20  LYS A NZ  1 
ATOM   140  N N   . VAL A 1 21  ? -5.671  4.199   0.186   1.00 12.84 ? 21  VAL A N   1 
ATOM   141  C CA  . VAL A 1 21  ? -6.208  4.018   1.519   1.00 12.63 ? 21  VAL A CA  1 
ATOM   142  C C   . VAL A 1 21  ? -6.552  2.570   1.831   1.00 12.21 ? 21  VAL A C   1 
ATOM   143  O O   . VAL A 1 21  ? -6.194  2.039   2.898   1.00 11.28 ? 21  VAL A O   1 
ATOM   144  C CB  . VAL A 1 21  ? -7.445  4.935   1.651   1.00 14.17 ? 21  VAL A CB  1 
ATOM   145  C CG1 . VAL A 1 21  ? -8.258  4.609   2.896   1.00 17.14 ? 21  VAL A CG1 1 
ATOM   146  C CG2 . VAL A 1 21  ? -6.949  6.389   1.804   1.00 12.78 ? 21  VAL A CG2 1 
ATOM   147  N N   . GLN A 1 22  ? -7.257  1.924   0.895   1.00 10.63 ? 22  GLN A N   1 
ATOM   148  C CA  . GLN A 1 22  ? -7.642  0.523   1.056   1.00 12.14 ? 22  GLN A CA  1 
ATOM   149  C C   . GLN A 1 22  ? -6.462  -0.450  1.006   1.00 11.57 ? 22  GLN A C   1 
ATOM   150  O O   . GLN A 1 22  ? -6.379  -1.381  1.811   1.00 12.74 ? 22  GLN A O   1 
ATOM   151  C CB  . GLN A 1 22  ? -8.647  0.095   -0.022  1.00 12.74 ? 22  GLN A CB  1 
ATOM   152  C CG  . GLN A 1 22  ? -9.930  0.888   0.023   1.00 16.10 ? 22  GLN A CG  1 
ATOM   153  C CD  . GLN A 1 22  ? -10.590 0.746   1.387   1.00 21.95 ? 22  GLN A CD  1 
ATOM   154  O OE1 . GLN A 1 22  ? -10.659 -0.334  1.998   1.00 23.87 ? 22  GLN A OE1 1 
ATOM   155  N NE2 . GLN A 1 22  ? -11.104 1.788   1.995   1.00 20.73 ? 22  GLN A NE2 1 
ATOM   156  N N   . ILE A 1 23  ? -5.529  -0.262  0.076   1.00 10.06 ? 23  ILE A N   1 
ATOM   157  C CA  . ILE A 1 23  ? -4.369  -1.128  -0.015  1.00 10.53 ? 23  ILE A CA  1 
ATOM   158  C C   . ILE A 1 23  ? -3.523  -1.006  1.263   1.00 11.00 ? 23  ILE A C   1 
ATOM   159  O O   . ILE A 1 23  ? -3.222  -2.035  1.885   1.00 11.25 ? 23  ILE A O   1 
ATOM   160  C CB  . ILE A 1 23  ? -3.519  -0.747  -1.251  1.00 10.95 ? 23  ILE A CB  1 
ATOM   161  C CG1 . ILE A 1 23  ? -4.216  -1.114  -2.536  1.00 10.48 ? 23  ILE A CG1 1 
ATOM   162  C CG2 . ILE A 1 23  ? -2.228  -1.549  -1.244  1.00 10.65 ? 23  ILE A CG2 1 
ATOM   163  C CD1 . ILE A 1 23  ? -3.507  -0.438  -3.755  1.00 10.25 ? 23  ILE A CD1 1 
ATOM   164  N N   . ILE A 1 24  ? -3.165  0.204   1.728   1.00 9.24  ? 24  ILE A N   1 
ATOM   165  C CA  . ILE A 1 24  ? -2.384  0.345   2.977   1.00 11.71 ? 24  ILE A CA  1 
ATOM   166  C C   . ILE A 1 24  ? -3.175  -0.137  4.219   1.00 12.01 ? 24  ILE A C   1 
ATOM   167  O O   . ILE A 1 24  ? -2.585  -0.820  5.058   1.00 11.64 ? 24  ILE A O   1 
ATOM   168  C CB  . ILE A 1 24  ? -1.921  1.849   3.142   1.00 10.48 ? 24  ILE A CB  1 
ATOM   169  C CG1 . ILE A 1 24  ? -0.873  2.147   2.048   1.00 12.82 ? 24  ILE A CG1 1 
ATOM   170  C CG2 . ILE A 1 24  ? -1.351  2.118   4.532   1.00 11.75 ? 24  ILE A CG2 1 
ATOM   171  C CD1 . ILE A 1 24  ? -0.629  3.671   1.927   1.00 15.55 ? 24  ILE A CD1 1 
ATOM   172  N N   . ALA A 1 25  ? -4.512  0.072   4.313   1.00 11.22 ? 25  ALA A N   1 
ATOM   173  C CA  . ALA A 1 25  ? -5.295  -0.396  5.476   1.00 12.44 ? 25  ALA A CA  1 
ATOM   174  C C   . ALA A 1 25  ? -5.244  -1.934  5.495   1.00 12.56 ? 25  ALA A C   1 
ATOM   175  O O   . ALA A 1 25  ? -5.137  -2.564  6.536   1.00 14.39 ? 25  ALA A O   1 
ATOM   176  C CB  . ALA A 1 25  ? -6.750  0.016   5.359   1.00 10.87 ? 25  ALA A CB  1 
ATOM   177  N N   . GLY A 1 26  ? -5.371  -2.602  4.350   1.00 12.57 ? 26  GLY A N   1 
ATOM   178  C CA  . GLY A 1 26  ? -5.280  -4.052  4.250   1.00 10.66 ? 26  GLY A CA  1 
ATOM   179  C C   . GLY A 1 26  ? -3.903  -4.555  4.640   1.00 11.44 ? 26  GLY A C   1 
ATOM   180  O O   . GLY A 1 26  ? -3.794  -5.450  5.489   1.00 11.64 ? 26  GLY A O   1 
ATOM   181  N N   . PHE A 1 27  ? -2.841  -3.955  4.089   1.00 9.94  ? 27  PHE A N   1 
ATOM   182  C CA  . PHE A 1 27  ? -1.475  -4.378  4.435   1.00 9.94  ? 27  PHE A CA  1 
ATOM   183  C C   . PHE A 1 27  ? -1.146  -4.211  5.926   1.00 11.12 ? 27  PHE A C   1 
ATOM   184  O O   . PHE A 1 27  ? -0.630  -5.133  6.579   1.00 10.77 ? 27  PHE A O   1 
ATOM   185  C CB  . PHE A 1 27  ? -0.450  -3.585  3.634   1.00 7.25  ? 27  PHE A CB  1 
ATOM   186  C CG  . PHE A 1 27  ? -0.405  -3.905  2.150   1.00 8.69  ? 27  PHE A CG  1 
ATOM   187  C CD1 . PHE A 1 27  ? -1.207  -4.863  1.569   1.00 7.60  ? 27  PHE A CD1 1 
ATOM   188  C CD2 . PHE A 1 27  ? 0.525   -3.234  1.379   1.00 9.52  ? 27  PHE A CD2 1 
ATOM   189  C CE1 . PHE A 1 27  ? -1.084  -5.167  0.235   1.00 8.54  ? 27  PHE A CE1 1 
ATOM   190  C CE2 . PHE A 1 27  ? 0.643   -3.548  0.033   1.00 9.49  ? 27  PHE A CE2 1 
ATOM   191  C CZ  . PHE A 1 27  ? -0.154  -4.512  -0.541  1.00 8.27  ? 27  PHE A CZ  1 
ATOM   192  N N   . ASP A 1 28  ? -1.544  -3.046  6.494   1.00 10.83 ? 28  ASP A N   1 
ATOM   193  C CA  . ASP A 1 28  ? -1.373  -2.755  7.918   1.00 11.14 ? 28  ASP A CA  1 
ATOM   194  C C   . ASP A 1 28  ? -2.167  -3.695  8.823   1.00 12.37 ? 28  ASP A C   1 
ATOM   195  O O   . ASP A 1 28  ? -1.683  -4.148  9.861   1.00 11.64 ? 28  ASP A O   1 
ATOM   196  C CB  . ASP A 1 28  ? -1.804  -1.325  8.221   1.00 10.59 ? 28  ASP A CB  1 
ATOM   197  C CG  . ASP A 1 28  ? -0.764  -0.312  7.767   1.00 13.72 ? 28  ASP A CG  1 
ATOM   198  O OD1 . ASP A 1 28  ? 0.288   -0.658  7.209   1.00 14.58 ? 28  ASP A OD1 1 
ATOM   199  O OD2 . ASP A 1 28  ? -0.994  0.862   7.987   1.00 11.47 ? 28  ASP A OD2 1 
ATOM   200  N N   . ARG A 1 29  ? -3.401  -4.063  8.443   1.00 13.31 ? 29  ARG A N   1 
ATOM   201  C CA  . ARG A 1 29  ? -4.227  -4.995  9.213   1.00 15.88 ? 29  ARG A CA  1 
ATOM   202  C C   . ARG A 1 29  ? -3.513  -6.346  9.395   1.00 14.70 ? 29  ARG A C   1 
ATOM   203  O O   . ARG A 1 29  ? -3.477  -6.943  10.472  1.00 14.05 ? 29  ARG A O   1 
ATOM   204  C CB  . ARG A 1 29  ? -5.480  -5.096  8.415   1.00 21.69 ? 29  ARG A CB  1 
ATOM   205  C CG  . ARG A 1 29  ? -6.642  -5.939  8.875   1.00 30.92 ? 29  ARG A CG  1 
ATOM   206  C CD  . ARG A 1 29  ? -7.763  -5.514  7.883   1.00 38.34 ? 29  ARG A CD  1 
ATOM   207  N NE  . ARG A 1 29  ? -8.184  -4.110  8.057   1.00 44.83 ? 29  ARG A NE  1 
ATOM   208  C CZ  . ARG A 1 29  ? -8.616  -3.298  7.096   1.00 47.34 ? 29  ARG A CZ  1 
ATOM   209  N NH1 . ARG A 1 29  ? -8.722  -3.676  5.837   1.00 46.61 ? 29  ARG A NH1 1 
ATOM   210  N NH2 . ARG A 1 29  ? -8.979  -2.080  7.447   1.00 48.67 ? 29  ARG A NH2 1 
ATOM   211  N N   . GLY A 1 30  ? -2.978  -6.885  8.309   1.00 12.21 ? 30  GLY A N   1 
ATOM   212  C CA  . GLY A 1 30  ? -2.206  -8.108  8.334   1.00 12.92 ? 30  GLY A CA  1 
ATOM   213  C C   . GLY A 1 30  ? -0.951  -7.969  9.199   1.00 13.89 ? 30  GLY A C   1 
ATOM   214  O O   . GLY A 1 30  ? -0.599  -8.882  9.960   1.00 14.34 ? 30  GLY A O   1 
ATOM   215  N N   . LEU A 1 31  ? -0.245  -6.838  9.099   1.00 11.97 ? 31  LEU A N   1 
ATOM   216  C CA  . LEU A 1 31  ? 0.892   -6.539  10.005  1.00 11.32 ? 31  LEU A CA  1 
ATOM   217  C C   . LEU A 1 31  ? 0.476   -6.507  11.481  1.00 12.33 ? 31  LEU A C   1 
ATOM   218  O O   . LEU A 1 31  ? 1.180   -7.079  12.295  1.00 12.71 ? 31  LEU A O   1 
ATOM   219  C CB  . LEU A 1 31  ? 1.561   -5.160  9.688   1.00 9.83  ? 31  LEU A CB  1 
ATOM   220  C CG  . LEU A 1 31  ? 2.815   -4.761  10.467  1.00 9.33  ? 31  LEU A CG  1 
ATOM   221  C CD1 . LEU A 1 31  ? 3.840   -5.873  10.384  1.00 10.09 ? 31  LEU A CD1 1 
ATOM   222  C CD2 . LEU A 1 31  ? 3.411   -3.484  9.883   1.00 9.13  ? 31  LEU A CD2 1 
ATOM   223  N N   . VAL A 1 32  ? -0.653  -5.928  11.893  1.00 12.84 ? 32  VAL A N   1 
ATOM   224  C CA  . VAL A 1 32  ? -1.076  -5.927  13.302  1.00 13.82 ? 32  VAL A CA  1 
ATOM   225  C C   . VAL A 1 32  ? -1.274  -7.369  13.794  1.00 13.93 ? 32  VAL A C   1 
ATOM   226  O O   . VAL A 1 32  ? -0.846  -7.772  14.882  1.00 13.43 ? 32  VAL A O   1 
ATOM   227  C CB  . VAL A 1 32  ? -2.387  -5.130  13.411  1.00 14.16 ? 32  VAL A CB  1 
ATOM   228  C CG1 . VAL A 1 32  ? -2.936  -5.259  14.823  1.00 15.32 ? 32  VAL A CG1 1 
ATOM   229  C CG2 . VAL A 1 32  ? -2.134  -3.661  13.149  1.00 13.85 ? 32  VAL A CG2 1 
ATOM   230  N N   . LYS A 1 33  ? -1.933  -8.202  12.981  1.00 14.52 ? 33  LYS A N   1 
ATOM   231  C CA  . LYS A 1 33  ? -2.120  -9.623  13.346  1.00 13.80 ? 33  LYS A CA  1 
ATOM   232  C C   . LYS A 1 33  ? -0.772  -10.329 13.517  1.00 13.80 ? 33  LYS A C   1 
ATOM   233  O O   . LYS A 1 33  ? -0.627  -11.125 14.432  1.00 12.58 ? 33  LYS A O   1 
ATOM   234  C CB  . LYS A 1 33  ? -2.888  -10.402 12.282  1.00 13.02 ? 33  LYS A CB  1 
ATOM   235  C CG  . LYS A 1 33  ? -4.311  -9.892  12.174  1.00 17.30 ? 33  LYS A CG  1 
ATOM   236  C CD  . LYS A 1 33  ? -4.828  -10.789 11.078  1.00 24.56 ? 33  LYS A CD  1 
ATOM   237  C CE  . LYS A 1 33  ? -6.321  -11.015 11.120  1.00 27.89 ? 33  LYS A CE  1 
ATOM   238  N NZ  . LYS A 1 33  ? -7.006  -9.813  10.749  1.00 32.41 ? 33  LYS A NZ  1 
ATOM   239  N N   . TRP A 1 34  ? 0.229   -10.088 12.649  1.00 12.07 ? 34  TRP A N   1 
ATOM   240  C CA  . TRP A 1 34  ? 1.532   -10.725 12.777  1.00 12.56 ? 34  TRP A CA  1 
ATOM   241  C C   . TRP A 1 34  ? 2.296   -10.207 14.011  1.00 13.55 ? 34  TRP A C   1 
ATOM   242  O O   . TRP A 1 34  ? 2.949   -10.967 14.753  1.00 11.29 ? 34  TRP A O   1 
ATOM   243  C CB  . TRP A 1 34  ? 2.347   -10.468 11.482  1.00 11.69 ? 34  TRP A CB  1 
ATOM   244  C CG  . TRP A 1 34  ? 3.721   -11.113 11.359  1.00 12.27 ? 34  TRP A CG  1 
ATOM   245  C CD1 . TRP A 1 34  ? 3.920   -12.394 10.873  1.00 12.56 ? 34  TRP A CD1 1 
ATOM   246  C CD2 . TRP A 1 34  ? 4.898   -10.495 11.681  1.00 11.28 ? 34  TRP A CD2 1 
ATOM   247  N NE1 . TRP A 1 34  ? 5.227   -12.579 10.879  1.00 9.25  ? 34  TRP A NE1 1 
ATOM   248  C CE2 . TRP A 1 34  ? 5.835   -11.470 11.355  1.00 11.06 ? 34  TRP A CE2 1 
ATOM   249  C CE3 . TRP A 1 34  ? 5.259   -9.274  12.188  1.00 9.89  ? 34  TRP A CE3 1 
ATOM   250  C CZ2 . TRP A 1 34  ? 7.183   -11.234 11.528  1.00 10.66 ? 34  TRP A CZ2 1 
ATOM   251  C CZ3 . TRP A 1 34  ? 6.617   -9.037  12.363  1.00 11.48 ? 34  TRP A CZ3 1 
ATOM   252  C CH2 . TRP A 1 34  ? 7.563   -10.002 12.037  1.00 10.66 ? 34  TRP A CH2 1 
ATOM   253  N N   . LEU A 1 35  ? 2.225   -8.895  14.257  1.00 11.91 ? 35  LEU A N   1 
ATOM   254  C CA  . LEU A 1 35  ? 2.874   -8.311  15.423  1.00 13.49 ? 35  LEU A CA  1 
ATOM   255  C C   . LEU A 1 35  ? 2.175   -8.749  16.716  1.00 14.55 ? 35  LEU A C   1 
ATOM   256  O O   . LEU A 1 35  ? 2.821   -8.667  17.758  1.00 14.81 ? 35  LEU A O   1 
ATOM   257  C CB  . LEU A 1 35  ? 2.872   -6.753  15.386  1.00 12.63 ? 35  LEU A CB  1 
ATOM   258  C CG  . LEU A 1 35  ? 3.724   -6.022  14.333  1.00 12.09 ? 35  LEU A CG  1 
ATOM   259  C CD1 . LEU A 1 35  ? 3.409   -4.534  14.332  1.00 14.27 ? 35  LEU A CD1 1 
ATOM   260  C CD2 . LEU A 1 35  ? 5.180   -6.204  14.633  1.00 13.30 ? 35  LEU A CD2 1 
ATOM   261  N N   . ARG A 1 36  ? 0.918   -9.209  16.762  1.00 16.40 ? 36  ARG A N   1 
ATOM   262  C CA  . ARG A 1 36  ? 0.419   -9.732  18.046  1.00 19.16 ? 36  ARG A CA  1 
ATOM   263  C C   . ARG A 1 36  ? 1.175   -11.011 18.408  1.00 17.44 ? 36  ARG A C   1 
ATOM   264  O O   . ARG A 1 36  ? 1.275   -11.390 19.556  1.00 17.82 ? 36  ARG A O   1 
ATOM   265  C CB  . ARG A 1 36  ? -1.103  -10.023 18.024  1.00 23.91 ? 36  ARG A CB  1 
ATOM   266  C CG  . ARG A 1 36  ? -1.608  -11.120 17.134  1.00 34.25 ? 36  ARG A CG  1 
ATOM   267  C CD  . ARG A 1 36  ? -3.152  -11.202 16.924  1.00 38.59 ? 36  ARG A CD  1 
ATOM   268  N NE  . ARG A 1 36  ? -3.726  -12.084 15.880  1.00 38.92 ? 36  ARG A NE  1 
ATOM   269  C CZ  . ARG A 1 36  ? -3.180  -13.046 15.126  1.00 35.98 ? 36  ARG A CZ  1 
ATOM   270  N NH1 . ARG A 1 36  ? -1.922  -13.337 15.107  1.00 34.26 ? 36  ARG A NH1 1 
ATOM   271  N NH2 . ARG A 1 36  ? -3.969  -13.742 14.305  1.00 35.59 ? 36  ARG A NH2 1 
ATOM   272  N N   . VAL A 1 37  ? 1.760   -11.732 17.466  1.00 16.41 ? 37  VAL A N   1 
ATOM   273  C CA  . VAL A 1 37  ? 2.638   -12.865 17.783  1.00 18.08 ? 37  VAL A CA  1 
ATOM   274  C C   . VAL A 1 37  ? 4.086   -12.443 18.037  1.00 18.59 ? 37  VAL A C   1 
ATOM   275  O O   . VAL A 1 37  ? 4.756   -12.865 18.968  1.00 17.86 ? 37  VAL A O   1 
ATOM   276  C CB  . VAL A 1 37  ? 2.671   -13.890 16.622  1.00 21.36 ? 37  VAL A CB  1 
ATOM   277  C CG1 . VAL A 1 37  ? 3.556   -15.075 16.963  1.00 20.63 ? 37  VAL A CG1 1 
ATOM   278  C CG2 . VAL A 1 37  ? 1.246   -14.333 16.333  1.00 25.06 ? 37  VAL A CG2 1 
ATOM   279  N N   . HIS A 1 38  ? 4.635   -11.640 17.110  1.00 16.48 ? 38  HIS A N   1 
ATOM   280  C CA  . HIS A 1 38  ? 6.058   -11.305 17.105  1.00 17.26 ? 38  HIS A CA  1 
ATOM   281  C C   . HIS A 1 38  ? 6.507   -9.942  17.636  1.00 16.81 ? 38  HIS A C   1 
ATOM   282  O O   . HIS A 1 38  ? 7.719   -9.722  17.760  1.00 17.11 ? 38  HIS A O   1 
ATOM   283  C CB  . HIS A 1 38  ? 6.609   -11.424 15.686  1.00 16.92 ? 38  HIS A CB  1 
ATOM   284  C CG  . HIS A 1 38  ? 6.409   -12.809 15.104  1.00 19.80 ? 38  HIS A CG  1 
ATOM   285  N ND1 . HIS A 1 38  ? 7.108   -13.926 15.294  1.00 21.93 ? 38  HIS A ND1 1 
ATOM   286  C CD2 . HIS A 1 38  ? 5.400   -13.133 14.226  1.00 20.54 ? 38  HIS A CD2 1 
ATOM   287  C CE1 . HIS A 1 38  ? 6.586   -14.909 14.581  1.00 21.22 ? 38  HIS A CE1 1 
ATOM   288  N NE2 . HIS A 1 38  ? 5.562   -14.400 13.951  1.00 21.23 ? 38  HIS A NE2 1 
ATOM   289  N N   . GLY A 1 39  ? 5.555   -9.053  17.932  1.00 15.77 ? 39  GLY A N   1 
ATOM   290  C CA  . GLY A 1 39  ? 5.868   -7.698  18.353  1.00 17.36 ? 39  GLY A CA  1 
ATOM   291  C C   . GLY A 1 39  ? 6.829   -7.603  19.532  1.00 19.06 ? 39  GLY A C   1 
ATOM   292  O O   . GLY A 1 39  ? 7.702   -6.729  19.568  1.00 18.46 ? 39  GLY A O   1 
ATOM   293  N N   . ARG A 1 40  ? 6.654   -8.464  20.545  1.00 21.19 ? 40  ARG A N   1 
ATOM   294  C CA  . ARG A 1 40  ? 7.552   -8.452  21.717  1.00 23.77 ? 40  ARG A CA  1 
ATOM   295  C C   . ARG A 1 40  ? 9.013   -8.806  21.392  1.00 21.33 ? 40  ARG A C   1 
ATOM   296  O O   . ARG A 1 40  ? 9.924   -8.578  22.187  1.00 21.95 ? 40  ARG A O   1 
ATOM   297  C CB  . ARG A 1 40  ? 7.056   -9.433  22.822  1.00 27.04 ? 40  ARG A CB  1 
ATOM   298  C CG  . ARG A 1 40  ? 6.438   -8.667  24.007  1.00 36.72 ? 40  ARG A CG  1 
ATOM   299  C CD  . ARG A 1 40  ? 6.184   -9.463  25.334  1.00 45.41 ? 40  ARG A CD  1 
ATOM   300  N NE  . ARG A 1 40  ? 7.355   -9.767  26.180  1.00 52.07 ? 40  ARG A NE  1 
ATOM   301  C CZ  . ARG A 1 40  ? 7.861   -8.924  27.081  1.00 54.90 ? 40  ARG A CZ  1 
ATOM   302  N NH1 . ARG A 1 40  ? 7.320   -7.739  27.285  1.00 57.08 ? 40  ARG A NH1 1 
ATOM   303  N NH2 . ARG A 1 40  ? 8.925   -9.259  27.783  1.00 54.77 ? 40  ARG A NH2 1 
ATOM   304  N N   . THR A 1 41  ? 9.313   -9.371  20.235  1.00 17.24 ? 41  THR A N   1 
ATOM   305  C CA  . THR A 1 41  ? 10.684  -9.696  19.910  1.00 17.74 ? 41  THR A CA  1 
ATOM   306  C C   . THR A 1 41  ? 11.323  -8.674  18.979  1.00 16.71 ? 41  THR A C   1 
ATOM   307  O O   . THR A 1 41  ? 12.417  -8.908  18.468  1.00 16.88 ? 41  THR A O   1 
ATOM   308  C CB  . THR A 1 41  ? 10.771  -11.126 19.251  1.00 19.16 ? 41  THR A CB  1 
ATOM   309  O OG1 . THR A 1 41  ? 10.226  -11.163 17.915  1.00 21.80 ? 41  THR A OG1 1 
ATOM   310  C CG2 . THR A 1 41  ? 9.964   -12.081 20.092  1.00 21.55 ? 41  THR A CG2 1 
ATOM   311  N N   . LEU A 1 42  ? 10.640  -7.563  18.718  1.00 13.68 ? 42  LEU A N   1 
ATOM   312  C CA  . LEU A 1 42  ? 11.105  -6.544  17.791  1.00 14.46 ? 42  LEU A CA  1 
ATOM   313  C C   . LEU A 1 42  ? 11.185  -5.215  18.524  1.00 13.39 ? 42  LEU A C   1 
ATOM   314  O O   . LEU A 1 42  ? 10.319  -4.931  19.351  1.00 13.57 ? 42  LEU A O   1 
ATOM   315  C CB  . LEU A 1 42  ? 10.118  -6.403  16.623  1.00 14.55 ? 42  LEU A CB  1 
ATOM   316  C CG  . LEU A 1 42  ? 10.322  -7.124  15.264  1.00 19.37 ? 42  LEU A CG  1 
ATOM   317  C CD1 . LEU A 1 42  ? 10.839  -8.500  15.445  1.00 20.52 ? 42  LEU A CD1 1 
ATOM   318  C CD2 . LEU A 1 42  ? 8.993   -7.189  14.529  1.00 20.46 ? 42  LEU A CD2 1 
ATOM   319  N N   . SER A 1 43  ? 12.185  -4.403  18.229  1.00 12.46 ? 43  SER A N   1 
ATOM   320  C CA  . SER A 1 43  ? 12.271  -3.081  18.850  1.00 12.36 ? 43  SER A CA  1 
ATOM   321  C C   . SER A 1 43  ? 11.303  -2.123  18.173  1.00 13.48 ? 43  SER A C   1 
ATOM   322  O O   . SER A 1 43  ? 10.767  -2.414  17.075  1.00 12.89 ? 43  SER A O   1 
ATOM   323  C CB  . SER A 1 43  ? 13.634  -2.435  18.702  1.00 12.98 ? 43  SER A CB  1 
ATOM   324  O OG  . SER A 1 43  ? 13.887  -2.175  17.308  1.00 16.13 ? 43  SER A OG  1 
ATOM   325  N N   . THR A 1 44  ? 11.080  -0.952  18.777  1.00 11.69 ? 44  THR A N   1 
ATOM   326  C CA  . THR A 1 44  ? 10.220  0.082   18.215  1.00 12.12 ? 44  THR A CA  1 
ATOM   327  C C   . THR A 1 44  ? 10.594  0.492   16.827  1.00 13.10 ? 44  THR A C   1 
ATOM   328  O O   . THR A 1 44  ? 9.699   0.629   15.979  1.00 14.96 ? 44  THR A O   1 
ATOM   329  C CB  . THR A 1 44  ? 10.246  1.370   19.008  1.00 16.91 ? 44  THR A CB  1 
ATOM   330  O OG1 . THR A 1 44  ? 9.676   1.011   20.237  1.00 20.92 ? 44  THR A OG1 1 
ATOM   331  C CG2 . THR A 1 44  ? 9.398   2.511   18.465  1.00 16.67 ? 44  THR A CG2 1 
ATOM   332  N N   . VAL A 1 45  ? 11.884  0.721   16.562  1.00 11.57 ? 45  VAL A N   1 
ATOM   333  C CA  . VAL A 1 45  ? 12.281  1.170   15.229  1.00 13.18 ? 45  VAL A CA  1 
ATOM   334  C C   . VAL A 1 45  ? 12.184  0.018   14.208  1.00 14.02 ? 45  VAL A C   1 
ATOM   335  O O   . VAL A 1 45  ? 11.891  0.278   13.039  1.00 14.06 ? 45  VAL A O   1 
ATOM   336  C CB  . VAL A 1 45  ? 13.743  1.792   15.243  1.00 15.18 ? 45  VAL A CB  1 
ATOM   337  C CG1 . VAL A 1 45  ? 13.709  2.993   16.214  1.00 14.97 ? 45  VAL A CG1 1 
ATOM   338  C CG2 . VAL A 1 45  ? 14.825  0.798   15.657  1.00 16.51 ? 45  VAL A CG2 1 
ATOM   339  N N   . GLN A 1 46  ? 12.360  -1.263  14.619  1.00 12.23 ? 46  GLN A N   1 
ATOM   340  C CA  . GLN A 1 46  ? 12.084  -2.355  13.698  1.00 11.33 ? 46  GLN A CA  1 
ATOM   341  C C   . GLN A 1 46  ? 10.601  -2.432  13.343  1.00 12.97 ? 46  GLN A C   1 
ATOM   342  O O   . GLN A 1 46  ? 10.254  -2.667  12.187  1.00 13.29 ? 46  GLN A O   1 
ATOM   343  C CB  . GLN A 1 46  ? 12.472  -3.658  14.292  1.00 10.53 ? 46  GLN A CB  1 
ATOM   344  C CG  . GLN A 1 46  ? 13.976  -3.754  14.212  1.00 13.39 ? 46  GLN A CG  1 
ATOM   345  C CD  . GLN A 1 46  ? 14.446  -5.044  14.849  1.00 17.60 ? 46  GLN A CD  1 
ATOM   346  O OE1 . GLN A 1 46  ? 13.996  -5.401  15.939  1.00 17.53 ? 46  GLN A OE1 1 
ATOM   347  N NE2 . GLN A 1 46  ? 15.308  -5.826  14.239  1.00 17.99 ? 46  GLN A NE2 1 
ATOM   348  N N   . LYS A 1 47  ? 9.686   -2.244  14.295  1.00 11.70 ? 47  LYS A N   1 
ATOM   349  C CA  . LYS A 1 47  ? 8.270   -2.209  13.995  1.00 12.53 ? 47  LYS A CA  1 
ATOM   350  C C   . LYS A 1 47  ? 7.885   -1.074  13.021  1.00 13.54 ? 47  LYS A C   1 
ATOM   351  O O   . LYS A 1 47  ? 7.088   -1.247  12.082  1.00 13.35 ? 47  LYS A O   1 
ATOM   352  C CB  . LYS A 1 47  ? 7.506   -2.087  15.337  1.00 12.25 ? 47  LYS A CB  1 
ATOM   353  C CG  . LYS A 1 47  ? 7.553   -3.465  15.978  1.00 14.70 ? 47  LYS A CG  1 
ATOM   354  C CD  . LYS A 1 47  ? 6.686   -3.569  17.231  1.00 18.20 ? 47  LYS A CD  1 
ATOM   355  C CE  . LYS A 1 47  ? 7.495   -3.348  18.509  1.00 20.69 ? 47  LYS A CE  1 
ATOM   356  N NZ  . LYS A 1 47  ? 6.684   -3.606  19.696  1.00 22.67 ? 47  LYS A NZ  1 
ATOM   357  N N   . LYS A 1 48  ? 8.467   0.113   13.212  1.00 12.10 ? 48  LYS A N   1 
ATOM   358  C CA  . LYS A 1 48  ? 8.204   1.230   12.325  1.00 14.33 ? 48  LYS A CA  1 
ATOM   359  C C   . LYS A 1 48  ? 8.706   0.965   10.914  1.00 14.40 ? 48  LYS A C   1 
ATOM   360  O O   . LYS A 1 48  ? 8.003   1.218   9.928   1.00 15.08 ? 48  LYS A O   1 
ATOM   361  C CB  . LYS A 1 48  ? 8.859   2.457   12.903  1.00 16.85 ? 48  LYS A CB  1 
ATOM   362  C CG  . LYS A 1 48  ? 7.903   2.978   13.951  1.00 19.31 ? 48  LYS A CG  1 
ATOM   363  C CD  . LYS A 1 48  ? 8.550   4.082   14.744  1.00 24.33 ? 48  LYS A CD  1 
ATOM   364  C CE  . LYS A 1 48  ? 7.460   4.527   15.707  1.00 28.25 ? 48  LYS A CE  1 
ATOM   365  N NZ  . LYS A 1 48  ? 7.994   5.425   16.706  1.00 33.62 ? 48  LYS A NZ  1 
ATOM   366  N N   . ALA A 1 49  ? 9.884   0.349   10.814  1.00 12.65 ? 49  ALA A N   1 
ATOM   367  C CA  . ALA A 1 49  ? 10.428  -0.039  9.525   1.00 10.25 ? 49  ALA A CA  1 
ATOM   368  C C   . ALA A 1 49  ? 9.480   -1.017  8.813   1.00 12.01 ? 49  ALA A C   1 
ATOM   369  O O   . ALA A 1 49  ? 9.352   -0.956  7.591   1.00 11.91 ? 49  ALA A O   1 
ATOM   370  C CB  . ALA A 1 49  ? 11.771  -0.701  9.733   1.00 11.14 ? 49  ALA A CB  1 
ATOM   371  N N   . LEU A 1 50  ? 8.746   -1.912  9.500   1.00 9.55  ? 50  LEU A N   1 
ATOM   372  C CA  . LEU A 1 50  ? 7.810   -2.819  8.855   1.00 11.04 ? 50  LEU A CA  1 
ATOM   373  C C   . LEU A 1 50  ? 6.576   -2.061  8.372   1.00 11.06 ? 50  LEU A C   1 
ATOM   374  O O   . LEU A 1 50  ? 6.103   -2.329  7.260   1.00 11.67 ? 50  LEU A O   1 
ATOM   375  C CB  . LEU A 1 50  ? 7.463   -3.896  9.863   1.00 11.46 ? 50  LEU A CB  1 
ATOM   376  C CG  . LEU A 1 50  ? 8.012   -5.341  9.800   1.00 16.96 ? 50  LEU A CG  1 
ATOM   377  C CD1 . LEU A 1 50  ? 9.171   -5.530  8.876   1.00 14.68 ? 50  LEU A CD1 1 
ATOM   378  C CD2 . LEU A 1 50  ? 8.207   -5.727  11.234  1.00 16.93 ? 50  LEU A CD2 1 
ATOM   379  N N   . TYR A 1 51  ? 6.072   -1.044  9.086   1.00 9.71  ? 51  TYR A N   1 
ATOM   380  C CA  . TYR A 1 51  ? 4.995   -0.214  8.520   1.00 8.72  ? 51  TYR A CA  1 
ATOM   381  C C   . TYR A 1 51  ? 5.536   0.472   7.276   1.00 8.84  ? 51  TYR A C   1 
ATOM   382  O O   . TYR A 1 51  ? 4.840   0.602   6.275   1.00 9.68  ? 51  TYR A O   1 
ATOM   383  C CB  . TYR A 1 51  ? 4.529   0.873   9.493   1.00 7.83  ? 51  TYR A CB  1 
ATOM   384  C CG  . TYR A 1 51  ? 3.518   0.309   10.478  1.00 11.03 ? 51  TYR A CG  1 
ATOM   385  C CD1 . TYR A 1 51  ? 2.176   0.285   10.150  1.00 13.78 ? 51  TYR A CD1 1 
ATOM   386  C CD2 . TYR A 1 51  ? 3.908   -0.247  11.671  1.00 12.06 ? 51  TYR A CD2 1 
ATOM   387  C CE1 . TYR A 1 51  ? 1.223   -0.282  10.985  1.00 14.68 ? 51  TYR A CE1 1 
ATOM   388  C CE2 . TYR A 1 51  ? 2.964   -0.812  12.524  1.00 14.11 ? 51  TYR A CE2 1 
ATOM   389  C CZ  . TYR A 1 51  ? 1.637   -0.834  12.177  1.00 16.44 ? 51  TYR A CZ  1 
ATOM   390  O OH  . TYR A 1 51  ? 0.721   -1.387  13.042  1.00 16.95 ? 51  TYR A OH  1 
ATOM   391  N N   . PHE A 1 52  ? 6.780   0.968   7.237   1.00 9.18  ? 52  PHE A N   1 
ATOM   392  C CA  . PHE A 1 52  ? 7.321   1.546   5.990   1.00 8.29  ? 52  PHE A CA  1 
ATOM   393  C C   . PHE A 1 52  ? 7.376   0.525   4.845   1.00 10.32 ? 52  PHE A C   1 
ATOM   394  O O   . PHE A 1 52  ? 7.018   0.867   3.710   1.00 10.49 ? 52  PHE A O   1 
ATOM   395  C CB  . PHE A 1 52  ? 8.744   2.120   6.219   1.00 9.14  ? 52  PHE A CB  1 
ATOM   396  C CG  . PHE A 1 52  ? 9.489   2.460   4.918   1.00 9.15  ? 52  PHE A CG  1 
ATOM   397  C CD1 . PHE A 1 52  ? 9.166   3.609   4.210   1.00 9.59  ? 52  PHE A CD1 1 
ATOM   398  C CD2 . PHE A 1 52  ? 10.442  1.574   4.435   1.00 10.37 ? 52  PHE A CD2 1 
ATOM   399  C CE1 . PHE A 1 52  ? 9.791   3.875   3.004   1.00 12.24 ? 52  PHE A CE1 1 
ATOM   400  C CE2 . PHE A 1 52  ? 11.061  1.852   3.219   1.00 12.65 ? 52  PHE A CE2 1 
ATOM   401  C CZ  . PHE A 1 52  ? 10.736  3.003   2.505   1.00 10.46 ? 52  PHE A CZ  1 
ATOM   402  N N   . VAL A 1 53  ? 7.845   -0.718  5.082   1.00 9.68  ? 53  VAL A N   1 
ATOM   403  C CA  . VAL A 1 53  ? 7.875   -1.794  4.081   1.00 10.05 ? 53  VAL A CA  1 
ATOM   404  C C   . VAL A 1 53  ? 6.516   -1.910  3.362   1.00 11.78 ? 53  VAL A C   1 
ATOM   405  O O   . VAL A 1 53  ? 6.484   -2.029  2.133   1.00 10.79 ? 53  VAL A O   1 
ATOM   406  C CB  . VAL A 1 53  ? 8.251   -3.117  4.817   1.00 10.32 ? 53  VAL A CB  1 
ATOM   407  C CG1 . VAL A 1 53  ? 7.851   -4.325  4.005   1.00 12.01 ? 53  VAL A CG1 1 
ATOM   408  C CG2 . VAL A 1 53  ? 9.767   -3.113  5.063   1.00 9.70  ? 53  VAL A CG2 1 
ATOM   409  N N   . ASN A 1 54  ? 5.391   -1.814  4.105   1.00 10.50 ? 54  ASN A N   1 
ATOM   410  C CA  . ASN A 1 54  ? 4.040   -1.855  3.522   1.00 11.09 ? 54  ASN A CA  1 
ATOM   411  C C   . ASN A 1 54  ? 3.784   -0.772  2.487   1.00 10.50 ? 54  ASN A C   1 
ATOM   412  O O   . ASN A 1 54  ? 3.335   -1.012  1.363   1.00 10.13 ? 54  ASN A O   1 
ATOM   413  C CB  . ASN A 1 54  ? 2.942   -1.690  4.602   1.00 9.12  ? 54  ASN A CB  1 
ATOM   414  C CG  . ASN A 1 54  ? 2.736   -2.962  5.389   1.00 11.33 ? 54  ASN A CG  1 
ATOM   415  O OD1 . ASN A 1 54  ? 3.325   -3.989  5.077   1.00 11.53 ? 54  ASN A OD1 1 
ATOM   416  N ND2 . ASN A 1 54  ? 1.898   -3.018  6.388   1.00 8.38  ? 54  ASN A ND2 1 
ATOM   417  N N   . ARG A 1 55  ? 4.156   0.450   2.884   1.00 10.56 ? 55  ARG A N   1 
ATOM   418  C CA  . ARG A 1 55  ? 3.990   1.613   2.014   1.00 9.98  ? 55  ARG A CA  1 
ATOM   419  C C   . ARG A 1 55  ? 4.925   1.481   0.829   1.00 10.59 ? 55  ARG A C   1 
ATOM   420  O O   . ARG A 1 55  ? 4.468   1.630   -0.314  1.00 10.95 ? 55  ARG A O   1 
ATOM   421  C CB  . ARG A 1 55  ? 4.278   2.907   2.840   1.00 11.89 ? 55  ARG A CB  1 
ATOM   422  C CG  . ARG A 1 55  ? 3.069   3.127   3.764   1.00 14.77 ? 55  ARG A CG  1 
ATOM   423  C CD  . ARG A 1 55  ? 3.183   3.538   5.248   1.00 20.34 ? 55  ARG A CD  1 
ATOM   424  N NE  . ARG A 1 55  ? 2.937   4.931   5.288   1.00 31.38 ? 55  ARG A NE  1 
ATOM   425  C CZ  . ARG A 1 55  ? 1.895   5.596   5.743   1.00 30.59 ? 55  ARG A CZ  1 
ATOM   426  N NH1 . ARG A 1 55  ? 0.895   5.123   6.488   1.00 33.02 ? 55  ARG A NH1 1 
ATOM   427  N NH2 . ARG A 1 55  ? 1.958   6.846   5.398   1.00 24.13 ? 55  ARG A NH2 1 
ATOM   428  N N   . ARG A 1 56  ? 6.200   1.119   1.025   1.00 8.89  ? 56  ARG A N   1 
ATOM   429  C CA  . ARG A 1 56  ? 7.097   0.927   -0.111  1.00 9.99  ? 56  ARG A CA  1 
ATOM   430  C C   . ARG A 1 56  ? 6.677   -0.215  -1.057  1.00 10.26 ? 56  ARG A C   1 
ATOM   431  O O   . ARG A 1 56  ? 6.872   -0.175  -2.280  1.00 10.89 ? 56  ARG A O   1 
ATOM   432  C CB  . ARG A 1 56  ? 8.512   0.652   0.386   1.00 10.83 ? 56  ARG A CB  1 
ATOM   433  C CG  . ARG A 1 56  ? 9.550   0.567   -0.722  1.00 16.59 ? 56  ARG A CG  1 
ATOM   434  C CD  . ARG A 1 56  ? 10.542  -0.353  -0.018  1.00 25.72 ? 56  ARG A CD  1 
ATOM   435  N NE  . ARG A 1 56  ? 11.881  0.130   -0.135  1.00 31.60 ? 56  ARG A NE  1 
ATOM   436  C CZ  . ARG A 1 56  ? 12.904  -0.316  0.581   1.00 33.35 ? 56  ARG A CZ  1 
ATOM   437  N NH1 . ARG A 1 56  ? 12.806  -1.297  1.461   1.00 29.74 ? 56  ARG A NH1 1 
ATOM   438  N NH2 . ARG A 1 56  ? 14.046  0.285   0.343   1.00 35.19 ? 56  ARG A NH2 1 
ATOM   439  N N   . TYR A 1 57  ? 6.122   -1.295  -0.537  1.00 9.55  ? 57  TYR A N   1 
ATOM   440  C CA  . TYR A 1 57  ? 5.645   -2.396  -1.350  1.00 12.24 ? 57  TYR A CA  1 
ATOM   441  C C   . TYR A 1 57  ? 4.522   -1.908  -2.289  1.00 12.99 ? 57  TYR A C   1 
ATOM   442  O O   . TYR A 1 57  ? 4.506   -2.242  -3.504  1.00 13.08 ? 57  TYR A O   1 
ATOM   443  C CB  . TYR A 1 57  ? 5.109   -3.509  -0.442  1.00 11.78 ? 57  TYR A CB  1 
ATOM   444  C CG  . TYR A 1 57  ? 4.798   -4.805  -1.170  1.00 11.35 ? 57  TYR A CG  1 
ATOM   445  C CD1 . TYR A 1 57  ? 3.540   -4.949  -1.687  1.00 12.49 ? 57  TYR A CD1 1 
ATOM   446  C CD2 . TYR A 1 57  ? 5.757   -5.817  -1.302  1.00 12.60 ? 57  TYR A CD2 1 
ATOM   447  C CE1 . TYR A 1 57  ? 3.233   -6.107  -2.350  1.00 13.03 ? 57  TYR A CE1 1 
ATOM   448  C CE2 . TYR A 1 57  ? 5.459   -6.996  -1.963  1.00 10.48 ? 57  TYR A CE2 1 
ATOM   449  C CZ  . TYR A 1 57  ? 4.183   -7.104  -2.478  1.00 12.67 ? 57  TYR A CZ  1 
ATOM   450  O OH  . TYR A 1 57  ? 3.777   -8.229  -3.159  1.00 13.56 ? 57  TYR A OH  1 
ATOM   451  N N   . MET A 1 58  ? 3.580   -1.106  -1.738  1.00 13.66 ? 58  MET A N   1 
ATOM   452  C CA  . MET A 1 58  ? 2.535   -0.546  -2.599  1.00 12.84 ? 58  MET A CA  1 
ATOM   453  C C   . MET A 1 58  ? 3.141   0.348   -3.700  1.00 12.90 ? 58  MET A C   1 
ATOM   454  O O   . MET A 1 58  ? 2.770   0.277   -4.875  1.00 14.29 ? 58  MET A O   1 
ATOM   455  C CB  . MET A 1 58  ? 1.550   0.297   -1.794  1.00 13.91 ? 58  MET A CB  1 
ATOM   456  C CG  . MET A 1 58  ? 0.481   0.917   -2.716  1.00 13.31 ? 58  MET A CG  1 
ATOM   457  S SD  . MET A 1 58  ? -0.579  2.035   -1.812  1.00 18.19 ? 58  MET A SD  1 
ATOM   458  C CE  . MET A 1 58  ? 0.556   3.411   -1.796  1.00 12.98 ? 58  MET A CE  1 
ATOM   459  N N   . GLN A 1 59  ? 4.095   1.205   -3.341  1.00 12.72 ? 59  GLN A N   1 
ATOM   460  C CA  . GLN A 1 59  ? 4.745   2.091   -4.306  1.00 12.87 ? 59  GLN A CA  1 
ATOM   461  C C   . GLN A 1 59  ? 5.519   1.386   -5.396  1.00 13.75 ? 59  GLN A C   1 
ATOM   462  O O   . GLN A 1 59  ? 5.435   1.764   -6.565  1.00 12.40 ? 59  GLN A O   1 
ATOM   463  C CB  . GLN A 1 59  ? 5.689   3.040   -3.596  1.00 13.03 ? 59  GLN A CB  1 
ATOM   464  C CG  . GLN A 1 59  ? 4.995   4.075   -2.711  1.00 12.12 ? 59  GLN A CG  1 
ATOM   465  C CD  . GLN A 1 59  ? 6.039   4.889   -1.979  1.00 15.82 ? 59  GLN A CD  1 
ATOM   466  O OE1 . GLN A 1 59  ? 6.935   4.390   -1.311  1.00 16.16 ? 59  GLN A OE1 1 
ATOM   467  N NE2 . GLN A 1 59  ? 6.075   6.200   -2.066  1.00 14.73 ? 59  GLN A NE2 1 
ATOM   468  N N   . THR A 1 60  ? 6.237   0.313   -5.075  1.00 12.91 ? 60  THR A N   1 
ATOM   469  C CA  . THR A 1 60  ? 6.970   -0.368  -6.149  1.00 15.07 ? 60  THR A CA  1 
ATOM   470  C C   . THR A 1 60  ? 6.075   -1.272  -6.935  1.00 15.79 ? 60  THR A C   1 
ATOM   471  O O   . THR A 1 60  ? 6.439   -1.734  -8.005  1.00 19.41 ? 60  THR A O   1 
ATOM   472  C CB  . THR A 1 60  ? 8.140   -1.244  -5.642  1.00 16.19 ? 60  THR A CB  1 
ATOM   473  O OG1 . THR A 1 60  ? 7.651   -2.255  -4.758  1.00 16.47 ? 60  THR A OG1 1 
ATOM   474  C CG2 . THR A 1 60  ? 9.130   -0.378  -4.896  1.00 14.26 ? 60  THR A CG2 1 
ATOM   475  N N   . HIS A 1 61  ? 4.888   -1.645  -6.457  1.00 14.17 ? 61  HIS A N   1 
ATOM   476  C CA  . HIS A 1 61  ? 3.991   -2.448  -7.302  1.00 13.67 ? 61  HIS A CA  1 
ATOM   477  C C   . HIS A 1 61  ? 2.864   -1.639  -7.934  1.00 14.71 ? 61  HIS A C   1 
ATOM   478  O O   . HIS A 1 61  ? 2.018   -2.228  -8.610  1.00 14.67 ? 61  HIS A O   1 
ATOM   479  C CB  . HIS A 1 61  ? 3.374   -3.547  -6.500  1.00 12.15 ? 61  HIS A CB  1 
ATOM   480  C CG  . HIS A 1 61  ? 4.405   -4.537  -5.986  1.00 14.65 ? 61  HIS A CG  1 
ATOM   481  N ND1 . HIS A 1 61  ? 5.299   -4.385  -4.993  1.00 14.97 ? 61  HIS A ND1 1 
ATOM   482  C CD2 . HIS A 1 61  ? 4.574   -5.802  -6.512  1.00 16.50 ? 61  HIS A CD2 1 
ATOM   483  C CE1 . HIS A 1 61  ? 5.999   -5.492  -4.895  1.00 13.08 ? 61  HIS A CE1 1 
ATOM   484  N NE2 . HIS A 1 61  ? 5.555   -6.328  -5.804  1.00 16.40 ? 61  HIS A NE2 1 
ATOM   485  N N   . TRP A 1 62  ? 2.833   -0.305  -7.740  1.00 13.25 ? 62  TRP A N   1 
ATOM   486  C CA  . TRP A 1 62  ? 1.753   0.533   -8.241  1.00 15.80 ? 62  TRP A CA  1 
ATOM   487  C C   . TRP A 1 62  ? 1.501   0.367   -9.751  1.00 17.63 ? 62  TRP A C   1 
ATOM   488  O O   . TRP A 1 62  ? 0.362   0.082   -10.115 1.00 16.52 ? 62  TRP A O   1 
ATOM   489  C CB  . TRP A 1 62  ? 2.050   1.996   -7.952  1.00 15.52 ? 62  TRP A CB  1 
ATOM   490  C CG  . TRP A 1 62  ? 0.834   2.902   -8.258  1.00 18.18 ? 62  TRP A CG  1 
ATOM   491  C CD1 . TRP A 1 62  ? 0.843   3.742   -9.354  1.00 16.58 ? 62  TRP A CD1 1 
ATOM   492  C CD2 . TRP A 1 62  ? -0.354  3.002   -7.514  1.00 17.43 ? 62  TRP A CD2 1 
ATOM   493  N NE1 . TRP A 1 62  ? -0.323  4.363   -9.305  1.00 17.52 ? 62  TRP A NE1 1 
ATOM   494  C CE2 . TRP A 1 62  ? -1.060  3.958   -8.235  1.00 15.77 ? 62  TRP A CE2 1 
ATOM   495  C CE3 . TRP A 1 62  ? -0.916  2.469   -6.358  1.00 17.23 ? 62  TRP A CE3 1 
ATOM   496  C CZ2 . TRP A 1 62  ? -2.301  4.375   -7.798  1.00 15.37 ? 62  TRP A CZ2 1 
ATOM   497  C CZ3 . TRP A 1 62  ? -2.164  2.894   -5.925  1.00 15.27 ? 62  TRP A CZ3 1 
ATOM   498  C CH2 . TRP A 1 62  ? -2.848  3.845   -6.645  1.00 14.32 ? 62  TRP A CH2 1 
ATOM   499  N N   . ALA A 1 63  ? 2.515   0.434   -10.636 1.00 18.11 ? 63  ALA A N   1 
ATOM   500  C CA  . ALA A 1 63  ? 2.302   0.262   -12.083 1.00 20.43 ? 63  ALA A CA  1 
ATOM   501  C C   . ALA A 1 63  ? 1.657   -1.062  -12.465 1.00 21.08 ? 63  ALA A C   1 
ATOM   502  O O   . ALA A 1 63  ? 0.719   -1.168  -13.247 1.00 23.12 ? 63  ALA A O   1 
ATOM   503  C CB  . ALA A 1 63  ? 3.614   0.364   -12.795 1.00 20.67 ? 63  ALA A CB  1 
ATOM   504  N N   . ASN A 1 64  ? 2.056   -2.121  -11.765 1.00 23.32 ? 64  ASN A N   1 
ATOM   505  C CA  . ASN A 1 64  ? 1.427   -3.438  -11.918 1.00 24.31 ? 64  ASN A CA  1 
ATOM   506  C C   . ASN A 1 64  ? -0.032  -3.462  -11.499 1.00 22.48 ? 64  ASN A C   1 
ATOM   507  O O   . ASN A 1 64  ? -0.885  -4.031  -12.164 1.00 22.67 ? 64  ASN A O   1 
ATOM   508  C CB  . ASN A 1 64  ? 2.040   -4.499  -11.063 1.00 29.69 ? 64  ASN A CB  1 
ATOM   509  C CG  . ASN A 1 64  ? 3.504   -4.680  -11.352 1.00 38.95 ? 64  ASN A CG  1 
ATOM   510  O OD1 . ASN A 1 64  ? 4.351   -4.708  -10.448 1.00 44.30 ? 64  ASN A OD1 1 
ATOM   511  N ND2 . ASN A 1 64  ? 3.874   -4.796  -12.612 1.00 39.54 ? 64  ASN A ND2 1 
ATOM   512  N N   . TYR A 1 65  ? -0.350  -2.914  -10.334 1.00 20.26 ? 65  TYR A N   1 
ATOM   513  C CA  . TYR A 1 65  ? -1.731  -2.853  -9.877  1.00 19.62 ? 65  TYR A CA  1 
ATOM   514  C C   . TYR A 1 65  ? -2.573  -2.043  -10.840 1.00 19.62 ? 65  TYR A C   1 
ATOM   515  O O   . TYR A 1 65  ? -3.720  -2.399  -11.067 1.00 19.20 ? 65  TYR A O   1 
ATOM   516  C CB  . TYR A 1 65  ? -1.790  -2.217  -8.511  1.00 18.06 ? 65  TYR A CB  1 
ATOM   517  C CG  . TYR A 1 65  ? -1.117  -3.003  -7.367  1.00 18.66 ? 65  TYR A CG  1 
ATOM   518  C CD1 . TYR A 1 65  ? -0.909  -4.385  -7.409  1.00 18.71 ? 65  TYR A CD1 1 
ATOM   519  C CD2 . TYR A 1 65  ? -0.722  -2.281  -6.239  1.00 18.49 ? 65  TYR A CD2 1 
ATOM   520  C CE1 . TYR A 1 65  ? -0.314  -5.023  -6.324  1.00 21.01 ? 65  TYR A CE1 1 
ATOM   521  C CE2 . TYR A 1 65  ? -0.126  -2.914  -5.163  1.00 20.06 ? 65  TYR A CE2 1 
ATOM   522  C CZ  . TYR A 1 65  ? 0.071   -4.279  -5.215  1.00 19.70 ? 65  TYR A CZ  1 
ATOM   523  O OH  . TYR A 1 65  ? 0.697   -4.886  -4.155  1.00 20.81 ? 65  TYR A OH  1 
ATOM   524  N N   . MET A 1 66  ? -2.022  -0.983  -11.448 1.00 20.06 ? 66  MET A N   1 
ATOM   525  C CA  . MET A 1 66  ? -2.753  -0.165  -12.435 1.00 22.49 ? 66  MET A CA  1 
ATOM   526  C C   . MET A 1 66  ? -3.109  -0.897  -13.727 1.00 22.27 ? 66  MET A C   1 
ATOM   527  O O   . MET A 1 66  ? -4.232  -0.777  -14.228 1.00 21.17 ? 66  MET A O   1 
ATOM   528  C CB  . MET A 1 66  ? -1.985  1.094   -12.847 1.00 22.73 ? 66  MET A CB  1 
ATOM   529  C CG  . MET A 1 66  ? -1.846  2.157   -11.746 1.00 25.89 ? 66  MET A CG  1 
ATOM   530  S SD  . MET A 1 66  ? -3.407  2.510   -10.908 1.00 27.88 ? 66  MET A SD  1 
ATOM   531  C CE  . MET A 1 66  ? -4.350  3.029   -12.311 1.00 29.10 ? 66  MET A CE  1 
ATOM   532  N N   . LEU A 1 67  ? -2.191  -1.722  -14.233 1.00 22.95 ? 67  LEU A N   1 
ATOM   533  C CA  . LEU A 1 67  ? -2.544  -2.671  -15.277 1.00 24.35 ? 67  LEU A CA  1 
ATOM   534  C C   . LEU A 1 67  ? -3.765  -3.535  -14.947 1.00 22.76 ? 67  LEU A C   1 
ATOM   535  O O   . LEU A 1 67  ? -4.682  -3.677  -15.756 1.00 24.64 ? 67  LEU A O   1 
ATOM   536  C CB  . LEU A 1 67  ? -1.427  -3.644  -15.557 1.00 26.30 ? 67  LEU A CB  1 
ATOM   537  C CG  . LEU A 1 67  ? -0.205  -3.218  -16.294 1.00 29.68 ? 67  LEU A CG  1 
ATOM   538  C CD1 . LEU A 1 67  ? 0.385   -4.494  -16.874 1.00 30.37 ? 67  LEU A CD1 1 
ATOM   539  C CD2 . LEU A 1 67  ? -0.518  -2.225  -17.404 1.00 28.63 ? 67  LEU A CD2 1 
ATOM   540  N N   . TRP A 1 68  ? -3.805  -4.158  -13.769 1.00 20.60 ? 68  TRP A N   1 
ATOM   541  C CA  . TRP A 1 68  ? -4.933  -4.970  -13.333 1.00 22.33 ? 68  TRP A CA  1 
ATOM   542  C C   . TRP A 1 68  ? -6.239  -4.175  -13.106 1.00 23.59 ? 68  TRP A C   1 
ATOM   543  O O   . TRP A 1 68  ? -7.334  -4.604  -13.524 1.00 24.77 ? 68  TRP A O   1 
ATOM   544  C CB  . TRP A 1 68  ? -4.541  -5.725  -12.040 1.00 21.11 ? 68  TRP A CB  1 
ATOM   545  C CG  . TRP A 1 68  ? -5.650  -6.595  -11.453 1.00 22.34 ? 68  TRP A CG  1 
ATOM   546  C CD1 . TRP A 1 68  ? -5.948  -7.814  -12.021 1.00 24.76 ? 68  TRP A CD1 1 
ATOM   547  C CD2 . TRP A 1 68  ? -6.433  -6.325  -10.351 1.00 23.24 ? 68  TRP A CD2 1 
ATOM   548  N NE1 . TRP A 1 68  ? -6.911  -8.317  -11.283 1.00 23.79 ? 68  TRP A NE1 1 
ATOM   549  C CE2 . TRP A 1 68  ? -7.214  -7.473  -10.277 1.00 23.77 ? 68  TRP A CE2 1 
ATOM   550  C CE3 . TRP A 1 68  ? -6.587  -5.340  -9.401  1.00 24.53 ? 68  TRP A CE3 1 
ATOM   551  C CZ2 . TRP A 1 68  ? -8.137  -7.650  -9.257  1.00 24.76 ? 68  TRP A CZ2 1 
ATOM   552  C CZ3 . TRP A 1 68  ? -7.520  -5.528  -8.379  1.00 25.43 ? 68  TRP A CZ3 1 
ATOM   553  C CH2 . TRP A 1 68  ? -8.289  -6.668  -8.299  1.00 23.71 ? 68  TRP A CH2 1 
ATOM   554  N N   . ILE A 1 69  ? -6.132  -3.044  -12.398 1.00 22.55 ? 69  ILE A N   1 
ATOM   555  C CA  . ILE A 1 69  ? -7.243  -2.129  -12.165 1.00 20.98 ? 69  ILE A CA  1 
ATOM   556  C C   . ILE A 1 69  ? -7.861  -1.666  -13.460 1.00 21.18 ? 69  ILE A C   1 
ATOM   557  O O   . ILE A 1 69  ? -9.060  -1.790  -13.609 1.00 20.76 ? 69  ILE A O   1 
ATOM   558  C CB  . ILE A 1 69  ? -6.729  -0.915  -11.356 1.00 21.83 ? 69  ILE A CB  1 
ATOM   559  C CG1 . ILE A 1 69  ? -6.554  -1.411  -9.910  1.00 23.15 ? 69  ILE A CG1 1 
ATOM   560  C CG2 . ILE A 1 69  ? -7.671  0.306   -11.405 1.00 17.20 ? 69  ILE A CG2 1 
ATOM   561  C CD1 . ILE A 1 69  ? -5.642  -0.421  -9.153  1.00 24.54 ? 69  ILE A CD1 1 
ATOM   562  N N   . ASN A 1 70  ? -7.084  -1.153  -14.395 1.00 22.84 ? 70  ASN A N   1 
ATOM   563  C CA  . ASN A 1 70  ? -7.635  -0.731  -15.684 1.00 27.24 ? 70  ASN A CA  1 
ATOM   564  C C   . ASN A 1 70  ? -8.298  -1.813  -16.504 1.00 29.44 ? 70  ASN A C   1 
ATOM   565  O O   . ASN A 1 70  ? -9.328  -1.568  -17.120 1.00 30.67 ? 70  ASN A O   1 
ATOM   566  C CB  . ASN A 1 70  ? -6.623  -0.189  -16.573 1.00 28.23 ? 70  ASN A CB  1 
ATOM   567  C CG  . ASN A 1 70  ? -6.157  1.167   -16.148 1.00 29.82 ? 70  ASN A CG  1 
ATOM   568  O OD1 . ASN A 1 70  ? -5.140  1.577   -16.659 1.00 33.90 ? 70  ASN A OD1 1 
ATOM   569  N ND2 . ASN A 1 70  ? -6.692  1.979   -15.263 1.00 28.63 ? 70  ASN A ND2 1 
ATOM   570  N N   . LYS A 1 71  ? -7.758  -3.028  -16.494 1.00 30.29 ? 71  LYS A N   1 
ATOM   571  C CA  . LYS A 1 71  ? -8.399  -4.177  -17.108 1.00 30.57 ? 71  LYS A CA  1 
ATOM   572  C C   . LYS A 1 71  ? -9.795  -4.357  -16.480 1.00 29.59 ? 71  LYS A C   1 
ATOM   573  O O   . LYS A 1 71  ? -10.809 -4.537  -17.155 1.00 28.83 ? 71  LYS A O   1 
ATOM   574  C CB  . LYS A 1 71  ? -7.449  -5.325  -16.837 1.00 32.79 ? 71  LYS A CB  1 
ATOM   575  C CG  . LYS A 1 71  ? -7.428  -6.463  -17.818 1.00 39.85 ? 71  LYS A CG  1 
ATOM   576  C CD  . LYS A 1 71  ? -8.036  -7.756  -17.239 1.00 44.72 ? 71  LYS A CD  1 
ATOM   577  C CE  . LYS A 1 71  ? -7.192  -8.550  -16.212 1.00 47.10 ? 71  LYS A CE  1 
ATOM   578  N NZ  . LYS A 1 71  ? -7.304  -8.058  -14.849 1.00 49.24 ? 71  LYS A NZ  1 
ATOM   579  N N   . LYS A 1 72  ? -9.876  -4.367  -15.155 1.00 27.14 ? 72  LYS A N   1 
ATOM   580  C CA  . LYS A 1 72  ? -11.159 -4.449  -14.454 1.00 28.82 ? 72  LYS A CA  1 
ATOM   581  C C   . LYS A 1 72  ? -12.135 -3.242  -14.648 1.00 28.34 ? 72  LYS A C   1 
ATOM   582  O O   . LYS A 1 72  ? -13.360 -3.375  -14.710 1.00 28.36 ? 72  LYS A O   1 
ATOM   583  C CB  . LYS A 1 72  ? -10.874 -4.634  -12.959 1.00 30.57 ? 72  LYS A CB  1 
ATOM   584  C CG  . LYS A 1 72  ? -10.183 -5.923  -12.511 1.00 34.45 ? 72  LYS A CG  1 
ATOM   585  C CD  . LYS A 1 72  ? -11.137 -7.070  -12.778 1.00 39.49 ? 72  LYS A CD  1 
ATOM   586  C CE  . LYS A 1 72  ? -10.888 -8.334  -11.948 1.00 43.75 ? 72  LYS A CE  1 
ATOM   587  N NZ  . LYS A 1 72  ? -11.514 -8.330  -10.625 1.00 46.90 ? 72  LYS A NZ  1 
ATOM   588  N N   . ILE A 1 73  ? -11.623 -2.026  -14.763 1.00 25.63 ? 73  ILE A N   1 
ATOM   589  C CA  . ILE A 1 73  ? -12.475 -0.869  -14.938 1.00 25.68 ? 73  ILE A CA  1 
ATOM   590  C C   . ILE A 1 73  ? -12.943 -0.788  -16.401 1.00 28.09 ? 73  ILE A C   1 
ATOM   591  O O   . ILE A 1 73  ? -14.132 -0.585  -16.658 1.00 29.37 ? 73  ILE A O   1 
ATOM   592  C CB  . ILE A 1 73  ? -11.659 0.388   -14.460 1.00 22.65 ? 73  ILE A CB  1 
ATOM   593  C CG1 . ILE A 1 73  ? -11.549 0.371   -12.914 1.00 17.89 ? 73  ILE A CG1 1 
ATOM   594  C CG2 . ILE A 1 73  ? -12.301 1.665   -14.980 1.00 21.92 ? 73  ILE A CG2 1 
ATOM   595  C CD1 . ILE A 1 73  ? -12.825 0.550   -12.048 1.00 16.57 ? 73  ILE A CD1 1 
ATOM   596  N N   . ASP A 1 74  ? -12.059 -0.937  -17.381 1.00 28.70 ? 74  ASP A N   1 
ATOM   597  C CA  . ASP A 1 74  ? -12.421 -0.965  -18.789 1.00 30.68 ? 74  ASP A CA  1 
ATOM   598  C C   . ASP A 1 74  ? -13.476 -2.015  -19.102 1.00 33.32 ? 74  ASP A C   1 
ATOM   599  O O   . ASP A 1 74  ? -14.274 -1.877  -20.032 1.00 37.36 ? 74  ASP A O   1 
ATOM   600  C CB  . ASP A 1 74  ? -11.194 -1.241  -19.615 1.00 29.94 ? 74  ASP A CB  1 
ATOM   601  C CG  . ASP A 1 74  ? -10.212 -0.088  -19.697 1.00 32.00 ? 74  ASP A CG  1 
ATOM   602  O OD1 . ASP A 1 74  ? -10.539 1.005   -19.209 1.00 35.24 ? 74  ASP A OD1 1 
ATOM   603  O OD2 . ASP A 1 74  ? -9.129  -0.273  -20.268 1.00 31.65 ? 74  ASP A OD2 1 
ATOM   604  N N   . ALA A 1 75  ? -13.588 -3.047  -18.280 1.00 33.28 ? 75  ALA A N   1 
ATOM   605  C CA  . ALA A 1 75  ? -14.622 -4.036  -18.453 1.00 34.53 ? 75  ALA A CA  1 
ATOM   606  C C   . ALA A 1 75  ? -15.943 -3.780  -17.726 1.00 36.39 ? 75  ALA A C   1 
ATOM   607  O O   . ALA A 1 75  ? -16.866 -4.579  -17.906 1.00 38.86 ? 75  ALA A O   1 
ATOM   608  C CB  . ALA A 1 75  ? -14.109 -5.391  -17.995 1.00 35.01 ? 75  ALA A CB  1 
ATOM   609  N N   . LEU A 1 76  ? -16.162 -2.747  -16.891 1.00 34.89 ? 76  LEU A N   1 
ATOM   610  C CA  . LEU A 1 76  ? -17.447 -2.603  -16.188 1.00 32.56 ? 76  LEU A CA  1 
ATOM   611  C C   . LEU A 1 76  ? -18.671 -2.347  -17.063 1.00 31.75 ? 76  LEU A C   1 
ATOM   612  O O   . LEU A 1 76  ? -19.798 -2.677  -16.656 1.00 32.99 ? 76  LEU A O   1 
ATOM   613  C CB  . LEU A 1 76  ? -17.420 -1.466  -15.169 1.00 31.74 ? 76  LEU A CB  1 
ATOM   614  C CG  . LEU A 1 76  ? -16.590 -1.727  -13.950 1.00 31.40 ? 76  LEU A CG  1 
ATOM   615  C CD1 . LEU A 1 76  ? -16.504 -0.482  -13.135 1.00 32.24 ? 76  LEU A CD1 1 
ATOM   616  C CD2 . LEU A 1 76  ? -17.219 -2.816  -13.126 1.00 30.37 ? 76  LEU A CD2 1 
ATOM   617  N N   . GLY A 1 77  ? -18.466 -1.725  -18.233 1.00 26.96 ? 77  GLY A N   1 
ATOM   618  C CA  . GLY A 1 77  ? -19.574 -1.471  -19.129 1.00 25.13 ? 77  GLY A CA  1 
ATOM   619  C C   . GLY A 1 77  ? -20.501 -0.353  -18.668 1.00 25.23 ? 77  GLY A C   1 
ATOM   620  O O   . GLY A 1 77  ? -21.650 -0.252  -19.081 1.00 25.23 ? 77  GLY A O   1 
ATOM   621  N N   . ARG A 1 78  ? -20.022 0.531   -17.800 1.00 22.18 ? 78  ARG A N   1 
ATOM   622  C CA  . ARG A 1 78  ? -20.781 1.678   -17.291 1.00 19.93 ? 78  ARG A CA  1 
ATOM   623  C C   . ARG A 1 78  ? -19.755 2.667   -16.786 1.00 18.97 ? 78  ARG A C   1 
ATOM   624  O O   . ARG A 1 78  ? -18.580 2.301   -16.680 1.00 18.81 ? 78  ARG A O   1 
ATOM   625  C CB  . ARG A 1 78  ? -21.680 1.316   -16.111 1.00 20.83 ? 78  ARG A CB  1 
ATOM   626  C CG  . ARG A 1 78  ? -20.941 0.508   -15.069 1.00 24.22 ? 78  ARG A CG  1 
ATOM   627  C CD  . ARG A 1 78  ? -21.786 0.109   -13.870 1.00 27.59 ? 78  ARG A CD  1 
ATOM   628  N NE  . ARG A 1 78  ? -21.248 0.949   -12.871 1.00 31.07 ? 78  ARG A NE  1 
ATOM   629  C CZ  . ARG A 1 78  ? -20.314 0.618   -12.017 1.00 30.13 ? 78  ARG A CZ  1 
ATOM   630  N NH1 . ARG A 1 78  ? -20.010 -0.595  -11.643 1.00 30.45 ? 78  ARG A NH1 1 
ATOM   631  N NH2 . ARG A 1 78  ? -19.792 1.629   -11.404 1.00 32.30 ? 78  ARG A NH2 1 
ATOM   632  N N   . THR A 1 79  ? -20.058 3.878   -16.379 1.00 17.85 ? 79  THR A N   1 
ATOM   633  C CA  . THR A 1 79  ? -18.934 4.699   -15.955 1.00 19.14 ? 79  THR A CA  1 
ATOM   634  C C   . THR A 1 79  ? -18.502 4.384   -14.499 1.00 18.55 ? 79  THR A C   1 
ATOM   635  O O   . THR A 1 79  ? -19.299 3.953   -13.638 1.00 18.04 ? 79  THR A O   1 
ATOM   636  C CB  . THR A 1 79  ? -19.239 6.268   -16.243 1.00 21.30 ? 79  THR A CB  1 
ATOM   637  O OG1 . THR A 1 79  ? -19.133 7.021   -15.050 1.00 24.35 ? 79  THR A OG1 1 
ATOM   638  C CG2 . THR A 1 79  ? -20.510 6.445   -16.959 1.00 14.64 ? 79  THR A CG2 1 
ATOM   639  N N   . PRO A 1 80  ? -17.170 4.351   -14.271 1.00 17.22 ? 80  PRO A N   1 
ATOM   640  C CA  . PRO A 1 80  ? -16.580 4.011   -12.990 1.00 17.25 ? 80  PRO A CA  1 
ATOM   641  C C   . PRO A 1 80  ? -16.927 5.054   -11.939 1.00 16.79 ? 80  PRO A C   1 
ATOM   642  O O   . PRO A 1 80  ? -16.947 6.255   -12.186 1.00 16.33 ? 80  PRO A O   1 
ATOM   643  C CB  . PRO A 1 80  ? -15.088 3.977   -13.199 1.00 15.25 ? 80  PRO A CB  1 
ATOM   644  C CG  . PRO A 1 80  ? -14.883 4.078   -14.687 1.00 17.57 ? 80  PRO A CG  1 
ATOM   645  C CD  . PRO A 1 80  ? -16.127 4.736   -15.219 1.00 17.50 ? 80  PRO A CD  1 
ATOM   646  N N   . VAL A 1 81  ? -17.227 4.611   -10.741 1.00 16.70 ? 81  VAL A N   1 
ATOM   647  C CA  . VAL A 1 81  ? -17.426 5.489   -9.598  1.00 16.45 ? 81  VAL A CA  1 
ATOM   648  C C   . VAL A 1 81  ? -16.364 5.223   -8.507  1.00 17.32 ? 81  VAL A C   1 
ATOM   649  O O   . VAL A 1 81  ? -15.708 4.166   -8.510  1.00 17.35 ? 81  VAL A O   1 
ATOM   650  C CB  . VAL A 1 81  ? -18.882 5.270   -9.053  1.00 17.04 ? 81  VAL A CB  1 
ATOM   651  C CG1 . VAL A 1 81  ? -19.851 5.543   -10.204 1.00 17.95 ? 81  VAL A CG1 1 
ATOM   652  C CG2 . VAL A 1 81  ? -19.167 3.845   -8.622  1.00 15.37 ? 81  VAL A CG2 1 
ATOM   653  N N   . VAL A 1 82  ? -16.128 6.082   -7.517  1.00 16.08 ? 82  VAL A N   1 
ATOM   654  C CA  . VAL A 1 82  ? -15.075 5.809   -6.527  1.00 18.64 ? 82  VAL A CA  1 
ATOM   655  C C   . VAL A 1 82  ? -15.243 4.493   -5.763  1.00 18.55 ? 82  VAL A C   1 
ATOM   656  O O   . VAL A 1 82  ? -14.275 3.813   -5.463  1.00 18.66 ? 82  VAL A O   1 
ATOM   657  C CB  . VAL A 1 82  ? -14.974 7.019   -5.545  1.00 19.30 ? 82  VAL A CB  1 
ATOM   658  C CG1 . VAL A 1 82  ? -16.221 7.180   -4.740  1.00 22.99 ? 82  VAL A CG1 1 
ATOM   659  C CG2 . VAL A 1 82  ? -13.823 6.786   -4.568  1.00 21.73 ? 82  VAL A CG2 1 
ATOM   660  N N   . GLY A 1 83  ? -16.473 4.057   -5.532  1.00 17.31 ? 83  GLY A N   1 
ATOM   661  C CA  . GLY A 1 83  ? -16.735 2.760   -4.934  1.00 16.06 ? 83  GLY A CA  1 
ATOM   662  C C   . GLY A 1 83  ? -16.167 1.564   -5.693  1.00 16.47 ? 83  GLY A C   1 
ATOM   663  O O   . GLY A 1 83  ? -15.869 0.519   -5.096  1.00 16.91 ? 83  GLY A O   1 
ATOM   664  N N   . ASP A 1 84  ? -15.940 1.686   -6.998  1.00 14.66 ? 84  ASP A N   1 
ATOM   665  C CA  . ASP A 1 84  ? -15.343 0.587   -7.720  1.00 14.97 ? 84  ASP A CA  1 
ATOM   666  C C   . ASP A 1 84  ? -13.864 0.450   -7.367  1.00 15.26 ? 84  ASP A C   1 
ATOM   667  O O   . ASP A 1 84  ? -13.298 -0.617  -7.194  1.00 15.05 ? 84  ASP A O   1 
ATOM   668  C CB  . ASP A 1 84  ? -15.447 0.810   -9.208  1.00 16.71 ? 84  ASP A CB  1 
ATOM   669  C CG  . ASP A 1 84  ? -16.877 0.798   -9.707  1.00 18.29 ? 84  ASP A CG  1 
ATOM   670  O OD1 . ASP A 1 84  ? -17.685 -0.048  -9.352  1.00 20.01 ? 84  ASP A OD1 1 
ATOM   671  O OD2 . ASP A 1 84  ? -17.244 1.667   -10.473 1.00 18.53 ? 84  ASP A OD2 1 
ATOM   672  N N   . TYR A 1 85  ? -13.215 1.600   -7.182  1.00 15.41 ? 85  TYR A N   1 
ATOM   673  C CA  . TYR A 1 85  ? -11.797 1.646   -6.815  1.00 14.13 ? 85  TYR A CA  1 
ATOM   674  C C   . TYR A 1 85  ? -11.640 1.274   -5.354  1.00 15.65 ? 85  TYR A C   1 
ATOM   675  O O   . TYR A 1 85  ? -10.714 0.561   -5.014  1.00 15.33 ? 85  TYR A O   1 
ATOM   676  C CB  . TYR A 1 85  ? -11.272 3.049   -7.078  1.00 12.49 ? 85  TYR A CB  1 
ATOM   677  C CG  . TYR A 1 85  ? -11.202 3.314   -8.571  1.00 12.45 ? 85  TYR A CG  1 
ATOM   678  C CD1 . TYR A 1 85  ? -10.081 2.924   -9.277  1.00 12.75 ? 85  TYR A CD1 1 
ATOM   679  C CD2 . TYR A 1 85  ? -12.255 3.943   -9.207  1.00 14.05 ? 85  TYR A CD2 1 
ATOM   680  C CE1 . TYR A 1 85  ? -9.997  3.171   -10.642 1.00 14.03 ? 85  TYR A CE1 1 
ATOM   681  C CE2 . TYR A 1 85  ? -12.176 4.186   -10.571 1.00 13.65 ? 85  TYR A CE2 1 
ATOM   682  C CZ  . TYR A 1 85  ? -11.048 3.805   -11.270 1.00 13.56 ? 85  TYR A CZ  1 
ATOM   683  O OH  . TYR A 1 85  ? -10.955 4.087   -12.618 1.00 15.77 ? 85  TYR A OH  1 
ATOM   684  N N   . THR A 1 86  ? -12.512 1.742   -4.437  1.00 16.80 ? 86  THR A N   1 
ATOM   685  C CA  . THR A 1 86  ? -12.527 1.267   -3.043  1.00 17.61 ? 86  THR A CA  1 
ATOM   686  C C   . THR A 1 86  ? -12.622 -0.262  -3.043  1.00 17.96 ? 86  THR A C   1 
ATOM   687  O O   . THR A 1 86  ? -11.795 -0.915  -2.403  1.00 18.97 ? 86  THR A O   1 
ATOM   688  C CB  . THR A 1 86  ? -13.740 1.798   -2.206  1.00 18.15 ? 86  THR A CB  1 
ATOM   689  O OG1 . THR A 1 86  ? -13.596 3.203   -2.138  1.00 19.17 ? 86  THR A OG1 1 
ATOM   690  C CG2 . THR A 1 86  ? -13.791 1.275   -0.769  1.00 18.40 ? 86  THR A CG2 1 
ATOM   691  N N   . ARG A 1 87  ? -13.535 -0.884  -3.788  1.00 17.19 ? 87  ARG A N   1 
ATOM   692  C CA  . ARG A 1 87  ? -13.608 -2.330  -3.802  1.00 20.33 ? 87  ARG A CA  1 
ATOM   693  C C   . ARG A 1 87  ? -12.376 -2.981  -4.426  1.00 20.57 ? 87  ARG A C   1 
ATOM   694  O O   . ARG A 1 87  ? -11.905 -3.988  -3.897  1.00 20.96 ? 87  ARG A O   1 
ATOM   695  C CB  . ARG A 1 87  ? -14.894 -2.737  -4.531  1.00 24.13 ? 87  ARG A CB  1 
ATOM   696  C CG  . ARG A 1 87  ? -14.940 -4.177  -5.010  1.00 35.00 ? 87  ARG A CG  1 
ATOM   697  C CD  . ARG A 1 87  ? -16.347 -4.665  -5.398  1.00 44.56 ? 87  ARG A CD  1 
ATOM   698  N NE  . ARG A 1 87  ? -17.220 -4.792  -4.218  1.00 53.99 ? 87  ARG A NE  1 
ATOM   699  C CZ  . ARG A 1 87  ? -17.325 -5.890  -3.450  1.00 58.04 ? 87  ARG A CZ  1 
ATOM   700  N NH1 . ARG A 1 87  ? -16.672 -7.008  -3.720  1.00 60.20 ? 87  ARG A NH1 1 
ATOM   701  N NH2 . ARG A 1 87  ? -18.118 -5.865  -2.393  1.00 58.98 ? 87  ARG A NH2 1 
ATOM   702  N N   . LEU A 1 88  ? -11.770 -2.468  -5.504  1.00 18.93 ? 88  LEU A N   1 
ATOM   703  C CA  . LEU A 1 88  ? -10.556 -3.067  -6.063  1.00 18.13 ? 88  LEU A CA  1 
ATOM   704  C C   . LEU A 1 88  ? -9.352  -2.918  -5.134  1.00 16.88 ? 88  LEU A C   1 
ATOM   705  O O   . LEU A 1 88  ? -8.575  -3.850  -4.922  1.00 15.90 ? 88  LEU A O   1 
ATOM   706  C CB  . LEU A 1 88  ? -10.273 -2.418  -7.421  1.00 18.82 ? 88  LEU A CB  1 
ATOM   707  C CG  . LEU A 1 88  ? -10.663 -3.101  -8.751  1.00 23.42 ? 88  LEU A CG  1 
ATOM   708  C CD1 . LEU A 1 88  ? -11.650 -4.245  -8.529  1.00 21.49 ? 88  LEU A CD1 1 
ATOM   709  C CD2 . LEU A 1 88  ? -11.123 -2.012  -9.722  1.00 20.93 ? 88  LEU A CD2 1 
ATOM   710  N N   . GLY A 1 89  ? -9.228  -1.754  -4.514  1.00 13.93 ? 89  GLY A N   1 
ATOM   711  C CA  . GLY A 1 89  ? -8.180  -1.501  -3.545  1.00 14.59 ? 89  GLY A CA  1 
ATOM   712  C C   . GLY A 1 89  ? -8.300  -2.448  -2.333  1.00 15.92 ? 89  GLY A C   1 
ATOM   713  O O   . GLY A 1 89  ? -7.284  -2.986  -1.890  1.00 14.77 ? 89  GLY A O   1 
ATOM   714  N N   . ALA A 1 90  ? -9.494  -2.665  -1.749  1.00 15.26 ? 90  ALA A N   1 
ATOM   715  C CA  . ALA A 1 90  ? -9.679  -3.628  -0.651  1.00 16.65 ? 90  ALA A CA  1 
ATOM   716  C C   . ALA A 1 90  ? -9.330  -5.077  -1.010  1.00 16.90 ? 90  ALA A C   1 
ATOM   717  O O   . ALA A 1 90  ? -8.853  -5.865  -0.189  1.00 16.39 ? 90  ALA A O   1 
ATOM   718  C CB  . ALA A 1 90  ? -11.121 -3.626  -0.154  1.00 14.61 ? 90  ALA A CB  1 
ATOM   719  N N   . GLU A 1 91  ? -9.546  -5.430  -2.267  1.00 15.68 ? 91  GLU A N   1 
ATOM   720  C CA  . GLU A 1 91  ? -9.204  -6.733  -2.743  1.00 18.04 ? 91  GLU A CA  1 
ATOM   721  C C   . GLU A 1 91  ? -7.686  -6.887  -2.758  1.00 17.91 ? 91  GLU A C   1 
ATOM   722  O O   . GLU A 1 91  ? -7.145  -7.882  -2.249  1.00 18.37 ? 91  GLU A O   1 
ATOM   723  C CB  . GLU A 1 91  ? -9.757  -6.952  -4.152  1.00 21.79 ? 91  GLU A CB  1 
ATOM   724  C CG  . GLU A 1 91  ? -9.725  -8.432  -4.539  1.00 30.39 ? 91  GLU A CG  1 
ATOM   725  C CD  . GLU A 1 91  ? -9.994  -8.769  -6.013  1.00 36.01 ? 91  GLU A CD  1 
ATOM   726  O OE1 . GLU A 1 91  ? -10.779 -8.030  -6.653  1.00 40.71 ? 91  GLU A OE1 1 
ATOM   727  O OE2 . GLU A 1 91  ? -9.446  -9.784  -6.514  1.00 35.28 ? 91  GLU A OE2 1 
ATOM   728  N N   . ILE A 1 92  ? -6.938  -5.904  -3.259  1.00 14.94 ? 92  ILE A N   1 
ATOM   729  C CA  . ILE A 1 92  ? -5.491  -6.036  -3.261  1.00 14.08 ? 92  ILE A CA  1 
ATOM   730  C C   . ILE A 1 92  ? -4.963  -6.064  -1.821  1.00 15.31 ? 92  ILE A C   1 
ATOM   731  O O   . ILE A 1 92  ? -4.122  -6.900  -1.470  1.00 16.05 ? 92  ILE A O   1 
ATOM   732  C CB  . ILE A 1 92  ? -4.856  -4.862  -4.040  1.00 15.25 ? 92  ILE A CB  1 
ATOM   733  C CG1 . ILE A 1 92  ? -5.230  -4.888  -5.524  1.00 14.98 ? 92  ILE A CG1 1 
ATOM   734  C CG2 . ILE A 1 92  ? -3.324  -4.981  -3.908  1.00 16.21 ? 92  ILE A CG2 1 
ATOM   735  C CD1 . ILE A 1 92  ? -4.945  -3.511  -6.190  1.00 15.40 ? 92  ILE A CD1 1 
ATOM   736  N N   . GLY A 1 93  ? -5.467  -5.149  -0.992  1.00 14.35 ? 93  GLY A N   1 
ATOM   737  C CA  . GLY A 1 93  ? -5.069  -5.026  0.408   1.00 15.45 ? 93  GLY A CA  1 
ATOM   738  C C   . GLY A 1 93  ? -5.271  -6.305  1.237   1.00 17.88 ? 93  GLY A C   1 
ATOM   739  O O   . GLY A 1 93  ? -4.525  -6.550  2.192   1.00 16.70 ? 93  GLY A O   1 
ATOM   740  N N   . ARG A 1 94  ? -6.346  -7.053  0.925   1.00 18.02 ? 94  ARG A N   1 
ATOM   741  C CA  . ARG A 1 94  ? -6.640  -8.351  1.535   1.00 21.95 ? 94  ARG A CA  1 
ATOM   742  C C   . ARG A 1 94  ? -5.888  -9.533  0.953   1.00 20.11 ? 94  ARG A C   1 
ATOM   743  O O   . ARG A 1 94  ? -5.508  -10.478 1.633   1.00 21.11 ? 94  ARG A O   1 
ATOM   744  C CB  . ARG A 1 94  ? -8.133  -8.711  1.408   1.00 28.00 ? 94  ARG A CB  1 
ATOM   745  C CG  . ARG A 1 94  ? -8.983  -7.957  2.406   1.00 39.71 ? 94  ARG A CG  1 
ATOM   746  C CD  . ARG A 1 94  ? -10.505 -7.838  2.084   1.00 48.87 ? 94  ARG A CD  1 
ATOM   747  N NE  . ARG A 1 94  ? -11.046 -6.493  2.373   1.00 53.67 ? 94  ARG A NE  1 
ATOM   748  C CZ  . ARG A 1 94  ? -11.426 -6.058  3.573   1.00 56.77 ? 94  ARG A CZ  1 
ATOM   749  N NH1 . ARG A 1 94  ? -11.404 -6.846  4.634   1.00 58.98 ? 94  ARG A NH1 1 
ATOM   750  N NH2 . ARG A 1 94  ? -11.818 -4.804  3.710   1.00 57.22 ? 94  ARG A NH2 1 
ATOM   751  N N   . ARG A 1 95  ? -5.703  -9.577  -0.339  1.00 18.78 ? 95  ARG A N   1 
ATOM   752  C CA  . ARG A 1 95  ? -5.141  -10.757 -0.956  1.00 18.53 ? 95  ARG A CA  1 
ATOM   753  C C   . ARG A 1 95  ? -3.674  -10.989 -0.771  1.00 18.14 ? 95  ARG A C   1 
ATOM   754  O O   . ARG A 1 95  ? -3.229  -12.136 -0.807  1.00 17.27 ? 95  ARG A O   1 
ATOM   755  C CB  . ARG A 1 95  ? -5.394  -10.756 -2.454  1.00 23.81 ? 95  ARG A CB  1 
ATOM   756  C CG  . ARG A 1 95  ? -6.890  -10.924 -2.735  1.00 33.11 ? 95  ARG A CG  1 
ATOM   757  C CD  . ARG A 1 95  ? -7.153  -10.737 -4.233  1.00 39.96 ? 95  ARG A CD  1 
ATOM   758  N NE  . ARG A 1 95  ? -6.520  -11.802 -4.980  1.00 46.70 ? 95  ARG A NE  1 
ATOM   759  C CZ  . ARG A 1 95  ? -7.196  -12.800 -5.517  1.00 48.89 ? 95  ARG A CZ  1 
ATOM   760  N NH1 . ARG A 1 95  ? -8.516  -12.917 -5.402  1.00 49.56 ? 95  ARG A NH1 1 
ATOM   761  N NH2 . ARG A 1 95  ? -6.480  -13.729 -6.103  1.00 49.49 ? 95  ARG A NH2 1 
ATOM   762  N N   . ILE A 1 96  ? -2.883  -9.923  -0.706  1.00 16.47 ? 96  ILE A N   1 
ATOM   763  C CA  . ILE A 1 96  ? -1.432  -10.101 -0.549  1.00 15.46 ? 96  ILE A CA  1 
ATOM   764  C C   . ILE A 1 96  ? -1.165  -10.481 0.924   1.00 13.63 ? 96  ILE A C   1 
ATOM   765  O O   . ILE A 1 96  ? -1.355  -9.690  1.854   1.00 11.62 ? 96  ILE A O   1 
ATOM   766  C CB  . ILE A 1 96  ? -0.630  -8.776  -0.913  1.00 16.30 ? 96  ILE A CB  1 
ATOM   767  C CG1 . ILE A 1 96  ? -1.042  -8.156  -2.264  1.00 18.72 ? 96  ILE A CG1 1 
ATOM   768  C CG2 . ILE A 1 96  ? 0.838   -9.123  -0.990  1.00 14.90 ? 96  ILE A CG2 1 
ATOM   769  C CD1 . ILE A 1 96  ? -0.780  -9.026  -3.503  1.00 22.83 ? 96  ILE A CD1 1 
ATOM   770  N N   . ASP A 1 97  ? -0.718  -11.721 1.098   1.00 12.62 ? 97  ASP A N   1 
ATOM   771  C CA  . ASP A 1 97  ? -0.456  -12.233 2.437   1.00 14.30 ? 97  ASP A CA  1 
ATOM   772  C C   . ASP A 1 97  ? 0.938   -11.819 2.869   1.00 12.28 ? 97  ASP A C   1 
ATOM   773  O O   . ASP A 1 97  ? 1.934   -12.545 2.781   1.00 11.45 ? 97  ASP A O   1 
ATOM   774  C CB  . ASP A 1 97  ? -0.571  -13.752 2.456   1.00 14.15 ? 97  ASP A CB  1 
ATOM   775  C CG  . ASP A 1 97  ? -0.618  -14.342 3.874   1.00 17.75 ? 97  ASP A CG  1 
ATOM   776  O OD1 . ASP A 1 97  ? -0.773  -13.634 4.883   1.00 18.26 ? 97  ASP A OD1 1 
ATOM   777  O OD2 . ASP A 1 97  ? -0.521  -15.556 3.969   1.00 16.64 ? 97  ASP A OD2 1 
ATOM   778  N N   . MET A 1 98  ? 1.026   -10.530 3.245   1.00 12.29 ? 98  MET A N   1 
ATOM   779  C CA  . MET A 1 98  ? 2.296   -9.914  3.633   1.00 12.88 ? 98  MET A CA  1 
ATOM   780  C C   . MET A 1 98  ? 3.019   -10.597 4.797   1.00 13.77 ? 98  MET A C   1 
ATOM   781  O O   . MET A 1 98  ? 4.240   -10.521 4.881   1.00 13.99 ? 98  MET A O   1 
ATOM   782  C CB  . MET A 1 98  ? 2.043   -8.432  3.975   1.00 12.86 ? 98  MET A CB  1 
ATOM   783  C CG  . MET A 1 98  ? 1.623   -7.607  2.743   1.00 14.32 ? 98  MET A CG  1 
ATOM   784  S SD  . MET A 1 98  ? 2.978   -7.435  1.555   1.00 17.13 ? 98  MET A SD  1 
ATOM   785  C CE  . MET A 1 98  ? 4.047   -6.252  2.331   1.00 18.20 ? 98  MET A CE  1 
ATOM   786  N N   . ALA A 1 99  ? 2.312   -11.309 5.688   1.00 12.78 ? 99  ALA A N   1 
ATOM   787  C CA  . ALA A 1 99  ? 2.964   -12.035 6.781   1.00 14.35 ? 99  ALA A CA  1 
ATOM   788  C C   . ALA A 1 99  ? 4.020   -13.008 6.290   1.00 14.63 ? 99  ALA A C   1 
ATOM   789  O O   . ALA A 1 99  ? 5.050   -13.197 6.920   1.00 15.25 ? 99  ALA A O   1 
ATOM   790  C CB  . ALA A 1 99  ? 1.932   -12.803 7.588   1.00 12.83 ? 99  ALA A CB  1 
ATOM   791  N N   . TYR A 1 100 ? 3.908   -13.508 5.061   1.00 16.37 ? 100 TYR A N   1 
ATOM   792  C CA  . TYR A 1 100 ? 4.924   -14.396 4.513   1.00 16.61 ? 100 TYR A CA  1 
ATOM   793  C C   . TYR A 1 100 ? 6.243   -13.628 4.291   1.00 16.50 ? 100 TYR A C   1 
ATOM   794  O O   . TYR A 1 100 ? 7.367   -14.098 4.505   1.00 15.97 ? 100 TYR A O   1 
ATOM   795  C CB  . TYR A 1 100 ? 4.277   -14.968 3.245   1.00 19.96 ? 100 TYR A CB  1 
ATOM   796  C CG  . TYR A 1 100 ? 5.097   -16.032 2.567   1.00 24.35 ? 100 TYR A CG  1 
ATOM   797  C CD1 . TYR A 1 100 ? 4.974   -17.358 2.897   1.00 27.28 ? 100 TYR A CD1 1 
ATOM   798  C CD2 . TYR A 1 100 ? 5.989   -15.631 1.591   1.00 29.33 ? 100 TYR A CD2 1 
ATOM   799  C CE1 . TYR A 1 100 ? 5.782   -18.280 2.239   1.00 32.64 ? 100 TYR A CE1 1 
ATOM   800  C CE2 . TYR A 1 100 ? 6.780   -16.535 0.923   1.00 32.52 ? 100 TYR A CE2 1 
ATOM   801  C CZ  . TYR A 1 100 ? 6.673   -17.861 1.259   1.00 34.21 ? 100 TYR A CZ  1 
ATOM   802  O OH  . TYR A 1 100 ? 7.526   -18.744 0.621   1.00 40.46 ? 100 TYR A OH  1 
ATOM   803  N N   . PHE A 1 101 ? 6.131   -12.351 3.886   1.00 16.03 ? 101 PHE A N   1 
ATOM   804  C CA  . PHE A 1 101 ? 7.291   -11.480 3.679   1.00 14.89 ? 101 PHE A CA  1 
ATOM   805  C C   . PHE A 1 101 ? 7.809   -11.005 5.036   1.00 14.31 ? 101 PHE A C   1 
ATOM   806  O O   . PHE A 1 101 ? 9.018   -10.908 5.216   1.00 16.15 ? 101 PHE A O   1 
ATOM   807  C CB  . PHE A 1 101 ? 6.886   -10.270 2.832   1.00 16.78 ? 101 PHE A CB  1 
ATOM   808  C CG  . PHE A 1 101 ? 8.011   -9.372  2.354   1.00 18.93 ? 101 PHE A CG  1 
ATOM   809  C CD1 . PHE A 1 101 ? 9.273   -9.873  2.075   1.00 23.38 ? 101 PHE A CD1 1 
ATOM   810  C CD2 . PHE A 1 101 ? 7.752   -8.034  2.185   1.00 21.98 ? 101 PHE A CD2 1 
ATOM   811  C CE1 . PHE A 1 101 ? 10.271  -9.018  1.627   1.00 25.24 ? 101 PHE A CE1 1 
ATOM   812  C CE2 . PHE A 1 101 ? 8.743   -7.189  1.739   1.00 21.83 ? 101 PHE A CE2 1 
ATOM   813  C CZ  . PHE A 1 101 ? 9.993   -7.671  1.458   1.00 23.43 ? 101 PHE A CZ  1 
ATOM   814  N N   . TYR A 1 102 ? 6.981   -10.688 6.044   1.00 12.98 ? 102 TYR A N   1 
ATOM   815  C CA  . TYR A 1 102 ? 7.484   -10.278 7.353   1.00 12.02 ? 102 TYR A CA  1 
ATOM   816  C C   . TYR A 1 102 ? 8.280   -11.402 8.002   1.00 12.60 ? 102 TYR A C   1 
ATOM   817  O O   . TYR A 1 102 ? 9.312   -11.152 8.597   1.00 11.84 ? 102 TYR A O   1 
ATOM   818  C CB  . TYR A 1 102 ? 6.326   -9.911  8.286   1.00 11.15 ? 102 TYR A CB  1 
ATOM   819  C CG  . TYR A 1 102 ? 5.338   -8.846  7.774   1.00 11.75 ? 102 TYR A CG  1 
ATOM   820  C CD1 . TYR A 1 102 ? 5.770   -7.791  6.979   1.00 9.09  ? 102 TYR A CD1 1 
ATOM   821  C CD2 . TYR A 1 102 ? 3.991   -8.972  8.141   1.00 8.77  ? 102 TYR A CD2 1 
ATOM   822  C CE1 . TYR A 1 102 ? 4.808   -6.871  6.562   1.00 10.05 ? 102 TYR A CE1 1 
ATOM   823  C CE2 . TYR A 1 102 ? 3.047   -8.069  7.728   1.00 8.96  ? 102 TYR A CE2 1 
ATOM   824  C CZ  . TYR A 1 102 ? 3.474   -7.023  6.934   1.00 10.83 ? 102 TYR A CZ  1 
ATOM   825  O OH  . TYR A 1 102 ? 2.528   -6.145  6.436   1.00 11.86 ? 102 TYR A OH  1 
ATOM   826  N N   . ASP A 1 103 ? 7.829   -12.655 7.868   1.00 13.68 ? 103 ASP A N   1 
ATOM   827  C CA  . ASP A 1 103 ? 8.534   -13.822 8.409   1.00 14.89 ? 103 ASP A CA  1 
ATOM   828  C C   . ASP A 1 103 ? 9.917   -13.959 7.803   1.00 15.26 ? 103 ASP A C   1 
ATOM   829  O O   . ASP A 1 103 ? 10.913  -14.191 8.476   1.00 16.72 ? 103 ASP A O   1 
ATOM   830  C CB  . ASP A 1 103 ? 7.795   -15.116 8.122   1.00 13.65 ? 103 ASP A CB  1 
ATOM   831  C CG  . ASP A 1 103 ? 6.629   -15.406 9.044   1.00 16.45 ? 103 ASP A CG  1 
ATOM   832  O OD1 . ASP A 1 103 ? 6.572   -14.905 10.158  1.00 17.20 ? 103 ASP A OD1 1 
ATOM   833  O OD2 . ASP A 1 103 ? 5.742   -16.190 8.707   1.00 17.73 ? 103 ASP A OD2 1 
ATOM   834  N N   . PHE A 1 104 ? 10.028  -13.741 6.495   1.00 16.81 ? 104 PHE A N   1 
ATOM   835  C CA  . PHE A 1 104 ? 11.288  -13.741 5.801   1.00 16.56 ? 104 PHE A CA  1 
ATOM   836  C C   . PHE A 1 104 ? 12.221  -12.678 6.352   1.00 17.48 ? 104 PHE A C   1 
ATOM   837  O O   . PHE A 1 104 ? 13.371  -12.940 6.660   1.00 16.27 ? 104 PHE A O   1 
ATOM   838  C CB  . PHE A 1 104 ? 11.046  -13.489 4.306   1.00 18.74 ? 104 PHE A CB  1 
ATOM   839  C CG  . PHE A 1 104 ? 12.348  -13.195 3.511   1.00 21.31 ? 104 PHE A CG  1 
ATOM   840  C CD1 . PHE A 1 104 ? 13.269  -14.196 3.259   1.00 22.33 ? 104 PHE A CD1 1 
ATOM   841  C CD2 . PHE A 1 104 ? 12.613  -11.918 3.068   1.00 22.42 ? 104 PHE A CD2 1 
ATOM   842  C CE1 . PHE A 1 104 ? 14.434  -13.942 2.584   1.00 21.59 ? 104 PHE A CE1 1 
ATOM   843  C CE2 . PHE A 1 104 ? 13.782  -11.677 2.397   1.00 23.06 ? 104 PHE A CE2 1 
ATOM   844  C CZ  . PHE A 1 104 ? 14.683  -12.680 2.157   1.00 21.40 ? 104 PHE A CZ  1 
ATOM   845  N N   . LEU A 1 105 ? 11.797  -11.413 6.377   1.00 17.23 ? 105 LEU A N   1 
ATOM   846  C CA  . LEU A 1 105 ? 12.644  -10.331 6.852   1.00 17.37 ? 105 LEU A CA  1 
ATOM   847  C C   . LEU A 1 105 ? 13.092  -10.544 8.292   1.00 18.54 ? 105 LEU A C   1 
ATOM   848  O O   . LEU A 1 105 ? 14.246  -10.297 8.632   1.00 18.96 ? 105 LEU A O   1 
ATOM   849  C CB  . LEU A 1 105 ? 11.907  -8.980  6.771   1.00 16.44 ? 105 LEU A CB  1 
ATOM   850  C CG  . LEU A 1 105 ? 11.447  -8.444  5.443   1.00 15.99 ? 105 LEU A CG  1 
ATOM   851  C CD1 . LEU A 1 105 ? 10.602  -7.181  5.666   1.00 15.83 ? 105 LEU A CD1 1 
ATOM   852  C CD2 . LEU A 1 105 ? 12.652  -8.147  4.582   1.00 15.47 ? 105 LEU A CD2 1 
ATOM   853  N N   . LYS A 1 106 ? 12.198  -10.972 9.167   1.00 20.19 ? 106 LYS A N   1 
ATOM   854  C CA  . LYS A 1 106 ? 12.567  -11.269 10.540  1.00 24.76 ? 106 LYS A CA  1 
ATOM   855  C C   . LYS A 1 106 ? 13.561  -12.457 10.592  1.00 27.41 ? 106 LYS A C   1 
ATOM   856  O O   . LYS A 1 106 ? 14.690  -12.290 11.059  1.00 27.51 ? 106 LYS A O   1 
ATOM   857  C CB  . LYS A 1 106 ? 11.285  -11.565 11.319  1.00 22.06 ? 106 LYS A CB  1 
ATOM   858  C CG  . LYS A 1 106 ? 11.562  -11.845 12.791  1.00 26.17 ? 106 LYS A CG  1 
ATOM   859  C CD  . LYS A 1 106 ? 10.309  -12.412 13.435  1.00 29.31 ? 106 LYS A CD  1 
ATOM   860  C CE  . LYS A 1 106 ? 10.558  -13.481 14.512  1.00 34.80 ? 106 LYS A CE  1 
ATOM   861  N NZ  . LYS A 1 106 ? 10.842  -12.904 15.829  1.00 35.86 ? 106 LYS A NZ  1 
ATOM   862  N N   . ASP A 1 107 ? 13.213  -13.614 10.014  1.00 29.78 ? 107 ASP A N   1 
ATOM   863  C CA  . ASP A 1 107 ? 14.048  -14.809 10.018  1.00 31.81 ? 107 ASP A CA  1 
ATOM   864  C C   . ASP A 1 107 ? 15.376  -14.599 9.308   1.00 32.47 ? 107 ASP A C   1 
ATOM   865  O O   . ASP A 1 107 ? 16.424  -15.052 9.762   1.00 34.90 ? 107 ASP A O   1 
ATOM   866  C CB  . ASP A 1 107 ? 13.303  -15.962 9.354   1.00 33.23 ? 107 ASP A CB  1 
ATOM   867  C CG  . ASP A 1 107 ? 12.026  -16.403 10.097  1.00 38.49 ? 107 ASP A CG  1 
ATOM   868  O OD1 . ASP A 1 107 ? 11.774  -16.003 11.254  1.00 38.49 ? 107 ASP A OD1 1 
ATOM   869  O OD2 . ASP A 1 107 ? 11.297  -17.198 9.487   1.00 42.10 ? 107 ASP A OD2 1 
ATOM   870  N N   . LYS A 1 108 ? 15.431  -13.940 8.159   1.00 32.91 ? 108 LYS A N   1 
ATOM   871  C CA  . LYS A 1 108 ? 16.704  -13.622 7.494   1.00 33.99 ? 108 LYS A CA  1 
ATOM   872  C C   . LYS A 1 108 ? 17.402  -12.361 7.995   1.00 33.62 ? 108 LYS A C   1 
ATOM   873  O O   . LYS A 1 108 ? 18.362  -11.871 7.399   1.00 33.80 ? 108 LYS A O   1 
ATOM   874  C CB  . LYS A 1 108 ? 16.462  -13.509 5.994   1.00 36.52 ? 108 LYS A CB  1 
ATOM   875  C CG  . LYS A 1 108 ? 16.951  -14.709 5.179   1.00 42.05 ? 108 LYS A CG  1 
ATOM   876  C CD  . LYS A 1 108 ? 16.602  -16.132 5.673   1.00 46.04 ? 108 LYS A CD  1 
ATOM   877  C CE  . LYS A 1 108 ? 15.092  -16.425 5.685   1.00 49.90 ? 108 LYS A CE  1 
ATOM   878  N NZ  . LYS A 1 108 ? 14.784  -17.786 6.113   1.00 52.38 ? 108 LYS A NZ  1 
ATOM   879  N N   . ASN A 1 109 ? 16.931  -11.798 9.110   1.00 33.28 ? 109 ASN A N   1 
ATOM   880  C CA  . ASN A 1 109 ? 17.493  -10.592 9.692   1.00 32.71 ? 109 ASN A CA  1 
ATOM   881  C C   . ASN A 1 109 ? 17.679  -9.430  8.714   1.00 31.73 ? 109 ASN A C   1 
ATOM   882  O O   . ASN A 1 109 ? 18.671  -8.694  8.683   1.00 30.59 ? 109 ASN A O   1 
ATOM   883  C CB  . ASN A 1 109 ? 18.795  -10.998 10.328  1.00 37.17 ? 109 ASN A CB  1 
ATOM   884  C CG  . ASN A 1 109 ? 19.030  -10.100 11.494  1.00 42.17 ? 109 ASN A CG  1 
ATOM   885  O OD1 . ASN A 1 109 ? 18.516  -10.325 12.583  1.00 45.77 ? 109 ASN A OD1 1 
ATOM   886  N ND2 . ASN A 1 109 ? 19.735  -9.002  11.326  1.00 44.99 ? 109 ASN A ND2 1 
ATOM   887  N N   . MET A 1 110 ? 16.667  -9.287  7.862   1.00 28.65 ? 110 MET A N   1 
ATOM   888  C CA  . MET A 1 110 ? 16.661  -8.240  6.861   1.00 27.37 ? 110 MET A CA  1 
ATOM   889  C C   . MET A 1 110 ? 15.640  -7.130  7.045   1.00 23.57 ? 110 MET A C   1 
ATOM   890  O O   . MET A 1 110 ? 15.290  -6.446  6.105   1.00 23.40 ? 110 MET A O   1 
ATOM   891  C CB  . MET A 1 110 ? 16.487  -8.880  5.491   1.00 30.48 ? 110 MET A CB  1 
ATOM   892  C CG  . MET A 1 110 ? 17.843  -9.455  5.029   1.00 37.98 ? 110 MET A CG  1 
ATOM   893  S SD  . MET A 1 110 ? 17.723  -10.118 3.352   1.00 45.04 ? 110 MET A SD  1 
ATOM   894  C CE  . MET A 1 110 ? 18.886  -9.111  2.479   1.00 42.78 ? 110 MET A CE  1 
ATOM   895  N N   . ILE A 1 111 ? 15.056  -6.898  8.224   1.00 20.90 ? 111 ILE A N   1 
ATOM   896  C CA  . ILE A 1 111 ? 14.213  -5.722  8.397   1.00 18.61 ? 111 ILE A CA  1 
ATOM   897  C C   . ILE A 1 111 ? 15.059  -4.476  8.073   1.00 17.90 ? 111 ILE A C   1 
ATOM   898  O O   . ILE A 1 111 ? 16.182  -4.378  8.574   1.00 18.74 ? 111 ILE A O   1 
ATOM   899  C CB  . ILE A 1 111 ? 13.678  -5.695  9.852   1.00 15.08 ? 111 ILE A CB  1 
ATOM   900  C CG1 . ILE A 1 111 ? 12.789  -6.902  10.015  1.00 14.39 ? 111 ILE A CG1 1 
ATOM   901  C CG2 . ILE A 1 111 ? 12.869  -4.420  10.160  1.00 14.81 ? 111 ILE A CG2 1 
ATOM   902  C CD1 . ILE A 1 111 ? 12.401  -7.174  11.455  1.00 14.80 ? 111 ILE A CD1 1 
ATOM   903  N N   . PRO A 1 112 ? 14.662  -3.522  7.227   1.00 19.43 ? 112 PRO A N   1 
ATOM   904  C CA  . PRO A 1 112 ? 15.457  -2.315  6.964   1.00 17.92 ? 112 PRO A CA  1 
ATOM   905  C C   . PRO A 1 112 ? 15.864  -1.522  8.211   1.00 18.16 ? 112 PRO A C   1 
ATOM   906  O O   . PRO A 1 112 ? 15.103  -1.372  9.183   1.00 16.03 ? 112 PRO A O   1 
ATOM   907  C CB  . PRO A 1 112 ? 14.643  -1.423  6.085   1.00 18.79 ? 112 PRO A CB  1 
ATOM   908  C CG  . PRO A 1 112 ? 13.510  -2.310  5.581   1.00 20.58 ? 112 PRO A CG  1 
ATOM   909  C CD  . PRO A 1 112 ? 13.347  -3.474  6.584   1.00 18.26 ? 112 PRO A CD  1 
ATOM   910  N N   . LYS A 1 113 ? 17.113  -1.045  8.242   1.00 18.39 ? 113 LYS A N   1 
ATOM   911  C CA  . LYS A 1 113 ? 17.522  -0.064  9.249   1.00 20.82 ? 113 LYS A CA  1 
ATOM   912  C C   . LYS A 1 113 ? 16.600  1.143   9.137   1.00 19.24 ? 113 LYS A C   1 
ATOM   913  O O   . LYS A 1 113 ? 16.424  1.640   8.044   1.00 20.40 ? 113 LYS A O   1 
ATOM   914  C CB  . LYS A 1 113 ? 18.981  0.413   9.043   1.00 24.21 ? 113 LYS A CB  1 
ATOM   915  C CG  . LYS A 1 113 ? 19.913  -0.651  9.610   1.00 33.11 ? 113 LYS A CG  1 
ATOM   916  C CD  . LYS A 1 113 ? 21.154  -0.839  8.729   1.00 39.83 ? 113 LYS A CD  1 
ATOM   917  C CE  . LYS A 1 113 ? 21.230  -2.298  8.169   1.00 45.32 ? 113 LYS A CE  1 
ATOM   918  N NZ  . LYS A 1 113 ? 22.065  -2.411  6.968   1.00 47.84 ? 113 LYS A NZ  1 
ATOM   919  N N   . TYR A 1 114 ? 15.990  1.666   10.182  1.00 17.18 ? 114 TYR A N   1 
ATOM   920  C CA  . TYR A 1 114 ? 15.073  2.785   10.042  1.00 16.51 ? 114 TYR A CA  1 
ATOM   921  C C   . TYR A 1 114 ? 15.802  4.111   9.778   1.00 16.92 ? 114 TYR A C   1 
ATOM   922  O O   . TYR A 1 114 ? 16.699  4.516   10.518  1.00 16.46 ? 114 TYR A O   1 
ATOM   923  C CB  . TYR A 1 114 ? 14.224  2.857   11.315  1.00 13.03 ? 114 TYR A CB  1 
ATOM   924  C CG  . TYR A 1 114 ? 12.890  3.586   11.158  1.00 13.33 ? 114 TYR A CG  1 
ATOM   925  C CD1 . TYR A 1 114 ? 12.049  3.308   10.085  1.00 13.90 ? 114 TYR A CD1 1 
ATOM   926  C CD2 . TYR A 1 114 ? 12.513  4.513   12.103  1.00 11.96 ? 114 TYR A CD2 1 
ATOM   927  C CE1 . TYR A 1 114 ? 10.842  3.963   9.960   1.00 14.70 ? 114 TYR A CE1 1 
ATOM   928  C CE2 . TYR A 1 114 ? 11.305  5.173   11.986  1.00 12.70 ? 114 TYR A CE2 1 
ATOM   929  C CZ  . TYR A 1 114 ? 10.490  4.876   10.919  1.00 15.04 ? 114 TYR A CZ  1 
ATOM   930  O OH  . TYR A 1 114 ? 9.255   5.450   10.848  1.00 16.01 ? 114 TYR A OH  1 
ATOM   931  N N   . LEU A 1 115 ? 15.439  4.734   8.661   1.00 16.27 ? 115 LEU A N   1 
ATOM   932  C CA  . LEU A 1 115 ? 16.040  5.981   8.185   1.00 15.97 ? 115 LEU A CA  1 
ATOM   933  C C   . LEU A 1 115 ? 15.095  7.179   8.129   1.00 15.25 ? 115 LEU A C   1 
ATOM   934  O O   . LEU A 1 115 ? 13.870  6.986   8.078   1.00 14.45 ? 115 LEU A O   1 
ATOM   935  C CB  . LEU A 1 115 ? 16.630  5.710   6.804   1.00 15.40 ? 115 LEU A CB  1 
ATOM   936  C CG  . LEU A 1 115 ? 17.725  4.670   6.712   1.00 18.11 ? 115 LEU A CG  1 
ATOM   937  C CD1 . LEU A 1 115 ? 18.188  4.507   5.281   1.00 18.18 ? 115 LEU A CD1 1 
ATOM   938  C CD2 . LEU A 1 115 ? 18.847  5.070   7.629   1.00 18.91 ? 115 LEU A CD2 1 
ATOM   939  N N   . PRO A 1 116 ? 15.546  8.440   8.129   1.00 14.77 ? 116 PRO A N   1 
ATOM   940  C CA  . PRO A 1 116 ? 14.679  9.621   8.108   1.00 15.78 ? 116 PRO A CA  1 
ATOM   941  C C   . PRO A 1 116 ? 13.547  9.622   7.039   1.00 16.71 ? 116 PRO A C   1 
ATOM   942  O O   . PRO A 1 116 ? 12.370  9.893   7.278   1.00 16.37 ? 116 PRO A O   1 
ATOM   943  C CB  . PRO A 1 116 ? 15.654  10.743  7.925   1.00 16.22 ? 116 PRO A CB  1 
ATOM   944  C CG  . PRO A 1 116 ? 16.875  10.240  8.586   1.00 15.43 ? 116 PRO A CG  1 
ATOM   945  C CD  . PRO A 1 116 ? 16.953  8.813   8.152   1.00 15.64 ? 116 PRO A CD  1 
ATOM   946  N N   . TYR A 1 117 ? 13.888  9.214   5.819   1.00 15.83 ? 117 TYR A N   1 
ATOM   947  C CA  . TYR A 1 117 ? 12.937  9.127   4.700   1.00 17.41 ? 117 TYR A CA  1 
ATOM   948  C C   . TYR A 1 117 ? 11.770  8.174   5.028   1.00 14.80 ? 117 TYR A C   1 
ATOM   949  O O   . TYR A 1 117 ? 10.612  8.344   4.680   1.00 15.86 ? 117 TYR A O   1 
ATOM   950  C CB  . TYR A 1 117 ? 13.710  8.623   3.468   1.00 19.09 ? 117 TYR A CB  1 
ATOM   951  C CG  . TYR A 1 117 ? 12.791  8.195   2.334   1.00 23.91 ? 117 TYR A CG  1 
ATOM   952  C CD1 . TYR A 1 117 ? 12.059  9.170   1.652   1.00 26.72 ? 117 TYR A CD1 1 
ATOM   953  C CD2 . TYR A 1 117 ? 12.698  6.846   2.010   1.00 24.41 ? 117 TYR A CD2 1 
ATOM   954  C CE1 . TYR A 1 117 ? 11.217  8.812   0.613   1.00 29.44 ? 117 TYR A CE1 1 
ATOM   955  C CE2 . TYR A 1 117 ? 11.849  6.480   0.976   1.00 29.89 ? 117 TYR A CE2 1 
ATOM   956  C CZ  . TYR A 1 117 ? 11.118  7.462   0.288   1.00 31.23 ? 117 TYR A CZ  1 
ATOM   957  O OH  . TYR A 1 117 ? 10.257  7.063   -0.733  1.00 33.03 ? 117 TYR A OH  1 
ATOM   958  N N   . MET A 1 118 ? 12.098  7.081   5.707   1.00 14.26 ? 118 MET A N   1 
ATOM   959  C CA  . MET A 1 118 ? 11.105  6.069   6.087   1.00 13.13 ? 118 MET A CA  1 
ATOM   960  C C   . MET A 1 118 ? 10.095  6.638   7.051   1.00 13.84 ? 118 MET A C   1 
ATOM   961  O O   . MET A 1 118 ? 8.902   6.449   6.897   1.00 13.76 ? 118 MET A O   1 
ATOM   962  C CB  . MET A 1 118 ? 11.819  4.863   6.716   1.00 12.19 ? 118 MET A CB  1 
ATOM   963  C CG  . MET A 1 118 ? 12.754  4.221   5.693   1.00 11.33 ? 118 MET A CG  1 
ATOM   964  S SD  . MET A 1 118 ? 13.472  2.746   6.387   1.00 15.11 ? 118 MET A SD  1 
ATOM   965  C CE  . MET A 1 118 ? 14.501  2.155   5.074   1.00 13.26 ? 118 MET A CE  1 
ATOM   966  N N   . GLU A 1 119 ? 10.590  7.378   8.048   1.00 14.50 ? 119 GLU A N   1 
ATOM   967  C CA  . GLU A 1 119 ? 9.753   8.094   9.013   1.00 13.04 ? 119 GLU A CA  1 
ATOM   968  C C   . GLU A 1 119 ? 8.865   9.154   8.328   1.00 13.76 ? 119 GLU A C   1 
ATOM   969  O O   . GLU A 1 119 ? 7.672   9.322   8.588   1.00 13.83 ? 119 GLU A O   1 
ATOM   970  C CB  . GLU A 1 119 ? 10.703  8.730   10.013  1.00 13.83 ? 119 GLU A CB  1 
ATOM   971  C CG  . GLU A 1 119 ? 10.024  9.612   11.034  1.00 16.54 ? 119 GLU A CG  1 
ATOM   972  C CD  . GLU A 1 119 ? 9.137   8.925   12.062  1.00 18.80 ? 119 GLU A CD  1 
ATOM   973  O OE1 . GLU A 1 119 ? 9.139   7.718   12.256  1.00 20.59 ? 119 GLU A OE1 1 
ATOM   974  O OE2 . GLU A 1 119 ? 8.470   9.643   12.784  1.00 23.43 ? 119 GLU A OE2 1 
ATOM   975  N N   . GLU A 1 120 ? 9.406   9.845   7.302   1.00 15.21 ? 120 GLU A N   1 
ATOM   976  C CA  . GLU A 1 120 ? 8.638   10.818  6.520   1.00 17.21 ? 120 GLU A CA  1 
ATOM   977  C C   . GLU A 1 120 ? 7.473   10.176  5.761   1.00 15.40 ? 120 GLU A C   1 
ATOM   978  O O   . GLU A 1 120 ? 6.315   10.613  5.797   1.00 15.47 ? 120 GLU A O   1 
ATOM   979  C CB  . GLU A 1 120 ? 9.557   11.473  5.559   1.00 21.39 ? 120 GLU A CB  1 
ATOM   980  C CG  . GLU A 1 120 ? 8.991   12.740  4.899   1.00 34.26 ? 120 GLU A CG  1 
ATOM   981  C CD  . GLU A 1 120 ? 9.943   13.255  3.796   1.00 41.51 ? 120 GLU A CD  1 
ATOM   982  O OE1 . GLU A 1 120 ? 11.175  13.292  4.030   1.00 45.18 ? 120 GLU A OE1 1 
ATOM   983  O OE2 . GLU A 1 120 ? 9.450   13.579  2.697   1.00 45.11 ? 120 GLU A OE2 1 
ATOM   984  N N   . ILE A 1 121 ? 7.744   9.008   5.166   1.00 13.60 ? 121 ILE A N   1 
ATOM   985  C CA  . ILE A 1 121 ? 6.692   8.224   4.507   1.00 14.76 ? 121 ILE A CA  1 
ATOM   986  C C   . ILE A 1 121 ? 5.623   7.726   5.515   1.00 14.88 ? 121 ILE A C   1 
ATOM   987  O O   . ILE A 1 121 ? 4.391   7.734   5.295   1.00 15.44 ? 121 ILE A O   1 
ATOM   988  C CB  . ILE A 1 121 ? 7.367   7.036   3.780   1.00 13.84 ? 121 ILE A CB  1 
ATOM   989  C CG1 . ILE A 1 121 ? 8.245   7.564   2.629   1.00 16.30 ? 121 ILE A CG1 1 
ATOM   990  C CG2 . ILE A 1 121 ? 6.288   6.008   3.355   1.00 15.16 ? 121 ILE A CG2 1 
ATOM   991  C CD1 . ILE A 1 121 ? 7.578   8.130   1.353   1.00 20.81 ? 121 ILE A CD1 1 
ATOM   992  N N   . ASN A 1 122 ? 6.117   7.187   6.642   1.00 13.02 ? 122 ASN A N   1 
ATOM   993  C CA  . ASN A 1 122 ? 5.248   6.711   7.691   1.00 14.21 ? 122 ASN A CA  1 
ATOM   994  C C   . ASN A 1 122 ? 4.366   7.785   8.273   1.00 16.33 ? 122 ASN A C   1 
ATOM   995  O O   . ASN A 1 122 ? 3.198   7.483   8.511   1.00 18.69 ? 122 ASN A O   1 
ATOM   996  C CB  . ASN A 1 122 ? 6.050   6.099   8.827   1.00 13.54 ? 122 ASN A CB  1 
ATOM   997  C CG  . ASN A 1 122 ? 6.313   4.626   8.627   1.00 15.84 ? 122 ASN A CG  1 
ATOM   998  O OD1 . ASN A 1 122 ? 7.150   3.987   9.264   1.00 16.49 ? 122 ASN A OD1 1 
ATOM   999  N ND2 . ASN A 1 122 ? 5.645   3.946   7.731   1.00 12.80 ? 122 ASN A ND2 1 
ATOM   1000 N N   . ARG A 1 123 ? 4.863   9.017   8.407   1.00 16.67 ? 123 ARG A N   1 
ATOM   1001 C CA  . ARG A 1 123 ? 4.047   10.085  8.960   1.00 20.15 ? 123 ARG A CA  1 
ATOM   1002 C C   . ARG A 1 123 ? 2.977   10.569  8.018   1.00 20.16 ? 123 ARG A C   1 
ATOM   1003 O O   . ARG A 1 123 ? 2.008   11.168  8.469   1.00 22.18 ? 123 ARG A O   1 
ATOM   1004 C CB  . ARG A 1 123 ? 4.891   11.270  9.320   1.00 24.57 ? 123 ARG A CB  1 
ATOM   1005 C CG  . ARG A 1 123 ? 5.841   10.984  10.467  1.00 35.36 ? 123 ARG A CG  1 
ATOM   1006 C CD  . ARG A 1 123 ? 5.318   11.318  11.872  1.00 44.16 ? 123 ARG A CD  1 
ATOM   1007 N NE  . ARG A 1 123 ? 5.094   12.759  12.036  1.00 53.30 ? 123 ARG A NE  1 
ATOM   1008 C CZ  . ARG A 1 123 ? 4.489   13.280  13.097  1.00 57.02 ? 123 ARG A CZ  1 
ATOM   1009 N NH1 . ARG A 1 123 ? 4.107   12.508  14.096  1.00 58.41 ? 123 ARG A NH1 1 
ATOM   1010 N NH2 . ARG A 1 123 ? 4.272   14.583  13.153  1.00 58.43 ? 123 ARG A NH2 1 
ATOM   1011 N N   . MET A 1 124 ? 3.103   10.360  6.697   1.00 20.68 ? 124 MET A N   1 
ATOM   1012 C CA  . MET A 1 124 ? 2.076   10.753  5.733   1.00 18.56 ? 124 MET A CA  1 
ATOM   1013 C C   . MET A 1 124 ? 0.738   10.055  5.908   1.00 19.42 ? 124 MET A C   1 
ATOM   1014 O O   . MET A 1 124 ? 0.657   8.893   6.318   1.00 17.45 ? 124 MET A O   1 
ATOM   1015 C CB  . MET A 1 124 ? 2.503   10.465  4.303   1.00 18.04 ? 124 MET A CB  1 
ATOM   1016 C CG  . MET A 1 124 ? 3.683   11.296  3.930   1.00 21.94 ? 124 MET A CG  1 
ATOM   1017 S SD  . MET A 1 124 ? 4.187   10.920  2.244   1.00 24.09 ? 124 MET A SD  1 
ATOM   1018 C CE  . MET A 1 124 ? 5.796   11.659  2.269   1.00 23.43 ? 124 MET A CE  1 
ATOM   1019 N N   . ARG A 1 125 ? -0.361  10.759  5.591   1.00 19.99 ? 125 ARG A N   1 
ATOM   1020 C CA  . ARG A 1 125 ? -1.691  10.144  5.485   1.00 21.31 ? 125 ARG A CA  1 
ATOM   1021 C C   . ARG A 1 125 ? -1.610  9.122   4.366   1.00 18.87 ? 125 ARG A C   1 
ATOM   1022 O O   . ARG A 1 125 ? -0.924  9.402   3.372   1.00 16.23 ? 125 ARG A O   1 
ATOM   1023 C CB  . ARG A 1 125 ? -2.788  11.117  5.042   1.00 26.29 ? 125 ARG A CB  1 
ATOM   1024 C CG  . ARG A 1 125 ? -2.840  12.383  5.851   1.00 36.98 ? 125 ARG A CG  1 
ATOM   1025 C CD  . ARG A 1 125 ? -3.201  11.941  7.255   1.00 45.26 ? 125 ARG A CD  1 
ATOM   1026 N NE  . ARG A 1 125 ? -2.850  12.859  8.343   1.00 53.44 ? 125 ARG A NE  1 
ATOM   1027 C CZ  . ARG A 1 125 ? -2.615  12.394  9.562   1.00 55.66 ? 125 ARG A CZ  1 
ATOM   1028 N NH1 . ARG A 1 125 ? -2.616  11.088  9.801   1.00 56.93 ? 125 ARG A NH1 1 
ATOM   1029 N NH2 . ARG A 1 125 ? -2.361  13.251  10.524  1.00 57.19 ? 125 ARG A NH2 1 
ATOM   1030 N N   . PRO A 1 126 ? -2.236  7.938   4.431   1.00 18.40 ? 126 PRO A N   1 
ATOM   1031 C CA  . PRO A 1 126 ? -2.249  6.966   3.326   1.00 18.97 ? 126 PRO A CA  1 
ATOM   1032 C C   . PRO A 1 126 ? -2.639  7.640   2.022   1.00 19.62 ? 126 PRO A C   1 
ATOM   1033 O O   . PRO A 1 126 ? -2.036  7.400   0.988   1.00 19.16 ? 126 PRO A O   1 
ATOM   1034 C CB  . PRO A 1 126 ? -3.233  5.900   3.759   1.00 18.86 ? 126 PRO A CB  1 
ATOM   1035 C CG  . PRO A 1 126 ? -2.928  5.871   5.236   1.00 19.64 ? 126 PRO A CG  1 
ATOM   1036 C CD  . PRO A 1 126 ? -2.841  7.354   5.611   1.00 17.57 ? 126 PRO A CD  1 
ATOM   1037 N N   . ALA A 1 127 ? -3.609  8.575   2.107   1.00 19.39 ? 127 ALA A N   1 
ATOM   1038 C CA  . ALA A 1 127 ? -4.009  9.398   0.968   1.00 18.58 ? 127 ALA A CA  1 
ATOM   1039 C C   . ALA A 1 127 ? -2.894  10.192  0.287   1.00 18.13 ? 127 ALA A C   1 
ATOM   1040 O O   . ALA A 1 127 ? -2.894  10.340  -0.941  1.00 18.64 ? 127 ALA A O   1 
ATOM   1041 C CB  . ALA A 1 127 ? -5.039  10.416  1.355   1.00 18.08 ? 127 ALA A CB  1 
ATOM   1042 N N   . ASP A 1 128 ? -1.828  10.535  1.008   1.00 17.97 ? 128 ASP A N   1 
ATOM   1043 C CA  . ASP A 1 128 ? -0.780  11.366  0.422   1.00 17.90 ? 128 ASP A CA  1 
ATOM   1044 C C   . ASP A 1 128 ? 0.485   10.651  0.007   1.00 17.89 ? 128 ASP A C   1 
ATOM   1045 O O   . ASP A 1 128 ? 1.399   11.202  -0.616  1.00 16.88 ? 128 ASP A O   1 
ATOM   1046 C CB  . ASP A 1 128 ? -0.398  12.454  1.390   1.00 21.59 ? 128 ASP A CB  1 
ATOM   1047 C CG  . ASP A 1 128 ? -1.591  13.365  1.637   1.00 26.92 ? 128 ASP A CG  1 
ATOM   1048 O OD1 . ASP A 1 128 ? -2.212  13.803  0.665   1.00 29.42 ? 128 ASP A OD1 1 
ATOM   1049 O OD2 . ASP A 1 128 ? -1.942  13.579  2.800   1.00 30.56 ? 128 ASP A OD2 1 
ATOM   1050 N N   . VAL A 1 129 ? 0.558   9.329   0.235   1.00 17.16 ? 129 VAL A N   1 
ATOM   1051 C CA  . VAL A 1 129 ? 1.772   8.583   -0.092  1.00 16.25 ? 129 VAL A CA  1 
ATOM   1052 C C   . VAL A 1 129 ? 2.009   8.666   -1.619  1.00 17.86 ? 129 VAL A C   1 
ATOM   1053 O O   . VAL A 1 129 ? 1.100   8.384   -2.424  1.00 17.93 ? 129 VAL A O   1 
ATOM   1054 C CB  . VAL A 1 129 ? 1.617   7.102   0.385   1.00 15.85 ? 129 VAL A CB  1 
ATOM   1055 C CG1 . VAL A 1 129 ? 2.748   6.206   -0.164  1.00 13.59 ? 129 VAL A CG1 1 
ATOM   1056 C CG2 . VAL A 1 129 ? 1.667   7.086   1.903   1.00 16.40 ? 129 VAL A CG2 1 
ATOM   1057 N N   . PRO A 1 130 ? 3.187   9.115   -2.060  1.00 18.02 ? 130 PRO A N   1 
ATOM   1058 C CA  . PRO A 1 130 ? 3.386   9.401   -3.470  1.00 17.81 ? 130 PRO A CA  1 
ATOM   1059 C C   . PRO A 1 130 ? 3.504   8.158   -4.341  1.00 17.34 ? 130 PRO A C   1 
ATOM   1060 O O   . PRO A 1 130 ? 4.164   7.189   -3.993  1.00 16.97 ? 130 PRO A O   1 
ATOM   1061 C CB  . PRO A 1 130 ? 4.611   10.315  -3.447  1.00 16.62 ? 130 PRO A CB  1 
ATOM   1062 C CG  . PRO A 1 130 ? 5.385   9.829   -2.241  1.00 19.65 ? 130 PRO A CG  1 
ATOM   1063 C CD  . PRO A 1 130 ? 4.358   9.381   -1.215  1.00 17.98 ? 130 PRO A CD  1 
ATOM   1064 N N   . VAL A 1 131 ? 2.774   8.076   -5.437  1.00 17.38 ? 131 VAL A N   1 
ATOM   1065 C CA  . VAL A 1 131 ? 2.869   6.964   -6.399  1.00 17.92 ? 131 VAL A CA  1 
ATOM   1066 C C   . VAL A 1 131 ? 3.200   7.484   -7.795  1.00 20.00 ? 131 VAL A C   1 
ATOM   1067 O O   . VAL A 1 131 ? 2.902   8.619   -8.114  1.00 19.18 ? 131 VAL A O   1 
ATOM   1068 C CB  . VAL A 1 131 ? 1.548   6.161   -6.445  1.00 17.49 ? 131 VAL A CB  1 
ATOM   1069 C CG1 . VAL A 1 131 ? 1.367   5.457   -5.089  1.00 16.24 ? 131 VAL A CG1 1 
ATOM   1070 C CG2 . VAL A 1 131 ? 0.355   7.070   -6.763  1.00 17.56 ? 131 VAL A CG2 1 
ATOM   1071 N N   . LYS A 1 132 ? 3.896   6.778   -8.647  1.00 22.43 ? 132 LYS A N   1 
ATOM   1072 C CA  . LYS A 1 132 ? 4.220   7.283   -9.964  1.00 28.71 ? 132 LYS A CA  1 
ATOM   1073 C C   . LYS A 1 132 ? 3.589   6.391   -11.004 1.00 30.88 ? 132 LYS A C   1 
ATOM   1074 O O   . LYS A 1 132 ? 3.706   5.158   -10.920 1.00 30.99 ? 132 LYS A O   1 
ATOM   1075 C CB  . LYS A 1 132 ? 5.713   7.307   -10.176 1.00 32.65 ? 132 LYS A CB  1 
ATOM   1076 C CG  . LYS A 1 132 ? 6.437   8.457   -9.459  1.00 40.85 ? 132 LYS A CG  1 
ATOM   1077 C CD  . LYS A 1 132 ? 7.951   8.419   -9.788  1.00 47.72 ? 132 LYS A CD  1 
ATOM   1078 C CE  . LYS A 1 132 ? 8.582   7.088   -9.265  1.00 50.85 ? 132 LYS A CE  1 
ATOM   1079 N NZ  . LYS A 1 132 ? 9.569   6.506   -10.172 1.00 51.25 ? 132 LYS A NZ  1 
ATOM   1080 N N   . TYR A 1 133 ? 2.971   6.987   -12.021 1.00 32.96 ? 133 TYR A N   1 
ATOM   1081 C CA  . TYR A 1 133 ? 2.207   6.141   -12.953 1.00 36.21 ? 133 TYR A CA  1 
ATOM   1082 C C   . TYR A 1 133 ? 2.803   5.407   -14.152 1.00 40.11 ? 133 TYR A C   1 
ATOM   1083 O O   . TYR A 1 133 ? 3.705   5.832   -14.879 1.00 41.97 ? 133 TYR A O   1 
ATOM   1084 C CB  . TYR A 1 133 ? 1.000   6.923   -13.525 1.00 32.87 ? 133 TYR A CB  1 
ATOM   1085 C CG  . TYR A 1 133 ? -0.102  7.057   -12.497 1.00 26.90 ? 133 TYR A CG  1 
ATOM   1086 C CD1 . TYR A 1 133 ? 0.001   8.037   -11.543 1.00 27.42 ? 133 TYR A CD1 1 
ATOM   1087 C CD2 . TYR A 1 133 ? -1.167  6.201   -12.502 1.00 25.66 ? 133 TYR A CD2 1 
ATOM   1088 C CE1 . TYR A 1 133 ? -0.959  8.183   -10.578 1.00 25.54 ? 133 TYR A CE1 1 
ATOM   1089 C CE2 . TYR A 1 133 ? -2.136  6.339   -11.536 1.00 23.57 ? 133 TYR A CE2 1 
ATOM   1090 C CZ  . TYR A 1 133 ? -2.021  7.329   -10.593 1.00 24.10 ? 133 TYR A CZ  1 
ATOM   1091 O OH  . TYR A 1 133 ? -3.013  7.524   -9.669  1.00 26.17 ? 133 TYR A OH  1 
ATOM   1092 N N   . MET A 1 134 ? 2.191   4.243   -14.229 1.00 44.22 ? 134 MET A N   1 
ATOM   1093 C CA  . MET A 1 134 ? 2.207   3.346   -15.369 1.00 47.02 ? 134 MET A CA  1 
ATOM   1094 C C   . MET A 1 134 ? 1.025   2.377   -15.080 1.00 48.65 ? 134 MET A C   1 
ATOM   1095 O O   . MET A 1 134 ? 0.968   1.181   -15.429 1.00 48.48 ? 134 MET A O   1 
ATOM   1096 C CB  . MET A 1 134 ? 3.584   2.634   -15.456 1.00 47.26 ? 134 MET A CB  1 
HETATM 1097 O O   . HOH B 2 .   ? -8.530  10.039  -15.547 1.00 43.39 ? 137 HOH A O   1 
HETATM 1098 O O   . HOH B 2 .   ? -11.054 13.483  -8.076  1.00 27.79 ? 138 HOH A O   1 
HETATM 1099 O O   . HOH B 2 .   ? -9.099  15.015  -10.952 1.00 14.43 ? 139 HOH A O   1 
HETATM 1100 O O   . HOH B 2 .   ? -11.553 8.961   -2.515  1.00 21.31 ? 140 HOH A O   1 
HETATM 1101 O O   . HOH B 2 .   ? -7.991  -6.306  4.895   1.00 38.24 ? 141 HOH A O   1 
HETATM 1102 O O   . HOH B 2 .   ? -5.475  -7.599  5.564   1.00 21.08 ? 142 HOH A O   1 
HETATM 1103 O O   . HOH B 2 .   ? -1.177  -11.372 8.918   1.00 24.34 ? 143 HOH A O   1 
HETATM 1104 O O   . HOH B 2 .   ? -5.751  -1.120  8.738   1.00 35.26 ? 144 HOH A O   1 
HETATM 1105 O O   . HOH B 2 .   ? -4.325  -1.435  11.392  1.00 35.07 ? 145 HOH A O   1 
HETATM 1106 O O   . HOH B 2 .   ? -6.196  -3.258  12.874  1.00 40.43 ? 146 HOH A O   1 
HETATM 1107 O O   . HOH B 2 .   ? -5.751  -6.438  12.434  1.00 41.44 ? 147 HOH A O   1 
HETATM 1108 O O   . HOH B 2 .   ? -6.277  -14.586 12.032  1.00 43.05 ? 148 HOH A O   1 
HETATM 1109 O O   . HOH B 2 .   ? -5.251  -17.281 13.007  1.00 24.80 ? 149 HOH A O   1 
HETATM 1110 O O   . HOH B 2 .   ? -5.647  -13.970 9.149   1.00 28.94 ? 150 HOH A O   1 
HETATM 1111 O O   . HOH B 2 .   ? 6.753   -14.203 20.020  1.00 40.53 ? 151 HOH A O   1 
HETATM 1112 O O   . HOH B 2 .   ? 4.141   -16.187 12.314  1.00 32.99 ? 152 HOH A O   1 
HETATM 1113 O O   . HOH B 2 .   ? 4.125   -10.199 20.751  1.00 35.22 ? 153 HOH A O   1 
HETATM 1114 O O   . HOH B 2 .   ? 9.467   -3.430  21.464  1.00 43.53 ? 154 HOH A O   1 
HETATM 1115 O O   . HOH B 2 .   ? 13.743  0.872   19.086  1.00 13.91 ? 155 HOH A O   1 
HETATM 1116 O O   . HOH B 2 .   ? 16.269  -7.744  10.791  1.00 25.45 ? 156 HOH A O   1 
HETATM 1117 O O   . HOH B 2 .   ? 15.321  -9.761  12.616  1.00 53.58 ? 157 HOH A O   1 
HETATM 1118 O O   . HOH B 2 .   ? 1.440   -1.364  15.637  1.00 29.23 ? 158 HOH A O   1 
HETATM 1119 O O   . HOH B 2 .   ? 8.932   -2.813  0.853   1.00 19.28 ? 159 HOH A O   1 
HETATM 1120 O O   . HOH B 2 .   ? 2.002   1.438   6.545   1.00 11.70 ? 160 HOH A O   1 
HETATM 1121 O O   . HOH B 2 .   ? 2.897   4.210   9.613   1.00 37.09 ? 161 HOH A O   1 
HETATM 1122 O O   . HOH B 2 .   ? 9.706   4.539   -1.227  1.00 29.17 ? 162 HOH A O   1 
HETATM 1123 O O   . HOH B 2 .   ? 12.421  2.934   -0.781  1.00 35.15 ? 163 HOH A O   1 
HETATM 1124 O O   . HOH B 2 .   ? 15.065  3.898   -1.805  1.00 67.12 ? 164 HOH A O   1 
HETATM 1125 O O   . HOH B 2 .   ? 1.826   -7.469  -5.357  1.00 23.11 ? 165 HOH A O   1 
HETATM 1126 O O   . HOH B 2 .   ? 9.617   -3.776  -3.860  1.00 41.15 ? 166 HOH A O   1 
HETATM 1127 O O   . HOH B 2 .   ? 12.400  -2.861  -3.656  1.00 26.11 ? 167 HOH A O   1 
HETATM 1128 O O   . HOH B 2 .   ? 4.911   -2.128  -10.670 1.00 28.82 ? 168 HOH A O   1 
HETATM 1129 O O   . HOH B 2 .   ? 7.002   -4.860  -9.478  1.00 58.13 ? 169 HOH A O   1 
HETATM 1130 O O   . HOH B 2 .   ? 5.287   1.187   -9.723  1.00 27.33 ? 170 HOH A O   1 
HETATM 1131 O O   . HOH B 2 .   ? 8.943   1.287   -8.732  1.00 23.77 ? 171 HOH A O   1 
HETATM 1132 O O   . HOH B 2 .   ? 7.869   4.181   -9.102  1.00 39.11 ? 172 HOH A O   1 
HETATM 1133 O O   . HOH B 2 .   ? -4.085  -1.288  -18.264 1.00 67.69 ? 173 HOH A O   1 
HETATM 1134 O O   . HOH B 2 .   ? -5.252  -4.116  -18.655 1.00 66.62 ? 174 HOH A O   1 
HETATM 1135 O O   . HOH B 2 .   ? -8.874  3.206   -14.038 1.00 25.40 ? 175 HOH A O   1 
HETATM 1136 O O   . HOH B 2 .   ? -7.906  -2.557  -21.652 1.00 33.64 ? 176 HOH A O   1 
HETATM 1137 O O   . HOH B 2 .   ? -10.064 -4.439  -20.635 1.00 51.48 ? 177 HOH A O   1 
HETATM 1138 O O   . HOH B 2 .   ? -23.016 4.581   -16.833 1.00 30.56 ? 178 HOH A O   1 
HETATM 1139 O O   . HOH B 2 .   ? -22.191 8.730   -16.706 1.00 21.73 ? 179 HOH A O   1 
HETATM 1140 O O   . HOH B 2 .   ? -21.810 4.471   -12.823 1.00 41.23 ? 180 HOH A O   1 
HETATM 1141 O O   . HOH B 2 .   ? 5.981   -17.601 6.566   1.00 27.71 ? 181 HOH A O   1 
HETATM 1142 O O   . HOH B 2 .   ? 8.306   -16.736 4.741   1.00 26.76 ? 182 HOH A O   1 
HETATM 1143 O O   . HOH B 2 .   ? 16.965  9.063   4.729   1.00 40.71 ? 183 HOH A O   1 
HETATM 1144 O O   . HOH B 2 .   ? 5.638   13.113  6.218   1.00 35.79 ? 184 HOH A O   1 
HETATM 1145 O O   . HOH B 2 .   ? -5.645  8.957   4.151   1.00 25.34 ? 185 HOH A O   1 
HETATM 1146 O O   . HOH B 2 .   ? -2.384  13.886  -2.158  1.00 69.92 ? 186 HOH A O   1 
HETATM 1147 O O   . HOH B 2 .   ? -0.217  11.623  -3.533  1.00 41.11 ? 187 HOH A O   1 
HETATM 1148 O O   . HOH B 2 .   ? 0.952   10.398  -5.674  1.00 27.56 ? 188 HOH A O   1 
HETATM 1149 O O   . HOH B 2 .   ? 5.453   4.419   -7.431  1.00 19.56 ? 189 HOH A O   1 
HETATM 1150 O O   . HOH B 2 .   ? -7.510  15.287  -14.395 1.00 29.10 ? 190 HOH A O   1 
HETATM 1151 O O   . HOH B 2 .   ? -7.967  12.319  -14.221 1.00 46.37 ? 191 HOH A O   1 
HETATM 1152 O O   . HOH B 2 .   ? -3.323  12.780  -5.864  1.00 48.31 ? 192 HOH A O   1 
HETATM 1153 O O   . HOH B 2 .   ? -17.739 8.589   -8.022  1.00 39.50 ? 193 HOH A O   1 
HETATM 1154 O O   . HOH B 2 .   ? -11.539 4.398   0.096   1.00 44.99 ? 194 HOH A O   1 
HETATM 1155 O O   . HOH B 2 .   ? -13.480 -1.724  1.947   1.00 52.05 ? 195 HOH A O   1 
HETATM 1156 O O   . HOH B 2 .   ? -5.340  3.498   5.010   1.00 25.76 ? 196 HOH A O   1 
HETATM 1157 O O   . HOH B 2 .   ? -3.626  2.304   7.449   1.00 27.84 ? 197 HOH A O   1 
HETATM 1158 O O   . HOH B 2 .   ? -4.667  -10.135 4.271   1.00 40.92 ? 198 HOH A O   1 
HETATM 1159 O O   . HOH B 2 .   ? -5.566  -9.364  8.014   1.00 27.62 ? 199 HOH A O   1 
HETATM 1160 O O   . HOH B 2 .   ? -3.871  -11.556 7.997   1.00 42.00 ? 200 HOH A O   1 
HETATM 1161 O O   . HOH B 2 .   ? -1.982  -0.066  12.231  1.00 31.73 ? 201 HOH A O   1 
HETATM 1162 O O   . HOH B 2 .   ? -0.604  -6.204  17.121  1.00 26.12 ? 202 HOH A O   1 
HETATM 1163 O O   . HOH B 2 .   ? 2.358   -7.447  20.527  1.00 46.04 ? 203 HOH A O   1 
HETATM 1164 O O   . HOH B 2 .   ? 8.490   -14.852 17.949  1.00 46.26 ? 204 HOH A O   1 
HETATM 1165 O O   . HOH B 2 .   ? 16.638  -4.314  11.933  1.00 41.96 ? 205 HOH A O   1 
HETATM 1166 O O   . HOH B 2 .   ? 7.116   1.143   17.113  1.00 49.31 ? 206 HOH A O   1 
HETATM 1167 O O   . HOH B 2 .   ? 8.552   -4.380  -1.405  1.00 43.76 ? 207 HOH A O   1 
HETATM 1168 O O   . HOH B 2 .   ? -9.741  2.327   -17.019 1.00 34.99 ? 208 HOH A O   1 
HETATM 1169 O O   . HOH B 2 .   ? -16.864 -2.606  -8.486  1.00 57.87 ? 209 HOH A O   1 
HETATM 1170 O O   . HOH B 2 .   ? -19.189 5.102   -5.367  1.00 31.04 ? 210 HOH A O   1 
HETATM 1171 O O   . HOH B 2 .   ? 8.872   -15.522 11.949  1.00 41.26 ? 211 HOH A O   1 
HETATM 1172 O O   . HOH B 2 .   ? 6.126   -18.602 12.620  1.00 49.63 ? 212 HOH A O   1 
HETATM 1173 O O   . HOH B 2 .   ? 8.457   8.260   -2.056  1.00 36.81 ? 213 HOH A O   1 
HETATM 1174 O O   . HOH B 2 .   ? -8.791  -2.348  2.952   1.00 19.54 ? 214 HOH A O   1 
HETATM 1175 O O   . HOH B 2 .   ? 5.985   14.410  3.753   1.00 51.35 ? 215 HOH A O   1 
HETATM 1176 O O   . HOH B 2 .   ? -8.627  -4.983  2.420   1.00 26.01 ? 216 HOH A O   1 
HETATM 1177 O O   . HOH B 2 .   ? -2.664  -11.732 5.492   1.00 25.16 ? 217 HOH A O   1 
HETATM 1178 O O   . HOH B 2 .   ? -0.395  -10.498 6.259   1.00 18.51 ? 218 HOH A O   1 
HETATM 1179 O O   . HOH B 2 .   ? -0.752  -7.762  5.490   1.00 17.32 ? 219 HOH A O   1 
HETATM 1180 O O   . HOH B 2 .   ? -2.621  -8.030  3.406   1.00 15.01 ? 220 HOH A O   1 
# 
